data_1IFB
# 
_entry.id   1IFB 
# 
_audit_conform.dict_name       mmcif_pdbx.dic 
_audit_conform.dict_version    5.386 
_audit_conform.dict_location   http://mmcif.pdb.org/dictionaries/ascii/mmcif_pdbx.dic 
# 
loop_
_database_2.database_id 
_database_2.database_code 
_database_2.pdbx_database_accession 
_database_2.pdbx_DOI 
PDB   1IFB         pdb_00001ifb 10.2210/pdb1ifb/pdb 
WWPDB D_1000174128 ?            ?                   
# 
loop_
_pdbx_audit_revision_history.ordinal 
_pdbx_audit_revision_history.data_content_type 
_pdbx_audit_revision_history.major_revision 
_pdbx_audit_revision_history.minor_revision 
_pdbx_audit_revision_history.revision_date 
1 'Structure model' 1 0 1992-01-15 
2 'Structure model' 1 1 2008-03-24 
3 'Structure model' 1 2 2011-07-13 
4 'Structure model' 1 3 2024-02-07 
# 
_pdbx_audit_revision_details.ordinal             1 
_pdbx_audit_revision_details.revision_ordinal    1 
_pdbx_audit_revision_details.data_content_type   'Structure model' 
_pdbx_audit_revision_details.provider            repository 
_pdbx_audit_revision_details.type                'Initial release' 
_pdbx_audit_revision_details.description         ? 
_pdbx_audit_revision_details.details             ? 
# 
loop_
_pdbx_audit_revision_group.ordinal 
_pdbx_audit_revision_group.revision_ordinal 
_pdbx_audit_revision_group.data_content_type 
_pdbx_audit_revision_group.group 
1 2 'Structure model' 'Version format compliance' 
2 3 'Structure model' 'Version format compliance' 
3 4 'Structure model' 'Data collection'           
4 4 'Structure model' 'Database references'       
5 4 'Structure model' Other                       
# 
loop_
_pdbx_audit_revision_category.ordinal 
_pdbx_audit_revision_category.revision_ordinal 
_pdbx_audit_revision_category.data_content_type 
_pdbx_audit_revision_category.category 
1 4 'Structure model' chem_comp_atom       
2 4 'Structure model' chem_comp_bond       
3 4 'Structure model' database_2           
4 4 'Structure model' pdbx_database_status 
# 
loop_
_pdbx_audit_revision_item.ordinal 
_pdbx_audit_revision_item.revision_ordinal 
_pdbx_audit_revision_item.data_content_type 
_pdbx_audit_revision_item.item 
1 4 'Structure model' '_database_2.pdbx_DOI'                
2 4 'Structure model' '_database_2.pdbx_database_accession' 
3 4 'Structure model' '_pdbx_database_status.process_site'  
# 
_pdbx_database_status.status_code                     REL 
_pdbx_database_status.entry_id                        1IFB 
_pdbx_database_status.recvd_initial_deposition_date   1990-12-05 
_pdbx_database_status.deposit_site                    ? 
_pdbx_database_status.process_site                    BNL 
_pdbx_database_status.SG_entry                        . 
_pdbx_database_status.pdb_format_compatible           Y 
_pdbx_database_status.status_code_mr                  ? 
_pdbx_database_status.status_code_sf                  ? 
_pdbx_database_status.status_code_cs                  ? 
_pdbx_database_status.status_code_nmr_data            ? 
_pdbx_database_status.methods_development_category    ? 
# 
loop_
_audit_author.name 
_audit_author.pdbx_ordinal 
'Sacchettini, J.C.' 1 
'Gordon, J.I.'      2 
'Banaszak, L.J.'    3 
# 
_citation.id                        primary 
_citation.title                     
'Refined apoprotein structure of rat intestinal fatty acid binding protein produced in Escherichia coli.' 
_citation.journal_abbrev            Proc.Natl.Acad.Sci.USA 
_citation.journal_volume            86 
_citation.page_first                7736 
_citation.page_last                 7740 
_citation.year                      1989 
_citation.journal_id_ASTM           PNASA6 
_citation.country                   US 
_citation.journal_id_ISSN           0027-8424 
_citation.journal_id_CSD            0040 
_citation.book_publisher            ? 
_citation.pdbx_database_id_PubMed   2682622 
_citation.pdbx_database_id_DOI      10.1073/pnas.86.20.7736 
# 
loop_
_citation_author.citation_id 
_citation_author.name 
_citation_author.ordinal 
_citation_author.identifier_ORCID 
primary 'Sacchettini, J.C.' 1 ? 
primary 'Gordon, J.I.'      2 ? 
primary 'Banaszak, L.J.'    3 ? 
# 
loop_
_entity.id 
_entity.type 
_entity.src_method 
_entity.pdbx_description 
_entity.formula_weight 
_entity.pdbx_number_of_molecules 
_entity.pdbx_ec 
_entity.pdbx_mutation 
_entity.pdbx_fragment 
_entity.details 
1 polymer man 'INTESTINAL FATTY ACID BINDING PROTEIN' 15015.015 1  ? ? ? ? 
2 water   nat water                                   18.015    52 ? ? ? ? 
# 
_entity_poly.entity_id                      1 
_entity_poly.type                           'polypeptide(L)' 
_entity_poly.nstd_linkage                   no 
_entity_poly.nstd_monomer                   no 
_entity_poly.pdbx_seq_one_letter_code       
;AFDGTWKVDRNENYEKFMEKMGINVVKRKLGAHDNLKLTITQEGNKFTVKESSNFRNIDVVFELGVDFAYSLADGTELTG
TWTMEGNKLVGKFKRVDNGKELIAVREISGNELIQTYTYEGVEAKRIFKKE
;
_entity_poly.pdbx_seq_one_letter_code_can   
;AFDGTWKVDRNENYEKFMEKMGINVVKRKLGAHDNLKLTITQEGNKFTVKESSNFRNIDVVFELGVDFAYSLADGTELTG
TWTMEGNKLVGKFKRVDNGKELIAVREISGNELIQTYTYEGVEAKRIFKKE
;
_entity_poly.pdbx_strand_id                 A 
_entity_poly.pdbx_target_identifier         ? 
# 
_pdbx_entity_nonpoly.entity_id   2 
_pdbx_entity_nonpoly.name        water 
_pdbx_entity_nonpoly.comp_id     HOH 
# 
loop_
_entity_poly_seq.entity_id 
_entity_poly_seq.num 
_entity_poly_seq.mon_id 
_entity_poly_seq.hetero 
1 1   ALA n 
1 2   PHE n 
1 3   ASP n 
1 4   GLY n 
1 5   THR n 
1 6   TRP n 
1 7   LYS n 
1 8   VAL n 
1 9   ASP n 
1 10  ARG n 
1 11  ASN n 
1 12  GLU n 
1 13  ASN n 
1 14  TYR n 
1 15  GLU n 
1 16  LYS n 
1 17  PHE n 
1 18  MET n 
1 19  GLU n 
1 20  LYS n 
1 21  MET n 
1 22  GLY n 
1 23  ILE n 
1 24  ASN n 
1 25  VAL n 
1 26  VAL n 
1 27  LYS n 
1 28  ARG n 
1 29  LYS n 
1 30  LEU n 
1 31  GLY n 
1 32  ALA n 
1 33  HIS n 
1 34  ASP n 
1 35  ASN n 
1 36  LEU n 
1 37  LYS n 
1 38  LEU n 
1 39  THR n 
1 40  ILE n 
1 41  THR n 
1 42  GLN n 
1 43  GLU n 
1 44  GLY n 
1 45  ASN n 
1 46  LYS n 
1 47  PHE n 
1 48  THR n 
1 49  VAL n 
1 50  LYS n 
1 51  GLU n 
1 52  SER n 
1 53  SER n 
1 54  ASN n 
1 55  PHE n 
1 56  ARG n 
1 57  ASN n 
1 58  ILE n 
1 59  ASP n 
1 60  VAL n 
1 61  VAL n 
1 62  PHE n 
1 63  GLU n 
1 64  LEU n 
1 65  GLY n 
1 66  VAL n 
1 67  ASP n 
1 68  PHE n 
1 69  ALA n 
1 70  TYR n 
1 71  SER n 
1 72  LEU n 
1 73  ALA n 
1 74  ASP n 
1 75  GLY n 
1 76  THR n 
1 77  GLU n 
1 78  LEU n 
1 79  THR n 
1 80  GLY n 
1 81  THR n 
1 82  TRP n 
1 83  THR n 
1 84  MET n 
1 85  GLU n 
1 86  GLY n 
1 87  ASN n 
1 88  LYS n 
1 89  LEU n 
1 90  VAL n 
1 91  GLY n 
1 92  LYS n 
1 93  PHE n 
1 94  LYS n 
1 95  ARG n 
1 96  VAL n 
1 97  ASP n 
1 98  ASN n 
1 99  GLY n 
1 100 LYS n 
1 101 GLU n 
1 102 LEU n 
1 103 ILE n 
1 104 ALA n 
1 105 VAL n 
1 106 ARG n 
1 107 GLU n 
1 108 ILE n 
1 109 SER n 
1 110 GLY n 
1 111 ASN n 
1 112 GLU n 
1 113 LEU n 
1 114 ILE n 
1 115 GLN n 
1 116 THR n 
1 117 TYR n 
1 118 THR n 
1 119 TYR n 
1 120 GLU n 
1 121 GLY n 
1 122 VAL n 
1 123 GLU n 
1 124 ALA n 
1 125 LYS n 
1 126 ARG n 
1 127 ILE n 
1 128 PHE n 
1 129 LYS n 
1 130 LYS n 
1 131 GLU n 
# 
_entity_src_gen.entity_id                          1 
_entity_src_gen.pdbx_src_id                        1 
_entity_src_gen.pdbx_alt_source_flag               sample 
_entity_src_gen.pdbx_seq_type                      ? 
_entity_src_gen.pdbx_beg_seq_num                   ? 
_entity_src_gen.pdbx_end_seq_num                   ? 
_entity_src_gen.gene_src_common_name               'black rat' 
_entity_src_gen.gene_src_genus                     Rattus 
_entity_src_gen.pdbx_gene_src_gene                 ? 
_entity_src_gen.gene_src_species                   ? 
_entity_src_gen.gene_src_strain                    ? 
_entity_src_gen.gene_src_tissue                    ? 
_entity_src_gen.gene_src_tissue_fraction           ? 
_entity_src_gen.gene_src_details                   ? 
_entity_src_gen.pdbx_gene_src_fragment             ? 
_entity_src_gen.pdbx_gene_src_scientific_name      'Rattus rattus' 
_entity_src_gen.pdbx_gene_src_ncbi_taxonomy_id     10117 
_entity_src_gen.pdbx_gene_src_variant              ? 
_entity_src_gen.pdbx_gene_src_cell_line            ? 
_entity_src_gen.pdbx_gene_src_atcc                 ? 
_entity_src_gen.pdbx_gene_src_organ                ? 
_entity_src_gen.pdbx_gene_src_organelle            ? 
_entity_src_gen.pdbx_gene_src_cell                 ? 
_entity_src_gen.pdbx_gene_src_cellular_location    ? 
_entity_src_gen.host_org_common_name               ? 
_entity_src_gen.pdbx_host_org_scientific_name      ? 
_entity_src_gen.pdbx_host_org_ncbi_taxonomy_id     ? 
_entity_src_gen.host_org_genus                     ? 
_entity_src_gen.pdbx_host_org_gene                 ? 
_entity_src_gen.pdbx_host_org_organ                ? 
_entity_src_gen.host_org_species                   ? 
_entity_src_gen.pdbx_host_org_tissue               ? 
_entity_src_gen.pdbx_host_org_tissue_fraction      ? 
_entity_src_gen.pdbx_host_org_strain               ? 
_entity_src_gen.pdbx_host_org_variant              ? 
_entity_src_gen.pdbx_host_org_cell_line            ? 
_entity_src_gen.pdbx_host_org_atcc                 ? 
_entity_src_gen.pdbx_host_org_culture_collection   ? 
_entity_src_gen.pdbx_host_org_cell                 ? 
_entity_src_gen.pdbx_host_org_organelle            ? 
_entity_src_gen.pdbx_host_org_cellular_location    ? 
_entity_src_gen.pdbx_host_org_vector_type          ? 
_entity_src_gen.pdbx_host_org_vector               ? 
_entity_src_gen.host_org_details                   ? 
_entity_src_gen.expression_system_id               ? 
_entity_src_gen.plasmid_name                       ? 
_entity_src_gen.plasmid_details                    ? 
_entity_src_gen.pdbx_description                   ? 
# 
loop_
_chem_comp.id 
_chem_comp.type 
_chem_comp.mon_nstd_flag 
_chem_comp.name 
_chem_comp.pdbx_synonyms 
_chem_comp.formula 
_chem_comp.formula_weight 
ALA 'L-peptide linking' y ALANINE         ? 'C3 H7 N O2'     89.093  
ARG 'L-peptide linking' y ARGININE        ? 'C6 H15 N4 O2 1' 175.209 
ASN 'L-peptide linking' y ASPARAGINE      ? 'C4 H8 N2 O3'    132.118 
ASP 'L-peptide linking' y 'ASPARTIC ACID' ? 'C4 H7 N O4'     133.103 
GLN 'L-peptide linking' y GLUTAMINE       ? 'C5 H10 N2 O3'   146.144 
GLU 'L-peptide linking' y 'GLUTAMIC ACID' ? 'C5 H9 N O4'     147.129 
GLY 'peptide linking'   y GLYCINE         ? 'C2 H5 N O2'     75.067  
HIS 'L-peptide linking' y HISTIDINE       ? 'C6 H10 N3 O2 1' 156.162 
HOH non-polymer         . WATER           ? 'H2 O'           18.015  
ILE 'L-peptide linking' y ISOLEUCINE      ? 'C6 H13 N O2'    131.173 
LEU 'L-peptide linking' y LEUCINE         ? 'C6 H13 N O2'    131.173 
LYS 'L-peptide linking' y LYSINE          ? 'C6 H15 N2 O2 1' 147.195 
MET 'L-peptide linking' y METHIONINE      ? 'C5 H11 N O2 S'  149.211 
PHE 'L-peptide linking' y PHENYLALANINE   ? 'C9 H11 N O2'    165.189 
SER 'L-peptide linking' y SERINE          ? 'C3 H7 N O3'     105.093 
THR 'L-peptide linking' y THREONINE       ? 'C4 H9 N O3'     119.119 
TRP 'L-peptide linking' y TRYPTOPHAN      ? 'C11 H12 N2 O2'  204.225 
TYR 'L-peptide linking' y TYROSINE        ? 'C9 H11 N O3'    181.189 
VAL 'L-peptide linking' y VALINE          ? 'C5 H11 N O2'    117.146 
# 
loop_
_pdbx_poly_seq_scheme.asym_id 
_pdbx_poly_seq_scheme.entity_id 
_pdbx_poly_seq_scheme.seq_id 
_pdbx_poly_seq_scheme.mon_id 
_pdbx_poly_seq_scheme.ndb_seq_num 
_pdbx_poly_seq_scheme.pdb_seq_num 
_pdbx_poly_seq_scheme.auth_seq_num 
_pdbx_poly_seq_scheme.pdb_mon_id 
_pdbx_poly_seq_scheme.auth_mon_id 
_pdbx_poly_seq_scheme.pdb_strand_id 
_pdbx_poly_seq_scheme.pdb_ins_code 
_pdbx_poly_seq_scheme.hetero 
A 1 1   ALA 1   1   1   ALA ALA A . n 
A 1 2   PHE 2   2   2   PHE PHE A . n 
A 1 3   ASP 3   3   3   ASP ASP A . n 
A 1 4   GLY 4   4   4   GLY GLY A . n 
A 1 5   THR 5   5   5   THR THR A . n 
A 1 6   TRP 6   6   6   TRP TRP A . n 
A 1 7   LYS 7   7   7   LYS LYS A . n 
A 1 8   VAL 8   8   8   VAL VAL A . n 
A 1 9   ASP 9   9   9   ASP ASP A . n 
A 1 10  ARG 10  10  10  ARG ARG A . n 
A 1 11  ASN 11  11  11  ASN ASN A . n 
A 1 12  GLU 12  12  12  GLU GLU A . n 
A 1 13  ASN 13  13  13  ASN ASN A . n 
A 1 14  TYR 14  14  14  TYR TYR A . n 
A 1 15  GLU 15  15  15  GLU GLU A . n 
A 1 16  LYS 16  16  16  LYS LYS A . n 
A 1 17  PHE 17  17  17  PHE PHE A . n 
A 1 18  MET 18  18  18  MET MET A . n 
A 1 19  GLU 19  19  19  GLU GLU A . n 
A 1 20  LYS 20  20  20  LYS LYS A . n 
A 1 21  MET 21  21  21  MET MET A . n 
A 1 22  GLY 22  22  22  GLY GLY A . n 
A 1 23  ILE 23  23  23  ILE ILE A . n 
A 1 24  ASN 24  24  24  ASN ASN A . n 
A 1 25  VAL 25  25  25  VAL VAL A . n 
A 1 26  VAL 26  26  26  VAL VAL A . n 
A 1 27  LYS 27  27  27  LYS LYS A . n 
A 1 28  ARG 28  28  28  ARG ARG A . n 
A 1 29  LYS 29  29  29  LYS LYS A . n 
A 1 30  LEU 30  30  30  LEU LEU A . n 
A 1 31  GLY 31  31  31  GLY GLY A . n 
A 1 32  ALA 32  32  32  ALA ALA A . n 
A 1 33  HIS 33  33  33  HIS HIS A . n 
A 1 34  ASP 34  34  34  ASP ASP A . n 
A 1 35  ASN 35  35  35  ASN ASN A . n 
A 1 36  LEU 36  36  36  LEU LEU A . n 
A 1 37  LYS 37  37  37  LYS LYS A . n 
A 1 38  LEU 38  38  38  LEU LEU A . n 
A 1 39  THR 39  39  39  THR THR A . n 
A 1 40  ILE 40  40  40  ILE ILE A . n 
A 1 41  THR 41  41  41  THR THR A . n 
A 1 42  GLN 42  42  42  GLN GLN A . n 
A 1 43  GLU 43  43  43  GLU GLU A . n 
A 1 44  GLY 44  44  44  GLY GLY A . n 
A 1 45  ASN 45  45  45  ASN ASN A . n 
A 1 46  LYS 46  46  46  LYS LYS A . n 
A 1 47  PHE 47  47  47  PHE PHE A . n 
A 1 48  THR 48  48  48  THR THR A . n 
A 1 49  VAL 49  49  49  VAL VAL A . n 
A 1 50  LYS 50  50  50  LYS LYS A . n 
A 1 51  GLU 51  51  51  GLU GLU A . n 
A 1 52  SER 52  52  52  SER SER A . n 
A 1 53  SER 53  53  53  SER SER A . n 
A 1 54  ASN 54  54  54  ASN ASN A . n 
A 1 55  PHE 55  55  55  PHE PHE A . n 
A 1 56  ARG 56  56  56  ARG ARG A . n 
A 1 57  ASN 57  57  57  ASN ASN A . n 
A 1 58  ILE 58  58  58  ILE ILE A . n 
A 1 59  ASP 59  59  59  ASP ASP A . n 
A 1 60  VAL 60  60  60  VAL VAL A . n 
A 1 61  VAL 61  61  61  VAL VAL A . n 
A 1 62  PHE 62  62  62  PHE PHE A . n 
A 1 63  GLU 63  63  63  GLU GLU A . n 
A 1 64  LEU 64  64  64  LEU LEU A . n 
A 1 65  GLY 65  65  65  GLY GLY A . n 
A 1 66  VAL 66  66  66  VAL VAL A . n 
A 1 67  ASP 67  67  67  ASP ASP A . n 
A 1 68  PHE 68  68  68  PHE PHE A . n 
A 1 69  ALA 69  69  69  ALA ALA A . n 
A 1 70  TYR 70  70  70  TYR TYR A . n 
A 1 71  SER 71  71  71  SER SER A . n 
A 1 72  LEU 72  72  72  LEU LEU A . n 
A 1 73  ALA 73  73  73  ALA ALA A . n 
A 1 74  ASP 74  74  74  ASP ASP A . n 
A 1 75  GLY 75  75  75  GLY GLY A . n 
A 1 76  THR 76  76  76  THR THR A . n 
A 1 77  GLU 77  77  77  GLU GLU A . n 
A 1 78  LEU 78  78  78  LEU LEU A . n 
A 1 79  THR 79  79  79  THR THR A . n 
A 1 80  GLY 80  80  80  GLY GLY A . n 
A 1 81  THR 81  81  81  THR THR A . n 
A 1 82  TRP 82  82  82  TRP TRP A . n 
A 1 83  THR 83  83  83  THR THR A . n 
A 1 84  MET 84  84  84  MET MET A . n 
A 1 85  GLU 85  85  85  GLU GLU A . n 
A 1 86  GLY 86  86  86  GLY GLY A . n 
A 1 87  ASN 87  87  87  ASN ASN A . n 
A 1 88  LYS 88  88  88  LYS LYS A . n 
A 1 89  LEU 89  89  89  LEU LEU A . n 
A 1 90  VAL 90  90  90  VAL VAL A . n 
A 1 91  GLY 91  91  91  GLY GLY A . n 
A 1 92  LYS 92  92  92  LYS LYS A . n 
A 1 93  PHE 93  93  93  PHE PHE A . n 
A 1 94  LYS 94  94  94  LYS LYS A . n 
A 1 95  ARG 95  95  95  ARG ARG A . n 
A 1 96  VAL 96  96  96  VAL VAL A . n 
A 1 97  ASP 97  97  97  ASP ASP A . n 
A 1 98  ASN 98  98  98  ASN ASN A . n 
A 1 99  GLY 99  99  99  GLY GLY A . n 
A 1 100 LYS 100 100 100 LYS LYS A . n 
A 1 101 GLU 101 101 101 GLU GLU A . n 
A 1 102 LEU 102 102 102 LEU LEU A . n 
A 1 103 ILE 103 103 103 ILE ILE A . n 
A 1 104 ALA 104 104 104 ALA ALA A . n 
A 1 105 VAL 105 105 105 VAL VAL A . n 
A 1 106 ARG 106 106 106 ARG ARG A . n 
A 1 107 GLU 107 107 107 GLU GLU A . n 
A 1 108 ILE 108 108 108 ILE ILE A . n 
A 1 109 SER 109 109 109 SER SER A . n 
A 1 110 GLY 110 110 110 GLY GLY A . n 
A 1 111 ASN 111 111 111 ASN ASN A . n 
A 1 112 GLU 112 112 112 GLU GLU A . n 
A 1 113 LEU 113 113 113 LEU LEU A . n 
A 1 114 ILE 114 114 114 ILE ILE A . n 
A 1 115 GLN 115 115 115 GLN GLN A . n 
A 1 116 THR 116 116 116 THR THR A . n 
A 1 117 TYR 117 117 117 TYR TYR A . n 
A 1 118 THR 118 118 118 THR THR A . n 
A 1 119 TYR 119 119 119 TYR TYR A . n 
A 1 120 GLU 120 120 120 GLU GLU A . n 
A 1 121 GLY 121 121 121 GLY GLY A . n 
A 1 122 VAL 122 122 122 VAL VAL A . n 
A 1 123 GLU 123 123 123 GLU GLU A . n 
A 1 124 ALA 124 124 124 ALA ALA A . n 
A 1 125 LYS 125 125 125 LYS LYS A . n 
A 1 126 ARG 126 126 126 ARG ARG A . n 
A 1 127 ILE 127 127 127 ILE ILE A . n 
A 1 128 PHE 128 128 128 PHE PHE A . n 
A 1 129 LYS 129 129 129 LYS LYS A . n 
A 1 130 LYS 130 130 130 LYS LYS A . n 
A 1 131 GLU 131 131 131 GLU GLU A . n 
# 
loop_
_pdbx_nonpoly_scheme.asym_id 
_pdbx_nonpoly_scheme.entity_id 
_pdbx_nonpoly_scheme.mon_id 
_pdbx_nonpoly_scheme.ndb_seq_num 
_pdbx_nonpoly_scheme.pdb_seq_num 
_pdbx_nonpoly_scheme.auth_seq_num 
_pdbx_nonpoly_scheme.pdb_mon_id 
_pdbx_nonpoly_scheme.auth_mon_id 
_pdbx_nonpoly_scheme.pdb_strand_id 
_pdbx_nonpoly_scheme.pdb_ins_code 
B 2 HOH 1  132 1  HOH HOH A . 
B 2 HOH 2  133 2  HOH HOH A . 
B 2 HOH 3  134 3  HOH HOH A . 
B 2 HOH 4  135 4  HOH HOH A . 
B 2 HOH 5  136 5  HOH HOH A . 
B 2 HOH 6  137 6  HOH HOH A . 
B 2 HOH 7  138 7  HOH HOH A . 
B 2 HOH 8  139 8  HOH HOH A . 
B 2 HOH 9  140 9  HOH HOH A . 
B 2 HOH 10 141 10 HOH HOH A . 
B 2 HOH 11 142 11 HOH HOH A . 
B 2 HOH 12 143 12 HOH HOH A . 
B 2 HOH 13 144 13 HOH HOH A . 
B 2 HOH 14 145 14 HOH HOH A . 
B 2 HOH 15 146 15 HOH HOH A . 
B 2 HOH 16 147 16 HOH HOH A . 
B 2 HOH 17 148 17 HOH HOH A . 
B 2 HOH 18 149 18 HOH HOH A . 
B 2 HOH 19 150 19 HOH HOH A . 
B 2 HOH 20 151 20 HOH HOH A . 
B 2 HOH 21 152 21 HOH HOH A . 
B 2 HOH 22 153 22 HOH HOH A . 
B 2 HOH 23 154 23 HOH HOH A . 
B 2 HOH 24 155 24 HOH HOH A . 
B 2 HOH 25 156 25 HOH HOH A . 
B 2 HOH 26 157 26 HOH HOH A . 
B 2 HOH 27 158 27 HOH HOH A . 
B 2 HOH 28 159 28 HOH HOH A . 
B 2 HOH 29 160 29 HOH HOH A . 
B 2 HOH 30 161 30 HOH HOH A . 
B 2 HOH 31 162 31 HOH HOH A . 
B 2 HOH 32 163 32 HOH HOH A . 
B 2 HOH 33 164 33 HOH HOH A . 
B 2 HOH 34 165 34 HOH HOH A . 
B 2 HOH 35 166 35 HOH HOH A . 
B 2 HOH 36 167 36 HOH HOH A . 
B 2 HOH 37 168 37 HOH HOH A . 
B 2 HOH 38 169 38 HOH HOH A . 
B 2 HOH 39 170 39 HOH HOH A . 
B 2 HOH 40 171 40 HOH HOH A . 
B 2 HOH 41 172 41 HOH HOH A . 
B 2 HOH 42 173 42 HOH HOH A . 
B 2 HOH 43 174 43 HOH HOH A . 
B 2 HOH 44 175 44 HOH HOH A . 
B 2 HOH 45 176 45 HOH HOH A . 
B 2 HOH 46 177 46 HOH HOH A . 
B 2 HOH 47 178 47 HOH HOH A . 
B 2 HOH 48 179 48 HOH HOH A . 
B 2 HOH 49 180 49 HOH HOH A . 
B 2 HOH 50 181 50 HOH HOH A . 
B 2 HOH 51 182 51 HOH HOH A . 
B 2 HOH 52 183 52 HOH HOH A . 
# 
_software.name             X-PLOR 
_software.classification   refinement 
_software.version          . 
_software.citation_id      ? 
_software.pdbx_ordinal     1 
# 
_cell.entry_id           1IFB 
_cell.length_a           36.000 
_cell.length_b           56.600 
_cell.length_c           31.600 
_cell.angle_alpha        90.00 
_cell.angle_beta         113.10 
_cell.angle_gamma        90.00 
_cell.Z_PDB              2 
_cell.pdbx_unique_axis   ? 
# 
_symmetry.entry_id                         1IFB 
_symmetry.space_group_name_H-M             'P 1 21 1' 
_symmetry.pdbx_full_space_group_name_H-M   ? 
_symmetry.cell_setting                     ? 
_symmetry.Int_Tables_number                4 
# 
_exptl.entry_id          1IFB 
_exptl.method            'X-RAY DIFFRACTION' 
_exptl.crystals_number   ? 
# 
_exptl_crystal.id                    1 
_exptl_crystal.density_meas          ? 
_exptl_crystal.density_Matthews      1.97 
_exptl_crystal.density_percent_sol   37.63 
_exptl_crystal.description           ? 
# 
_diffrn.id                     1 
_diffrn.ambient_temp           ? 
_diffrn.ambient_temp_details   ? 
_diffrn.crystal_id             1 
# 
_diffrn_radiation.diffrn_id                        1 
_diffrn_radiation.wavelength_id                    1 
_diffrn_radiation.pdbx_monochromatic_or_laue_m_l   ? 
_diffrn_radiation.monochromator                    ? 
_diffrn_radiation.pdbx_diffrn_protocol             ? 
_diffrn_radiation.pdbx_scattering_type             x-ray 
# 
_diffrn_radiation_wavelength.id           1 
_diffrn_radiation_wavelength.wavelength   . 
_diffrn_radiation_wavelength.wt           1.0 
# 
_refine.entry_id                                 1IFB 
_refine.ls_number_reflns_obs                     ? 
_refine.ls_number_reflns_all                     ? 
_refine.pdbx_ls_sigma_I                          ? 
_refine.pdbx_ls_sigma_F                          ? 
_refine.pdbx_data_cutoff_high_absF               ? 
_refine.pdbx_data_cutoff_low_absF                ? 
_refine.pdbx_data_cutoff_high_rms_absF           ? 
_refine.ls_d_res_low                             ? 
_refine.ls_d_res_high                            1.96 
_refine.ls_percent_reflns_obs                    ? 
_refine.ls_R_factor_obs                          ? 
_refine.ls_R_factor_all                          ? 
_refine.ls_R_factor_R_work                       0.1880000 
_refine.ls_R_factor_R_free                       ? 
_refine.ls_R_factor_R_free_error                 ? 
_refine.ls_R_factor_R_free_error_details         ? 
_refine.ls_percent_reflns_R_free                 ? 
_refine.ls_number_reflns_R_free                  ? 
_refine.ls_number_parameters                     ? 
_refine.ls_number_restraints                     ? 
_refine.occupancy_min                            ? 
_refine.occupancy_max                            ? 
_refine.B_iso_mean                               ? 
_refine.aniso_B[1][1]                            ? 
_refine.aniso_B[2][2]                            ? 
_refine.aniso_B[3][3]                            ? 
_refine.aniso_B[1][2]                            ? 
_refine.aniso_B[1][3]                            ? 
_refine.aniso_B[2][3]                            ? 
_refine.solvent_model_details                    ? 
_refine.solvent_model_param_ksol                 ? 
_refine.solvent_model_param_bsol                 ? 
_refine.pdbx_ls_cross_valid_method               ? 
_refine.details                                  ? 
_refine.pdbx_starting_model                      ? 
_refine.pdbx_method_to_determine_struct          ? 
_refine.pdbx_isotropic_thermal_model             ? 
_refine.pdbx_stereochemistry_target_values       ? 
_refine.pdbx_stereochem_target_val_spec_case     ? 
_refine.pdbx_R_Free_selection_details            ? 
_refine.pdbx_overall_ESU_R                       ? 
_refine.pdbx_overall_ESU_R_Free                  ? 
_refine.overall_SU_ML                            ? 
_refine.overall_SU_B                             ? 
_refine.pdbx_refine_id                           'X-RAY DIFFRACTION' 
_refine.pdbx_diffrn_id                           1 
_refine.pdbx_TLS_residual_ADP_flag               ? 
_refine.correlation_coeff_Fo_to_Fc               ? 
_refine.correlation_coeff_Fo_to_Fc_free          ? 
_refine.pdbx_solvent_vdw_probe_radii             ? 
_refine.pdbx_solvent_ion_probe_radii             ? 
_refine.pdbx_solvent_shrinkage_radii             ? 
_refine.pdbx_overall_phase_error                 ? 
_refine.overall_SU_R_Cruickshank_DPI             ? 
_refine.pdbx_overall_SU_R_free_Cruickshank_DPI   ? 
_refine.pdbx_overall_SU_R_Blow_DPI               ? 
_refine.pdbx_overall_SU_R_free_Blow_DPI          ? 
# 
_refine_hist.pdbx_refine_id                   'X-RAY DIFFRACTION' 
_refine_hist.cycle_id                         LAST 
_refine_hist.pdbx_number_atoms_protein        1057 
_refine_hist.pdbx_number_atoms_nucleic_acid   0 
_refine_hist.pdbx_number_atoms_ligand         0 
_refine_hist.number_atoms_solvent             52 
_refine_hist.number_atoms_total               1109 
_refine_hist.d_res_high                       1.96 
_refine_hist.d_res_low                        . 
# 
loop_
_refine_ls_restr.type 
_refine_ls_restr.dev_ideal 
_refine_ls_restr.dev_ideal_target 
_refine_ls_restr.weight 
_refine_ls_restr.number 
_refine_ls_restr.pdbx_refine_id 
_refine_ls_restr.pdbx_restraint_function 
x_bond_d                0.016 ? ? ? 'X-RAY DIFFRACTION' ? 
x_bond_d_na             ?     ? ? ? 'X-RAY DIFFRACTION' ? 
x_bond_d_prot           ?     ? ? ? 'X-RAY DIFFRACTION' ? 
x_angle_d               ?     ? ? ? 'X-RAY DIFFRACTION' ? 
x_angle_d_na            ?     ? ? ? 'X-RAY DIFFRACTION' ? 
x_angle_d_prot          ?     ? ? ? 'X-RAY DIFFRACTION' ? 
x_angle_deg             2.93  ? ? ? 'X-RAY DIFFRACTION' ? 
x_angle_deg_na          ?     ? ? ? 'X-RAY DIFFRACTION' ? 
x_angle_deg_prot        ?     ? ? ? 'X-RAY DIFFRACTION' ? 
x_dihedral_angle_d      ?     ? ? ? 'X-RAY DIFFRACTION' ? 
x_dihedral_angle_d_na   ?     ? ? ? 'X-RAY DIFFRACTION' ? 
x_dihedral_angle_d_prot ?     ? ? ? 'X-RAY DIFFRACTION' ? 
x_improper_angle_d      ?     ? ? ? 'X-RAY DIFFRACTION' ? 
x_improper_angle_d_na   ?     ? ? ? 'X-RAY DIFFRACTION' ? 
x_improper_angle_d_prot ?     ? ? ? 'X-RAY DIFFRACTION' ? 
x_mcbond_it             ?     ? ? ? 'X-RAY DIFFRACTION' ? 
x_mcangle_it            ?     ? ? ? 'X-RAY DIFFRACTION' ? 
x_scbond_it             ?     ? ? ? 'X-RAY DIFFRACTION' ? 
x_scangle_it            ?     ? ? ? 'X-RAY DIFFRACTION' ? 
# 
_struct.entry_id                  1IFB 
_struct.title                     
'REFINED APOPROTEIN STRUCTURE OF RAT INTESTINAL FATTY ACID BINDING PROTEIN PRODUCED IN ESCHERICHIA COLI' 
_struct.pdbx_model_details        ? 
_struct.pdbx_CASP_flag            ? 
_struct.pdbx_model_type_details   ? 
# 
_struct_keywords.entry_id        1IFB 
_struct_keywords.pdbx_keywords   'FATTY ACID-BINDING PROTEIN' 
_struct_keywords.text            'FATTY ACID-BINDING PROTEIN' 
# 
loop_
_struct_asym.id 
_struct_asym.pdbx_blank_PDB_chainid_flag 
_struct_asym.pdbx_modified 
_struct_asym.entity_id 
_struct_asym.details 
A N N 1 ? 
B N N 2 ? 
# 
_struct_ref.id                         1 
_struct_ref.db_name                    UNP 
_struct_ref.db_code                    FABPI_RAT 
_struct_ref.entity_id                  1 
_struct_ref.pdbx_db_accession          P02693 
_struct_ref.pdbx_align_begin           1 
_struct_ref.pdbx_seq_one_letter_code   
;AFDGTWKVDRNENYEKFMEKMGINVVKRKLGAHDNLKLTITQEGNKFTVKESSNFRNIDVVFELGVDFAYSLADGTELTG
TWTMEGNKLVGKFKRVDNGKELIAVREISGNELIQTYTYEGVEAKRIFKKE
;
_struct_ref.pdbx_db_isoform            ? 
# 
_struct_ref_seq.align_id                      1 
_struct_ref_seq.ref_id                        1 
_struct_ref_seq.pdbx_PDB_id_code              1IFB 
_struct_ref_seq.pdbx_strand_id                A 
_struct_ref_seq.seq_align_beg                 1 
_struct_ref_seq.pdbx_seq_align_beg_ins_code   ? 
_struct_ref_seq.seq_align_end                 131 
_struct_ref_seq.pdbx_seq_align_end_ins_code   ? 
_struct_ref_seq.pdbx_db_accession             P02693 
_struct_ref_seq.db_align_beg                  1 
_struct_ref_seq.pdbx_db_align_beg_ins_code    ? 
_struct_ref_seq.db_align_end                  131 
_struct_ref_seq.pdbx_db_align_end_ins_code    ? 
_struct_ref_seq.pdbx_auth_seq_align_beg       1 
_struct_ref_seq.pdbx_auth_seq_align_end       131 
# 
_pdbx_struct_assembly.id                   1 
_pdbx_struct_assembly.details              author_defined_assembly 
_pdbx_struct_assembly.method_details       ? 
_pdbx_struct_assembly.oligomeric_details   monomeric 
_pdbx_struct_assembly.oligomeric_count     1 
# 
_pdbx_struct_assembly_gen.assembly_id       1 
_pdbx_struct_assembly_gen.oper_expression   1 
_pdbx_struct_assembly_gen.asym_id_list      A,B 
# 
_pdbx_struct_oper_list.id                   1 
_pdbx_struct_oper_list.type                 'identity operation' 
_pdbx_struct_oper_list.name                 1_555 
_pdbx_struct_oper_list.symmetry_operation   x,y,z 
_pdbx_struct_oper_list.matrix[1][1]         1.0000000000 
_pdbx_struct_oper_list.matrix[1][2]         0.0000000000 
_pdbx_struct_oper_list.matrix[1][3]         0.0000000000 
_pdbx_struct_oper_list.vector[1]            0.0000000000 
_pdbx_struct_oper_list.matrix[2][1]         0.0000000000 
_pdbx_struct_oper_list.matrix[2][2]         1.0000000000 
_pdbx_struct_oper_list.matrix[2][3]         0.0000000000 
_pdbx_struct_oper_list.vector[2]            0.0000000000 
_pdbx_struct_oper_list.matrix[3][1]         0.0000000000 
_pdbx_struct_oper_list.matrix[3][2]         0.0000000000 
_pdbx_struct_oper_list.matrix[3][3]         1.0000000000 
_pdbx_struct_oper_list.vector[3]            0.0000000000 
# 
_struct_biol.id   1 
# 
loop_
_struct_conf.conf_type_id 
_struct_conf.id 
_struct_conf.pdbx_PDB_helix_id 
_struct_conf.beg_label_comp_id 
_struct_conf.beg_label_asym_id 
_struct_conf.beg_label_seq_id 
_struct_conf.pdbx_beg_PDB_ins_code 
_struct_conf.end_label_comp_id 
_struct_conf.end_label_asym_id 
_struct_conf.end_label_seq_id 
_struct_conf.pdbx_end_PDB_ins_code 
_struct_conf.beg_auth_comp_id 
_struct_conf.beg_auth_asym_id 
_struct_conf.beg_auth_seq_id 
_struct_conf.end_auth_comp_id 
_struct_conf.end_auth_asym_id 
_struct_conf.end_auth_seq_id 
_struct_conf.pdbx_PDB_helix_class 
_struct_conf.details 
_struct_conf.pdbx_PDB_helix_length 
HELX_P HELX_P1 A1 ASN A 13 ? MET A 21 ? ASN A 13 MET A 21 1 ? 9  
HELX_P HELX_P2 A2 ASN A 24 ? HIS A 33 ? ASN A 24 HIS A 33 1 ? 10 
# 
_struct_conf_type.id          HELX_P 
_struct_conf_type.criteria    ? 
_struct_conf_type.reference   ? 
# 
loop_
_struct_sheet.id 
_struct_sheet.type 
_struct_sheet.number_strands 
_struct_sheet.details 
B1 ? 6 ? 
B2 ? 5 ? 
# 
loop_
_struct_sheet_order.sheet_id 
_struct_sheet_order.range_id_1 
_struct_sheet_order.range_id_2 
_struct_sheet_order.offset 
_struct_sheet_order.sense 
B1 1 2 ? anti-parallel 
B1 2 3 ? anti-parallel 
B1 3 4 ? anti-parallel 
B1 4 5 ? anti-parallel 
B1 5 6 ? anti-parallel 
B2 1 2 ? anti-parallel 
B2 2 3 ? anti-parallel 
B2 3 4 ? anti-parallel 
B2 4 5 ? anti-parallel 
# 
loop_
_struct_sheet_range.sheet_id 
_struct_sheet_range.id 
_struct_sheet_range.beg_label_comp_id 
_struct_sheet_range.beg_label_asym_id 
_struct_sheet_range.beg_label_seq_id 
_struct_sheet_range.pdbx_beg_PDB_ins_code 
_struct_sheet_range.end_label_comp_id 
_struct_sheet_range.end_label_asym_id 
_struct_sheet_range.end_label_seq_id 
_struct_sheet_range.pdbx_end_PDB_ins_code 
_struct_sheet_range.beg_auth_comp_id 
_struct_sheet_range.beg_auth_asym_id 
_struct_sheet_range.beg_auth_seq_id 
_struct_sheet_range.end_auth_comp_id 
_struct_sheet_range.end_auth_asym_id 
_struct_sheet_range.end_auth_seq_id 
B1 1 ASP A 3   ? GLU A 12  ? ASP A 3   GLU A 12  
B1 2 ASP A 34  ? GLU A 43  ? ASP A 34  GLU A 43  
B1 3 LYS A 46  ? SER A 53  ? LYS A 46  SER A 53  
B1 4 PHE A 55  ? GLU A 63  ? PHE A 55  GLU A 63  
B1 5 ASP A 67  ? ALA A 73  ? ASP A 67  ALA A 73  
B1 6 GLY A 75  ? GLY A 80  ? GLY A 75  GLY A 80  
B2 1 THR A 81  ? GLU A 85  ? THR A 81  GLU A 85  
B2 2 LYS A 88  ? VAL A 96  ? LYS A 88  VAL A 96  
B2 3 LYS A 100 ? SER A 109 ? LYS A 100 SER A 109 
B2 4 ASN A 111 ? TYR A 119 ? ASN A 111 TYR A 119 
B2 5 VAL A 122 ? GLU A 131 ? VAL A 122 GLU A 131 
# 
loop_
_pdbx_struct_sheet_hbond.sheet_id 
_pdbx_struct_sheet_hbond.range_id_1 
_pdbx_struct_sheet_hbond.range_id_2 
_pdbx_struct_sheet_hbond.range_1_label_atom_id 
_pdbx_struct_sheet_hbond.range_1_label_comp_id 
_pdbx_struct_sheet_hbond.range_1_label_asym_id 
_pdbx_struct_sheet_hbond.range_1_label_seq_id 
_pdbx_struct_sheet_hbond.range_1_PDB_ins_code 
_pdbx_struct_sheet_hbond.range_1_auth_atom_id 
_pdbx_struct_sheet_hbond.range_1_auth_comp_id 
_pdbx_struct_sheet_hbond.range_1_auth_asym_id 
_pdbx_struct_sheet_hbond.range_1_auth_seq_id 
_pdbx_struct_sheet_hbond.range_2_label_atom_id 
_pdbx_struct_sheet_hbond.range_2_label_comp_id 
_pdbx_struct_sheet_hbond.range_2_label_asym_id 
_pdbx_struct_sheet_hbond.range_2_label_seq_id 
_pdbx_struct_sheet_hbond.range_2_PDB_ins_code 
_pdbx_struct_sheet_hbond.range_2_auth_atom_id 
_pdbx_struct_sheet_hbond.range_2_auth_comp_id 
_pdbx_struct_sheet_hbond.range_2_auth_asym_id 
_pdbx_struct_sheet_hbond.range_2_auth_seq_id 
B1 1 2 O GLY A 4   ? O GLY A 4   N ILE A 40  ? N ILE A 40  
B1 2 3 O THR A 41  ? O THR A 41  N THR A 48  ? N THR A 48  
B1 3 4 O GLU A 51  ? O GLU A 51  N ILE A 58  ? N ILE A 58  
B1 5 6 O TYR A 70  ? O TYR A 70  N LEU A 78  ? N LEU A 78  
B2 1 2 O THR A 83  ? O THR A 83  N VAL A 90  ? N VAL A 90  
B2 2 3 O GLY A 91  ? O GLY A 91  N ALA A 104 ? N ALA A 104 
B2 3 4 O VAL A 105 ? O VAL A 105 N THR A 116 ? N THR A 116 
B2 4 5 O GLN A 115 ? O GLN A 115 N ARG A 126 ? N ARG A 126 
# 
loop_
_pdbx_validate_rmsd_bond.id 
_pdbx_validate_rmsd_bond.PDB_model_num 
_pdbx_validate_rmsd_bond.auth_atom_id_1 
_pdbx_validate_rmsd_bond.auth_asym_id_1 
_pdbx_validate_rmsd_bond.auth_comp_id_1 
_pdbx_validate_rmsd_bond.auth_seq_id_1 
_pdbx_validate_rmsd_bond.PDB_ins_code_1 
_pdbx_validate_rmsd_bond.label_alt_id_1 
_pdbx_validate_rmsd_bond.auth_atom_id_2 
_pdbx_validate_rmsd_bond.auth_asym_id_2 
_pdbx_validate_rmsd_bond.auth_comp_id_2 
_pdbx_validate_rmsd_bond.auth_seq_id_2 
_pdbx_validate_rmsd_bond.PDB_ins_code_2 
_pdbx_validate_rmsd_bond.label_alt_id_2 
_pdbx_validate_rmsd_bond.bond_value 
_pdbx_validate_rmsd_bond.bond_target_value 
_pdbx_validate_rmsd_bond.bond_deviation 
_pdbx_validate_rmsd_bond.bond_standard_deviation 
_pdbx_validate_rmsd_bond.linker_flag 
1 1 CD A GLU 15 ? ? OE2 A GLU 15 ? ? 1.330 1.252 0.078 0.011 N 
2 1 CD A GLU 19 ? ? OE2 A GLU 19 ? ? 1.338 1.252 0.086 0.011 N 
3 1 CD A GLU 43 ? ? OE2 A GLU 43 ? ? 1.319 1.252 0.067 0.011 N 
4 1 CD A GLU 51 ? ? OE2 A GLU 51 ? ? 1.320 1.252 0.068 0.011 N 
# 
loop_
_pdbx_validate_rmsd_angle.id 
_pdbx_validate_rmsd_angle.PDB_model_num 
_pdbx_validate_rmsd_angle.auth_atom_id_1 
_pdbx_validate_rmsd_angle.auth_asym_id_1 
_pdbx_validate_rmsd_angle.auth_comp_id_1 
_pdbx_validate_rmsd_angle.auth_seq_id_1 
_pdbx_validate_rmsd_angle.PDB_ins_code_1 
_pdbx_validate_rmsd_angle.label_alt_id_1 
_pdbx_validate_rmsd_angle.auth_atom_id_2 
_pdbx_validate_rmsd_angle.auth_asym_id_2 
_pdbx_validate_rmsd_angle.auth_comp_id_2 
_pdbx_validate_rmsd_angle.auth_seq_id_2 
_pdbx_validate_rmsd_angle.PDB_ins_code_2 
_pdbx_validate_rmsd_angle.label_alt_id_2 
_pdbx_validate_rmsd_angle.auth_atom_id_3 
_pdbx_validate_rmsd_angle.auth_asym_id_3 
_pdbx_validate_rmsd_angle.auth_comp_id_3 
_pdbx_validate_rmsd_angle.auth_seq_id_3 
_pdbx_validate_rmsd_angle.PDB_ins_code_3 
_pdbx_validate_rmsd_angle.label_alt_id_3 
_pdbx_validate_rmsd_angle.angle_value 
_pdbx_validate_rmsd_angle.angle_target_value 
_pdbx_validate_rmsd_angle.angle_deviation 
_pdbx_validate_rmsd_angle.angle_standard_deviation 
_pdbx_validate_rmsd_angle.linker_flag 
1 1 CB A ASP 9   ? ? CG A ASP 9   ? ? OD1 A ASP 9   ? ? 124.70 118.30 6.40   0.90 N 
2 1 CB A ASP 9   ? ? CG A ASP 9   ? ? OD2 A ASP 9   ? ? 111.41 118.30 -6.89  0.90 N 
3 1 CB A TYR 14  ? ? CG A TYR 14  ? ? CD1 A TYR 14  ? ? 117.03 121.00 -3.97  0.60 N 
4 1 CA A HIS 33  ? ? CB A HIS 33  ? ? CG  A HIS 33  ? ? 102.94 113.60 -10.66 1.70 N 
5 1 CB A ASP 59  ? ? CG A ASP 59  ? ? OD1 A ASP 59  ? ? 126.12 118.30 7.82   0.90 N 
6 1 CB A ASP 67  ? ? CG A ASP 67  ? ? OD2 A ASP 67  ? ? 112.43 118.30 -5.87  0.90 N 
7 1 N  A THR 76  ? ? CA A THR 76  ? ? CB  A THR 76  ? ? 124.41 110.30 14.11  1.90 N 
8 1 NE A ARG 106 ? ? CZ A ARG 106 ? ? NH2 A ARG 106 ? ? 117.18 120.30 -3.12  0.50 N 
# 
_pdbx_validate_torsion.id              1 
_pdbx_validate_torsion.PDB_model_num   1 
_pdbx_validate_torsion.auth_comp_id    ASP 
_pdbx_validate_torsion.auth_asym_id    A 
_pdbx_validate_torsion.auth_seq_id     74 
_pdbx_validate_torsion.PDB_ins_code    ? 
_pdbx_validate_torsion.label_alt_id    ? 
_pdbx_validate_torsion.phi             173.57 
_pdbx_validate_torsion.psi             -12.17 
# 
loop_
_pdbx_validate_chiral.id 
_pdbx_validate_chiral.PDB_model_num 
_pdbx_validate_chiral.auth_atom_id 
_pdbx_validate_chiral.label_alt_id 
_pdbx_validate_chiral.auth_asym_id 
_pdbx_validate_chiral.auth_comp_id 
_pdbx_validate_chiral.auth_seq_id 
_pdbx_validate_chiral.PDB_ins_code 
_pdbx_validate_chiral.details 
_pdbx_validate_chiral.omega 
1 1 CB ? A THR 5  ? 'WRONG HAND' . 
2 1 CA ? A THR 76 ? PLANAR       . 
# 
_pdbx_validate_planes.id              1 
_pdbx_validate_planes.PDB_model_num   1 
_pdbx_validate_planes.auth_comp_id    PHE 
_pdbx_validate_planes.auth_asym_id    A 
_pdbx_validate_planes.auth_seq_id     68 
_pdbx_validate_planes.PDB_ins_code    ? 
_pdbx_validate_planes.label_alt_id    ? 
_pdbx_validate_planes.rmsd            0.071 
_pdbx_validate_planes.type            'SIDE CHAIN' 
# 
loop_
_chem_comp_atom.comp_id 
_chem_comp_atom.atom_id 
_chem_comp_atom.type_symbol 
_chem_comp_atom.pdbx_aromatic_flag 
_chem_comp_atom.pdbx_stereo_config 
_chem_comp_atom.pdbx_ordinal 
ALA N    N N N 1   
ALA CA   C N S 2   
ALA C    C N N 3   
ALA O    O N N 4   
ALA CB   C N N 5   
ALA OXT  O N N 6   
ALA H    H N N 7   
ALA H2   H N N 8   
ALA HA   H N N 9   
ALA HB1  H N N 10  
ALA HB2  H N N 11  
ALA HB3  H N N 12  
ALA HXT  H N N 13  
ARG N    N N N 14  
ARG CA   C N S 15  
ARG C    C N N 16  
ARG O    O N N 17  
ARG CB   C N N 18  
ARG CG   C N N 19  
ARG CD   C N N 20  
ARG NE   N N N 21  
ARG CZ   C N N 22  
ARG NH1  N N N 23  
ARG NH2  N N N 24  
ARG OXT  O N N 25  
ARG H    H N N 26  
ARG H2   H N N 27  
ARG HA   H N N 28  
ARG HB2  H N N 29  
ARG HB3  H N N 30  
ARG HG2  H N N 31  
ARG HG3  H N N 32  
ARG HD2  H N N 33  
ARG HD3  H N N 34  
ARG HE   H N N 35  
ARG HH11 H N N 36  
ARG HH12 H N N 37  
ARG HH21 H N N 38  
ARG HH22 H N N 39  
ARG HXT  H N N 40  
ASN N    N N N 41  
ASN CA   C N S 42  
ASN C    C N N 43  
ASN O    O N N 44  
ASN CB   C N N 45  
ASN CG   C N N 46  
ASN OD1  O N N 47  
ASN ND2  N N N 48  
ASN OXT  O N N 49  
ASN H    H N N 50  
ASN H2   H N N 51  
ASN HA   H N N 52  
ASN HB2  H N N 53  
ASN HB3  H N N 54  
ASN HD21 H N N 55  
ASN HD22 H N N 56  
ASN HXT  H N N 57  
ASP N    N N N 58  
ASP CA   C N S 59  
ASP C    C N N 60  
ASP O    O N N 61  
ASP CB   C N N 62  
ASP CG   C N N 63  
ASP OD1  O N N 64  
ASP OD2  O N N 65  
ASP OXT  O N N 66  
ASP H    H N N 67  
ASP H2   H N N 68  
ASP HA   H N N 69  
ASP HB2  H N N 70  
ASP HB3  H N N 71  
ASP HD2  H N N 72  
ASP HXT  H N N 73  
GLN N    N N N 74  
GLN CA   C N S 75  
GLN C    C N N 76  
GLN O    O N N 77  
GLN CB   C N N 78  
GLN CG   C N N 79  
GLN CD   C N N 80  
GLN OE1  O N N 81  
GLN NE2  N N N 82  
GLN OXT  O N N 83  
GLN H    H N N 84  
GLN H2   H N N 85  
GLN HA   H N N 86  
GLN HB2  H N N 87  
GLN HB3  H N N 88  
GLN HG2  H N N 89  
GLN HG3  H N N 90  
GLN HE21 H N N 91  
GLN HE22 H N N 92  
GLN HXT  H N N 93  
GLU N    N N N 94  
GLU CA   C N S 95  
GLU C    C N N 96  
GLU O    O N N 97  
GLU CB   C N N 98  
GLU CG   C N N 99  
GLU CD   C N N 100 
GLU OE1  O N N 101 
GLU OE2  O N N 102 
GLU OXT  O N N 103 
GLU H    H N N 104 
GLU H2   H N N 105 
GLU HA   H N N 106 
GLU HB2  H N N 107 
GLU HB3  H N N 108 
GLU HG2  H N N 109 
GLU HG3  H N N 110 
GLU HE2  H N N 111 
GLU HXT  H N N 112 
GLY N    N N N 113 
GLY CA   C N N 114 
GLY C    C N N 115 
GLY O    O N N 116 
GLY OXT  O N N 117 
GLY H    H N N 118 
GLY H2   H N N 119 
GLY HA2  H N N 120 
GLY HA3  H N N 121 
GLY HXT  H N N 122 
HIS N    N N N 123 
HIS CA   C N S 124 
HIS C    C N N 125 
HIS O    O N N 126 
HIS CB   C N N 127 
HIS CG   C Y N 128 
HIS ND1  N Y N 129 
HIS CD2  C Y N 130 
HIS CE1  C Y N 131 
HIS NE2  N Y N 132 
HIS OXT  O N N 133 
HIS H    H N N 134 
HIS H2   H N N 135 
HIS HA   H N N 136 
HIS HB2  H N N 137 
HIS HB3  H N N 138 
HIS HD1  H N N 139 
HIS HD2  H N N 140 
HIS HE1  H N N 141 
HIS HE2  H N N 142 
HIS HXT  H N N 143 
HOH O    O N N 144 
HOH H1   H N N 145 
HOH H2   H N N 146 
ILE N    N N N 147 
ILE CA   C N S 148 
ILE C    C N N 149 
ILE O    O N N 150 
ILE CB   C N S 151 
ILE CG1  C N N 152 
ILE CG2  C N N 153 
ILE CD1  C N N 154 
ILE OXT  O N N 155 
ILE H    H N N 156 
ILE H2   H N N 157 
ILE HA   H N N 158 
ILE HB   H N N 159 
ILE HG12 H N N 160 
ILE HG13 H N N 161 
ILE HG21 H N N 162 
ILE HG22 H N N 163 
ILE HG23 H N N 164 
ILE HD11 H N N 165 
ILE HD12 H N N 166 
ILE HD13 H N N 167 
ILE HXT  H N N 168 
LEU N    N N N 169 
LEU CA   C N S 170 
LEU C    C N N 171 
LEU O    O N N 172 
LEU CB   C N N 173 
LEU CG   C N N 174 
LEU CD1  C N N 175 
LEU CD2  C N N 176 
LEU OXT  O N N 177 
LEU H    H N N 178 
LEU H2   H N N 179 
LEU HA   H N N 180 
LEU HB2  H N N 181 
LEU HB3  H N N 182 
LEU HG   H N N 183 
LEU HD11 H N N 184 
LEU HD12 H N N 185 
LEU HD13 H N N 186 
LEU HD21 H N N 187 
LEU HD22 H N N 188 
LEU HD23 H N N 189 
LEU HXT  H N N 190 
LYS N    N N N 191 
LYS CA   C N S 192 
LYS C    C N N 193 
LYS O    O N N 194 
LYS CB   C N N 195 
LYS CG   C N N 196 
LYS CD   C N N 197 
LYS CE   C N N 198 
LYS NZ   N N N 199 
LYS OXT  O N N 200 
LYS H    H N N 201 
LYS H2   H N N 202 
LYS HA   H N N 203 
LYS HB2  H N N 204 
LYS HB3  H N N 205 
LYS HG2  H N N 206 
LYS HG3  H N N 207 
LYS HD2  H N N 208 
LYS HD3  H N N 209 
LYS HE2  H N N 210 
LYS HE3  H N N 211 
LYS HZ1  H N N 212 
LYS HZ2  H N N 213 
LYS HZ3  H N N 214 
LYS HXT  H N N 215 
MET N    N N N 216 
MET CA   C N S 217 
MET C    C N N 218 
MET O    O N N 219 
MET CB   C N N 220 
MET CG   C N N 221 
MET SD   S N N 222 
MET CE   C N N 223 
MET OXT  O N N 224 
MET H    H N N 225 
MET H2   H N N 226 
MET HA   H N N 227 
MET HB2  H N N 228 
MET HB3  H N N 229 
MET HG2  H N N 230 
MET HG3  H N N 231 
MET HE1  H N N 232 
MET HE2  H N N 233 
MET HE3  H N N 234 
MET HXT  H N N 235 
PHE N    N N N 236 
PHE CA   C N S 237 
PHE C    C N N 238 
PHE O    O N N 239 
PHE CB   C N N 240 
PHE CG   C Y N 241 
PHE CD1  C Y N 242 
PHE CD2  C Y N 243 
PHE CE1  C Y N 244 
PHE CE2  C Y N 245 
PHE CZ   C Y N 246 
PHE OXT  O N N 247 
PHE H    H N N 248 
PHE H2   H N N 249 
PHE HA   H N N 250 
PHE HB2  H N N 251 
PHE HB3  H N N 252 
PHE HD1  H N N 253 
PHE HD2  H N N 254 
PHE HE1  H N N 255 
PHE HE2  H N N 256 
PHE HZ   H N N 257 
PHE HXT  H N N 258 
SER N    N N N 259 
SER CA   C N S 260 
SER C    C N N 261 
SER O    O N N 262 
SER CB   C N N 263 
SER OG   O N N 264 
SER OXT  O N N 265 
SER H    H N N 266 
SER H2   H N N 267 
SER HA   H N N 268 
SER HB2  H N N 269 
SER HB3  H N N 270 
SER HG   H N N 271 
SER HXT  H N N 272 
THR N    N N N 273 
THR CA   C N S 274 
THR C    C N N 275 
THR O    O N N 276 
THR CB   C N R 277 
THR OG1  O N N 278 
THR CG2  C N N 279 
THR OXT  O N N 280 
THR H    H N N 281 
THR H2   H N N 282 
THR HA   H N N 283 
THR HB   H N N 284 
THR HG1  H N N 285 
THR HG21 H N N 286 
THR HG22 H N N 287 
THR HG23 H N N 288 
THR HXT  H N N 289 
TRP N    N N N 290 
TRP CA   C N S 291 
TRP C    C N N 292 
TRP O    O N N 293 
TRP CB   C N N 294 
TRP CG   C Y N 295 
TRP CD1  C Y N 296 
TRP CD2  C Y N 297 
TRP NE1  N Y N 298 
TRP CE2  C Y N 299 
TRP CE3  C Y N 300 
TRP CZ2  C Y N 301 
TRP CZ3  C Y N 302 
TRP CH2  C Y N 303 
TRP OXT  O N N 304 
TRP H    H N N 305 
TRP H2   H N N 306 
TRP HA   H N N 307 
TRP HB2  H N N 308 
TRP HB3  H N N 309 
TRP HD1  H N N 310 
TRP HE1  H N N 311 
TRP HE3  H N N 312 
TRP HZ2  H N N 313 
TRP HZ3  H N N 314 
TRP HH2  H N N 315 
TRP HXT  H N N 316 
TYR N    N N N 317 
TYR CA   C N S 318 
TYR C    C N N 319 
TYR O    O N N 320 
TYR CB   C N N 321 
TYR CG   C Y N 322 
TYR CD1  C Y N 323 
TYR CD2  C Y N 324 
TYR CE1  C Y N 325 
TYR CE2  C Y N 326 
TYR CZ   C Y N 327 
TYR OH   O N N 328 
TYR OXT  O N N 329 
TYR H    H N N 330 
TYR H2   H N N 331 
TYR HA   H N N 332 
TYR HB2  H N N 333 
TYR HB3  H N N 334 
TYR HD1  H N N 335 
TYR HD2  H N N 336 
TYR HE1  H N N 337 
TYR HE2  H N N 338 
TYR HH   H N N 339 
TYR HXT  H N N 340 
VAL N    N N N 341 
VAL CA   C N S 342 
VAL C    C N N 343 
VAL O    O N N 344 
VAL CB   C N N 345 
VAL CG1  C N N 346 
VAL CG2  C N N 347 
VAL OXT  O N N 348 
VAL H    H N N 349 
VAL H2   H N N 350 
VAL HA   H N N 351 
VAL HB   H N N 352 
VAL HG11 H N N 353 
VAL HG12 H N N 354 
VAL HG13 H N N 355 
VAL HG21 H N N 356 
VAL HG22 H N N 357 
VAL HG23 H N N 358 
VAL HXT  H N N 359 
# 
loop_
_chem_comp_bond.comp_id 
_chem_comp_bond.atom_id_1 
_chem_comp_bond.atom_id_2 
_chem_comp_bond.value_order 
_chem_comp_bond.pdbx_aromatic_flag 
_chem_comp_bond.pdbx_stereo_config 
_chem_comp_bond.pdbx_ordinal 
ALA N   CA   sing N N 1   
ALA N   H    sing N N 2   
ALA N   H2   sing N N 3   
ALA CA  C    sing N N 4   
ALA CA  CB   sing N N 5   
ALA CA  HA   sing N N 6   
ALA C   O    doub N N 7   
ALA C   OXT  sing N N 8   
ALA CB  HB1  sing N N 9   
ALA CB  HB2  sing N N 10  
ALA CB  HB3  sing N N 11  
ALA OXT HXT  sing N N 12  
ARG N   CA   sing N N 13  
ARG N   H    sing N N 14  
ARG N   H2   sing N N 15  
ARG CA  C    sing N N 16  
ARG CA  CB   sing N N 17  
ARG CA  HA   sing N N 18  
ARG C   O    doub N N 19  
ARG C   OXT  sing N N 20  
ARG CB  CG   sing N N 21  
ARG CB  HB2  sing N N 22  
ARG CB  HB3  sing N N 23  
ARG CG  CD   sing N N 24  
ARG CG  HG2  sing N N 25  
ARG CG  HG3  sing N N 26  
ARG CD  NE   sing N N 27  
ARG CD  HD2  sing N N 28  
ARG CD  HD3  sing N N 29  
ARG NE  CZ   sing N N 30  
ARG NE  HE   sing N N 31  
ARG CZ  NH1  sing N N 32  
ARG CZ  NH2  doub N N 33  
ARG NH1 HH11 sing N N 34  
ARG NH1 HH12 sing N N 35  
ARG NH2 HH21 sing N N 36  
ARG NH2 HH22 sing N N 37  
ARG OXT HXT  sing N N 38  
ASN N   CA   sing N N 39  
ASN N   H    sing N N 40  
ASN N   H2   sing N N 41  
ASN CA  C    sing N N 42  
ASN CA  CB   sing N N 43  
ASN CA  HA   sing N N 44  
ASN C   O    doub N N 45  
ASN C   OXT  sing N N 46  
ASN CB  CG   sing N N 47  
ASN CB  HB2  sing N N 48  
ASN CB  HB3  sing N N 49  
ASN CG  OD1  doub N N 50  
ASN CG  ND2  sing N N 51  
ASN ND2 HD21 sing N N 52  
ASN ND2 HD22 sing N N 53  
ASN OXT HXT  sing N N 54  
ASP N   CA   sing N N 55  
ASP N   H    sing N N 56  
ASP N   H2   sing N N 57  
ASP CA  C    sing N N 58  
ASP CA  CB   sing N N 59  
ASP CA  HA   sing N N 60  
ASP C   O    doub N N 61  
ASP C   OXT  sing N N 62  
ASP CB  CG   sing N N 63  
ASP CB  HB2  sing N N 64  
ASP CB  HB3  sing N N 65  
ASP CG  OD1  doub N N 66  
ASP CG  OD2  sing N N 67  
ASP OD2 HD2  sing N N 68  
ASP OXT HXT  sing N N 69  
GLN N   CA   sing N N 70  
GLN N   H    sing N N 71  
GLN N   H2   sing N N 72  
GLN CA  C    sing N N 73  
GLN CA  CB   sing N N 74  
GLN CA  HA   sing N N 75  
GLN C   O    doub N N 76  
GLN C   OXT  sing N N 77  
GLN CB  CG   sing N N 78  
GLN CB  HB2  sing N N 79  
GLN CB  HB3  sing N N 80  
GLN CG  CD   sing N N 81  
GLN CG  HG2  sing N N 82  
GLN CG  HG3  sing N N 83  
GLN CD  OE1  doub N N 84  
GLN CD  NE2  sing N N 85  
GLN NE2 HE21 sing N N 86  
GLN NE2 HE22 sing N N 87  
GLN OXT HXT  sing N N 88  
GLU N   CA   sing N N 89  
GLU N   H    sing N N 90  
GLU N   H2   sing N N 91  
GLU CA  C    sing N N 92  
GLU CA  CB   sing N N 93  
GLU CA  HA   sing N N 94  
GLU C   O    doub N N 95  
GLU C   OXT  sing N N 96  
GLU CB  CG   sing N N 97  
GLU CB  HB2  sing N N 98  
GLU CB  HB3  sing N N 99  
GLU CG  CD   sing N N 100 
GLU CG  HG2  sing N N 101 
GLU CG  HG3  sing N N 102 
GLU CD  OE1  doub N N 103 
GLU CD  OE2  sing N N 104 
GLU OE2 HE2  sing N N 105 
GLU OXT HXT  sing N N 106 
GLY N   CA   sing N N 107 
GLY N   H    sing N N 108 
GLY N   H2   sing N N 109 
GLY CA  C    sing N N 110 
GLY CA  HA2  sing N N 111 
GLY CA  HA3  sing N N 112 
GLY C   O    doub N N 113 
GLY C   OXT  sing N N 114 
GLY OXT HXT  sing N N 115 
HIS N   CA   sing N N 116 
HIS N   H    sing N N 117 
HIS N   H2   sing N N 118 
HIS CA  C    sing N N 119 
HIS CA  CB   sing N N 120 
HIS CA  HA   sing N N 121 
HIS C   O    doub N N 122 
HIS C   OXT  sing N N 123 
HIS CB  CG   sing N N 124 
HIS CB  HB2  sing N N 125 
HIS CB  HB3  sing N N 126 
HIS CG  ND1  sing Y N 127 
HIS CG  CD2  doub Y N 128 
HIS ND1 CE1  doub Y N 129 
HIS ND1 HD1  sing N N 130 
HIS CD2 NE2  sing Y N 131 
HIS CD2 HD2  sing N N 132 
HIS CE1 NE2  sing Y N 133 
HIS CE1 HE1  sing N N 134 
HIS NE2 HE2  sing N N 135 
HIS OXT HXT  sing N N 136 
HOH O   H1   sing N N 137 
HOH O   H2   sing N N 138 
ILE N   CA   sing N N 139 
ILE N   H    sing N N 140 
ILE N   H2   sing N N 141 
ILE CA  C    sing N N 142 
ILE CA  CB   sing N N 143 
ILE CA  HA   sing N N 144 
ILE C   O    doub N N 145 
ILE C   OXT  sing N N 146 
ILE CB  CG1  sing N N 147 
ILE CB  CG2  sing N N 148 
ILE CB  HB   sing N N 149 
ILE CG1 CD1  sing N N 150 
ILE CG1 HG12 sing N N 151 
ILE CG1 HG13 sing N N 152 
ILE CG2 HG21 sing N N 153 
ILE CG2 HG22 sing N N 154 
ILE CG2 HG23 sing N N 155 
ILE CD1 HD11 sing N N 156 
ILE CD1 HD12 sing N N 157 
ILE CD1 HD13 sing N N 158 
ILE OXT HXT  sing N N 159 
LEU N   CA   sing N N 160 
LEU N   H    sing N N 161 
LEU N   H2   sing N N 162 
LEU CA  C    sing N N 163 
LEU CA  CB   sing N N 164 
LEU CA  HA   sing N N 165 
LEU C   O    doub N N 166 
LEU C   OXT  sing N N 167 
LEU CB  CG   sing N N 168 
LEU CB  HB2  sing N N 169 
LEU CB  HB3  sing N N 170 
LEU CG  CD1  sing N N 171 
LEU CG  CD2  sing N N 172 
LEU CG  HG   sing N N 173 
LEU CD1 HD11 sing N N 174 
LEU CD1 HD12 sing N N 175 
LEU CD1 HD13 sing N N 176 
LEU CD2 HD21 sing N N 177 
LEU CD2 HD22 sing N N 178 
LEU CD2 HD23 sing N N 179 
LEU OXT HXT  sing N N 180 
LYS N   CA   sing N N 181 
LYS N   H    sing N N 182 
LYS N   H2   sing N N 183 
LYS CA  C    sing N N 184 
LYS CA  CB   sing N N 185 
LYS CA  HA   sing N N 186 
LYS C   O    doub N N 187 
LYS C   OXT  sing N N 188 
LYS CB  CG   sing N N 189 
LYS CB  HB2  sing N N 190 
LYS CB  HB3  sing N N 191 
LYS CG  CD   sing N N 192 
LYS CG  HG2  sing N N 193 
LYS CG  HG3  sing N N 194 
LYS CD  CE   sing N N 195 
LYS CD  HD2  sing N N 196 
LYS CD  HD3  sing N N 197 
LYS CE  NZ   sing N N 198 
LYS CE  HE2  sing N N 199 
LYS CE  HE3  sing N N 200 
LYS NZ  HZ1  sing N N 201 
LYS NZ  HZ2  sing N N 202 
LYS NZ  HZ3  sing N N 203 
LYS OXT HXT  sing N N 204 
MET N   CA   sing N N 205 
MET N   H    sing N N 206 
MET N   H2   sing N N 207 
MET CA  C    sing N N 208 
MET CA  CB   sing N N 209 
MET CA  HA   sing N N 210 
MET C   O    doub N N 211 
MET C   OXT  sing N N 212 
MET CB  CG   sing N N 213 
MET CB  HB2  sing N N 214 
MET CB  HB3  sing N N 215 
MET CG  SD   sing N N 216 
MET CG  HG2  sing N N 217 
MET CG  HG3  sing N N 218 
MET SD  CE   sing N N 219 
MET CE  HE1  sing N N 220 
MET CE  HE2  sing N N 221 
MET CE  HE3  sing N N 222 
MET OXT HXT  sing N N 223 
PHE N   CA   sing N N 224 
PHE N   H    sing N N 225 
PHE N   H2   sing N N 226 
PHE CA  C    sing N N 227 
PHE CA  CB   sing N N 228 
PHE CA  HA   sing N N 229 
PHE C   O    doub N N 230 
PHE C   OXT  sing N N 231 
PHE CB  CG   sing N N 232 
PHE CB  HB2  sing N N 233 
PHE CB  HB3  sing N N 234 
PHE CG  CD1  doub Y N 235 
PHE CG  CD2  sing Y N 236 
PHE CD1 CE1  sing Y N 237 
PHE CD1 HD1  sing N N 238 
PHE CD2 CE2  doub Y N 239 
PHE CD2 HD2  sing N N 240 
PHE CE1 CZ   doub Y N 241 
PHE CE1 HE1  sing N N 242 
PHE CE2 CZ   sing Y N 243 
PHE CE2 HE2  sing N N 244 
PHE CZ  HZ   sing N N 245 
PHE OXT HXT  sing N N 246 
SER N   CA   sing N N 247 
SER N   H    sing N N 248 
SER N   H2   sing N N 249 
SER CA  C    sing N N 250 
SER CA  CB   sing N N 251 
SER CA  HA   sing N N 252 
SER C   O    doub N N 253 
SER C   OXT  sing N N 254 
SER CB  OG   sing N N 255 
SER CB  HB2  sing N N 256 
SER CB  HB3  sing N N 257 
SER OG  HG   sing N N 258 
SER OXT HXT  sing N N 259 
THR N   CA   sing N N 260 
THR N   H    sing N N 261 
THR N   H2   sing N N 262 
THR CA  C    sing N N 263 
THR CA  CB   sing N N 264 
THR CA  HA   sing N N 265 
THR C   O    doub N N 266 
THR C   OXT  sing N N 267 
THR CB  OG1  sing N N 268 
THR CB  CG2  sing N N 269 
THR CB  HB   sing N N 270 
THR OG1 HG1  sing N N 271 
THR CG2 HG21 sing N N 272 
THR CG2 HG22 sing N N 273 
THR CG2 HG23 sing N N 274 
THR OXT HXT  sing N N 275 
TRP N   CA   sing N N 276 
TRP N   H    sing N N 277 
TRP N   H2   sing N N 278 
TRP CA  C    sing N N 279 
TRP CA  CB   sing N N 280 
TRP CA  HA   sing N N 281 
TRP C   O    doub N N 282 
TRP C   OXT  sing N N 283 
TRP CB  CG   sing N N 284 
TRP CB  HB2  sing N N 285 
TRP CB  HB3  sing N N 286 
TRP CG  CD1  doub Y N 287 
TRP CG  CD2  sing Y N 288 
TRP CD1 NE1  sing Y N 289 
TRP CD1 HD1  sing N N 290 
TRP CD2 CE2  doub Y N 291 
TRP CD2 CE3  sing Y N 292 
TRP NE1 CE2  sing Y N 293 
TRP NE1 HE1  sing N N 294 
TRP CE2 CZ2  sing Y N 295 
TRP CE3 CZ3  doub Y N 296 
TRP CE3 HE3  sing N N 297 
TRP CZ2 CH2  doub Y N 298 
TRP CZ2 HZ2  sing N N 299 
TRP CZ3 CH2  sing Y N 300 
TRP CZ3 HZ3  sing N N 301 
TRP CH2 HH2  sing N N 302 
TRP OXT HXT  sing N N 303 
TYR N   CA   sing N N 304 
TYR N   H    sing N N 305 
TYR N   H2   sing N N 306 
TYR CA  C    sing N N 307 
TYR CA  CB   sing N N 308 
TYR CA  HA   sing N N 309 
TYR C   O    doub N N 310 
TYR C   OXT  sing N N 311 
TYR CB  CG   sing N N 312 
TYR CB  HB2  sing N N 313 
TYR CB  HB3  sing N N 314 
TYR CG  CD1  doub Y N 315 
TYR CG  CD2  sing Y N 316 
TYR CD1 CE1  sing Y N 317 
TYR CD1 HD1  sing N N 318 
TYR CD2 CE2  doub Y N 319 
TYR CD2 HD2  sing N N 320 
TYR CE1 CZ   doub Y N 321 
TYR CE1 HE1  sing N N 322 
TYR CE2 CZ   sing Y N 323 
TYR CE2 HE2  sing N N 324 
TYR CZ  OH   sing N N 325 
TYR OH  HH   sing N N 326 
TYR OXT HXT  sing N N 327 
VAL N   CA   sing N N 328 
VAL N   H    sing N N 329 
VAL N   H2   sing N N 330 
VAL CA  C    sing N N 331 
VAL CA  CB   sing N N 332 
VAL CA  HA   sing N N 333 
VAL C   O    doub N N 334 
VAL C   OXT  sing N N 335 
VAL CB  CG1  sing N N 336 
VAL CB  CG2  sing N N 337 
VAL CB  HB   sing N N 338 
VAL CG1 HG11 sing N N 339 
VAL CG1 HG12 sing N N 340 
VAL CG1 HG13 sing N N 341 
VAL CG2 HG21 sing N N 342 
VAL CG2 HG22 sing N N 343 
VAL CG2 HG23 sing N N 344 
VAL OXT HXT  sing N N 345 
# 
_atom_sites.entry_id                    1IFB 
_atom_sites.fract_transf_matrix[1][1]   -0.01190012 
_atom_sites.fract_transf_matrix[1][2]   0.01780377 
_atom_sites.fract_transf_matrix[1][3]   -0.02129332 
_atom_sites.fract_transf_matrix[2][1]   0.00253820 
_atom_sites.fract_transf_matrix[2][2]   0.01408578 
_atom_sites.fract_transf_matrix[2][3]   0.01035889 
_atom_sites.fract_transf_matrix[3][1]   0.02340882 
_atom_sites.fract_transf_matrix[3][2]   0.01206325 
_atom_sites.fract_transf_matrix[3][3]   -0.02213911 
_atom_sites.fract_transf_vector[1]      0.150271 
_atom_sites.fract_transf_vector[2]      0.005757 
_atom_sites.fract_transf_vector[3]      0.262655 
# 
loop_
_atom_type.symbol 
C 
N 
O 
S 
# 
loop_
_atom_site.group_PDB 
_atom_site.id 
_atom_site.type_symbol 
_atom_site.label_atom_id 
_atom_site.label_alt_id 
_atom_site.label_comp_id 
_atom_site.label_asym_id 
_atom_site.label_entity_id 
_atom_site.label_seq_id 
_atom_site.pdbx_PDB_ins_code 
_atom_site.Cartn_x 
_atom_site.Cartn_y 
_atom_site.Cartn_z 
_atom_site.occupancy 
_atom_site.B_iso_or_equiv 
_atom_site.pdbx_formal_charge 
_atom_site.auth_seq_id 
_atom_site.auth_comp_id 
_atom_site.auth_asym_id 
_atom_site.auth_atom_id 
_atom_site.pdbx_PDB_model_num 
ATOM   1    N N   . ALA A 1 1   ? 7.734   -8.316  12.777  1.00 27.01 ? 1   ALA A N   1 
ATOM   2    C CA  . ALA A 1 1   ? 8.846   -8.280  11.886  1.00 13.81 ? 1   ALA A CA  1 
ATOM   3    C C   . ALA A 1 1   ? 8.424   -8.122  10.442  1.00 34.24 ? 1   ALA A C   1 
ATOM   4    O O   . ALA A 1 1   ? 8.220   -9.118  9.751   1.00 32.60 ? 1   ALA A O   1 
ATOM   5    C CB  . ALA A 1 1   ? 9.701   -9.537  12.014  1.00 48.41 ? 1   ALA A CB  1 
ATOM   6    N N   . PHE A 1 2   ? 8.384   -6.849  10.006  1.00 35.40 ? 2   PHE A N   1 
ATOM   7    C CA  . PHE A 1 2   ? 8.047   -6.512  8.644   1.00 6.72  ? 2   PHE A CA  1 
ATOM   8    C C   . PHE A 1 2   ? 9.235   -6.612  7.718   1.00 16.75 ? 2   PHE A C   1 
ATOM   9    O O   . PHE A 1 2   ? 9.078   -6.654  6.518   1.00 18.05 ? 2   PHE A O   1 
ATOM   10   C CB  . PHE A 1 2   ? 7.502   -5.103  8.591   1.00 14.33 ? 2   PHE A CB  1 
ATOM   11   C CG  . PHE A 1 2   ? 6.092   -5.068  9.081   1.00 14.21 ? 2   PHE A CG  1 
ATOM   12   C CD1 . PHE A 1 2   ? 5.787   -4.534  10.331  1.00 20.62 ? 2   PHE A CD1 1 
ATOM   13   C CD2 . PHE A 1 2   ? 5.051   -5.573  8.295   1.00 37.59 ? 2   PHE A CD2 1 
ATOM   14   C CE1 . PHE A 1 2   ? 4.470   -4.497  10.778  1.00 26.99 ? 2   PHE A CE1 1 
ATOM   15   C CE2 . PHE A 1 2   ? 3.719   -5.518  8.719   1.00 15.27 ? 2   PHE A CE2 1 
ATOM   16   C CZ  . PHE A 1 2   ? 3.452   -4.996  9.978   1.00 29.86 ? 2   PHE A CZ  1 
ATOM   17   N N   . ASP A 1 3   ? 10.419  -6.732  8.304   1.00 55.50 ? 3   ASP A N   1 
ATOM   18   C CA  . ASP A 1 3   ? 11.699  -6.807  7.630   1.00 7.58  ? 3   ASP A CA  1 
ATOM   19   C C   . ASP A 1 3   ? 11.784  -7.836  6.526   1.00 10.30 ? 3   ASP A C   1 
ATOM   20   O O   . ASP A 1 3   ? 11.475  -8.995  6.720   1.00 27.17 ? 3   ASP A O   1 
ATOM   21   C CB  . ASP A 1 3   ? 12.846  -6.998  8.661   1.00 23.89 ? 3   ASP A CB  1 
ATOM   22   C CG  . ASP A 1 3   ? 12.899  -5.860  9.658   1.00 38.61 ? 3   ASP A CG  1 
ATOM   23   O OD1 . ASP A 1 3   ? 13.580  -4.850  9.487   1.00 65.59 ? 3   ASP A OD1 1 
ATOM   24   O OD2 . ASP A 1 3   ? 12.187  -6.059  10.731  1.00 16.02 ? 3   ASP A OD2 1 
ATOM   25   N N   . GLY A 1 4   ? 12.321  -7.394  5.388   1.00 24.83 ? 4   GLY A N   1 
ATOM   26   C CA  . GLY A 1 4   ? 12.547  -8.214  4.218   1.00 13.30 ? 4   GLY A CA  1 
ATOM   27   C C   . GLY A 1 4   ? 11.743  -7.822  2.985   1.00 4.12  ? 4   GLY A C   1 
ATOM   28   O O   . GLY A 1 4   ? 11.186  -6.726  2.884   1.00 16.10 ? 4   GLY A O   1 
ATOM   29   N N   . THR A 1 5   ? 11.717  -8.765  2.033   1.00 11.99 ? 5   THR A N   1 
ATOM   30   C CA  . THR A 1 5   ? 11.101  -8.632  0.699   1.00 8.27  ? 5   THR A CA  1 
ATOM   31   C C   . THR A 1 5   ? 9.876   -9.457  0.568   1.00 14.47 ? 5   THR A C   1 
ATOM   32   O O   . THR A 1 5   ? 9.925   -10.643 0.855   1.00 15.98 ? 5   THR A O   1 
ATOM   33   C CB  . THR A 1 5   ? 11.973  -9.127  -0.442  1.00 16.14 ? 5   THR A CB  1 
ATOM   34   O OG1 . THR A 1 5   ? 11.275  -9.023  -1.678  1.00 44.18 ? 5   THR A OG1 1 
ATOM   35   C CG2 . THR A 1 5   ? 13.339  -8.423  -0.461  1.00 18.83 ? 5   THR A CG2 1 
ATOM   36   N N   . TRP A 1 6   ? 8.792   -8.799  0.160   1.00 7.69  ? 6   TRP A N   1 
ATOM   37   C CA  . TRP A 1 6   ? 7.487   -9.428  0.080   1.00 4.82  ? 6   TRP A CA  1 
ATOM   38   C C   . TRP A 1 6   ? 7.028   -9.325  -1.346  1.00 29.03 ? 6   TRP A C   1 
ATOM   39   O O   . TRP A 1 6   ? 7.071   -8.246  -1.878  1.00 13.90 ? 6   TRP A O   1 
ATOM   40   C CB  . TRP A 1 6   ? 6.586   -8.705  1.067   1.00 10.78 ? 6   TRP A CB  1 
ATOM   41   C CG  . TRP A 1 6   ? 7.069   -8.768  2.491   1.00 6.46  ? 6   TRP A CG  1 
ATOM   42   C CD1 . TRP A 1 6   ? 7.854   -7.869  3.142   1.00 5.36  ? 6   TRP A CD1 1 
ATOM   43   C CD2 . TRP A 1 6   ? 6.671   -9.726  3.505   1.00 8.89  ? 6   TRP A CD2 1 
ATOM   44   N NE1 . TRP A 1 6   ? 8.021   -8.237  4.461   1.00 18.85 ? 6   TRP A NE1 1 
ATOM   45   C CE2 . TRP A 1 6   ? 7.307   -9.386  4.701   1.00 29.33 ? 6   TRP A CE2 1 
ATOM   46   C CE3 . TRP A 1 6   ? 5.859   -10.855 3.512   1.00 9.20  ? 6   TRP A CE3 1 
ATOM   47   C CZ2 . TRP A 1 6   ? 7.109   -10.129 5.857   1.00 24.03 ? 6   TRP A CZ2 1 
ATOM   48   C CZ3 . TRP A 1 6   ? 5.659   -11.569 4.647   1.00 22.60 ? 6   TRP A CZ3 1 
ATOM   49   C CH2 . TRP A 1 6   ? 6.280   -11.217 5.820   1.00 14.32 ? 6   TRP A CH2 1 
ATOM   50   N N   . LYS A 1 7   ? 6.725   -10.428 -2.011  1.00 27.41 ? 7   LYS A N   1 
ATOM   51   C CA  . LYS A 1 7   ? 6.375   -10.381 -3.438  1.00 9.69  ? 7   LYS A CA  1 
ATOM   52   C C   . LYS A 1 7   ? 4.873   -10.639 -3.618  1.00 10.06 ? 7   LYS A C   1 
ATOM   53   O O   . LYS A 1 7   ? 4.414   -11.583 -3.032  1.00 12.18 ? 7   LYS A O   1 
ATOM   54   C CB  . LYS A 1 7   ? 7.154   -11.456 -4.205  1.00 35.07 ? 7   LYS A CB  1 
ATOM   55   C CG  . LYS A 1 7   ? 8.652   -11.215 -4.418  1.00 22.48 ? 7   LYS A CG  1 
ATOM   56   C CD  . LYS A 1 7   ? 9.358   -12.453 -4.991  1.00 26.30 ? 7   LYS A CD  1 
ATOM   57   C CE  . LYS A 1 7   ? 10.195  -12.119 -6.219  1.00 60.96 ? 7   LYS A CE  1 
ATOM   58   N NZ  . LYS A 1 7   ? 11.345  -13.002 -6.487  1.00 42.54 ? 7   LYS A NZ  1 
ATOM   59   N N   . VAL A 1 8   ? 4.059   -9.844  -4.372  1.00 16.51 ? 8   VAL A N   1 
ATOM   60   C CA  . VAL A 1 8   ? 2.597   -10.169 -4.413  1.00 16.38 ? 8   VAL A CA  1 
ATOM   61   C C   . VAL A 1 8   ? 2.241   -11.559 -4.898  1.00 5.31  ? 8   VAL A C   1 
ATOM   62   O O   . VAL A 1 8   ? 2.783   -12.104 -5.882  1.00 25.13 ? 8   VAL A O   1 
ATOM   63   C CB  . VAL A 1 8   ? 1.631   -9.225  -5.179  1.00 12.23 ? 8   VAL A CB  1 
ATOM   64   C CG1 . VAL A 1 8   ? 0.846   -8.319  -4.259  1.00 33.44 ? 8   VAL A CG1 1 
ATOM   65   C CG2 . VAL A 1 8   ? 2.294   -8.526  -6.350  1.00 2.08  ? 8   VAL A CG2 1 
ATOM   66   N N   . ASP A 1 9   ? 1.257   -12.107 -4.172  1.00 12.35 ? 9   ASP A N   1 
ATOM   67   C CA  . ASP A 1 9   ? 0.815   -13.460 -4.464  1.00 32.04 ? 9   ASP A CA  1 
ATOM   68   C C   . ASP A 1 9   ? -0.601  -13.450 -4.980  1.00 47.73 ? 9   ASP A C   1 
ATOM   69   O O   . ASP A 1 9   ? -0.906  -13.948 -6.061  1.00 21.12 ? 9   ASP A O   1 
ATOM   70   C CB  . ASP A 1 9   ? 0.986   -14.431 -3.272  1.00 36.88 ? 9   ASP A CB  1 
ATOM   71   C CG  . ASP A 1 9   ? 0.574   -15.851 -3.615  1.00 11.35 ? 9   ASP A CG  1 
ATOM   72   O OD1 . ASP A 1 9   ? -0.368  -16.439 -3.115  1.00 20.10 ? 9   ASP A OD1 1 
ATOM   73   O OD2 . ASP A 1 9   ? 1.302   -16.338 -4.569  1.00 25.94 ? 9   ASP A OD2 1 
ATOM   74   N N   . ARG A 1 10  ? -1.496  -12.853 -4.211  1.00 21.24 ? 10  ARG A N   1 
ATOM   75   C CA  . ARG A 1 10  ? -2.875  -12.887 -4.666  1.00 36.05 ? 10  ARG A CA  1 
ATOM   76   C C   . ARG A 1 10  ? -3.643  -11.620 -4.328  1.00 41.70 ? 10  ARG A C   1 
ATOM   77   O O   . ARG A 1 10  ? -3.327  -10.935 -3.340  1.00 15.13 ? 10  ARG A O   1 
ATOM   78   C CB  . ARG A 1 10  ? -3.604  -14.199 -4.336  1.00 25.17 ? 10  ARG A CB  1 
ATOM   79   C CG  . ARG A 1 10  ? -4.136  -14.303 -2.905  1.00 26.22 ? 10  ARG A CG  1 
ATOM   80   C CD  . ARG A 1 10  ? -4.154  -15.745 -2.378  1.00 46.92 ? 10  ARG A CD  1 
ATOM   81   N NE  . ARG A 1 10  ? -5.035  -16.623 -3.140  1.00 88.18 ? 10  ARG A NE  1 
ATOM   82   C CZ  . ARG A 1 10  ? -5.583  -17.776 -2.713  1.00 13.53 ? 10  ARG A CZ  1 
ATOM   83   N NH1 . ARG A 1 10  ? -6.351  -18.519 -3.502  1.00 18.19 ? 10  ARG A NH1 1 
ATOM   84   N NH2 . ARG A 1 10  ? -5.240  -18.249 -1.516  1.00 64.35 ? 10  ARG A NH2 1 
ATOM   85   N N   . ASN A 1 11  ? -4.660  -11.301 -5.170  1.00 28.93 ? 11  ASN A N   1 
ATOM   86   C CA  . ASN A 1 11  ? -5.394  -10.050 -4.962  1.00 30.08 ? 11  ASN A CA  1 
ATOM   87   C C   . ASN A 1 11  ? -6.828  -10.266 -4.703  1.00 26.47 ? 11  ASN A C   1 
ATOM   88   O O   . ASN A 1 11  ? -7.386  -11.236 -5.198  1.00 9.55  ? 11  ASN A O   1 
ATOM   89   C CB  . ASN A 1 11  ? -5.262  -9.002  -6.053  1.00 46.03 ? 11  ASN A CB  1 
ATOM   90   C CG  . ASN A 1 11  ? -3.818  -8.747  -6.425  1.00 22.30 ? 11  ASN A CG  1 
ATOM   91   O OD1 . ASN A 1 11  ? -3.103  -8.018  -5.728  1.00 19.97 ? 11  ASN A OD1 1 
ATOM   92   N ND2 . ASN A 1 11  ? -3.384  -9.362  -7.530  1.00 41.25 ? 11  ASN A ND2 1 
ATOM   93   N N   . GLU A 1 12  ? -7.374  -9.350  -3.923  1.00 32.03 ? 12  GLU A N   1 
ATOM   94   C CA  . GLU A 1 12  ? -8.770  -9.400  -3.561  1.00 41.12 ? 12  GLU A CA  1 
ATOM   95   C C   . GLU A 1 12  ? -9.596  -8.136  -3.813  1.00 8.25  ? 12  GLU A C   1 
ATOM   96   O O   . GLU A 1 12  ? -9.320  -7.055  -3.266  1.00 14.28 ? 12  GLU A O   1 
ATOM   97   C CB  . GLU A 1 12  ? -9.086  -10.127 -2.245  1.00 50.93 ? 12  GLU A CB  1 
ATOM   98   C CG  . GLU A 1 12  ? -10.341 -11.009 -2.408  1.00 46.56 ? 12  GLU A CG  1 
ATOM   99   C CD  . GLU A 1 12  ? -10.026 -12.182 -3.284  1.00 80.46 ? 12  GLU A CD  1 
ATOM   100  O OE1 . GLU A 1 12  ? -10.560 -12.436 -4.353  1.00 70.17 ? 12  GLU A OE1 1 
ATOM   101  O OE2 . GLU A 1 12  ? -9.065  -12.886 -2.746  1.00 79.02 ? 12  GLU A OE2 1 
ATOM   102  N N   . ASN A 1 13  ? -10.598 -8.285  -4.697  1.00 28.00 ? 13  ASN A N   1 
ATOM   103  C CA  . ASN A 1 13  ? -11.506 -7.189  -5.068  1.00 9.50  ? 13  ASN A CA  1 
ATOM   104  C C   . ASN A 1 13  ? -10.794 -5.920  -5.471  1.00 8.64  ? 13  ASN A C   1 
ATOM   105  O O   . ASN A 1 13  ? -11.342 -4.850  -5.228  1.00 10.53 ? 13  ASN A O   1 
ATOM   106  C CB  . ASN A 1 13  ? -12.431 -6.781  -3.919  1.00 16.38 ? 13  ASN A CB  1 
ATOM   107  C CG  . ASN A 1 13  ? -13.787 -6.393  -4.432  1.00 32.56 ? 13  ASN A CG  1 
ATOM   108  O OD1 . ASN A 1 13  ? -14.243 -6.930  -5.454  1.00 19.08 ? 13  ASN A OD1 1 
ATOM   109  N ND2 . ASN A 1 13  ? -14.405 -5.434  -3.722  1.00 29.67 ? 13  ASN A ND2 1 
ATOM   110  N N   . TYR A 1 14  ? -9.643  -6.066  -6.105  1.00 19.91 ? 14  TYR A N   1 
ATOM   111  C CA  . TYR A 1 14  ? -8.682  -5.027  -6.411  1.00 25.49 ? 14  TYR A CA  1 
ATOM   112  C C   . TYR A 1 14  ? -8.991  -4.054  -7.571  1.00 24.32 ? 14  TYR A C   1 
ATOM   113  O O   . TYR A 1 14  ? -8.615  -2.861  -7.558  1.00 13.63 ? 14  TYR A O   1 
ATOM   114  C CB  . TYR A 1 14  ? -7.303  -5.719  -6.581  1.00 25.41 ? 14  TYR A CB  1 
ATOM   115  C CG  . TYR A 1 14  ? -6.219  -4.706  -6.612  1.00 36.65 ? 14  TYR A CG  1 
ATOM   116  C CD1 . TYR A 1 14  ? -6.389  -3.581  -5.831  1.00 4.88  ? 14  TYR A CD1 1 
ATOM   117  C CD2 . TYR A 1 14  ? -5.096  -4.862  -7.408  1.00 20.13 ? 14  TYR A CD2 1 
ATOM   118  C CE1 . TYR A 1 14  ? -5.434  -2.541  -5.818  1.00 5.58  ? 14  TYR A CE1 1 
ATOM   119  C CE2 . TYR A 1 14  ? -4.149  -3.875  -7.408  1.00 14.42 ? 14  TYR A CE2 1 
ATOM   120  C CZ  . TYR A 1 14  ? -4.284  -2.715  -6.607  1.00 3.17  ? 14  TYR A CZ  1 
ATOM   121  O OH  . TYR A 1 14  ? -3.321  -1.736  -6.600  1.00 34.57 ? 14  TYR A OH  1 
ATOM   122  N N   . GLU A 1 15  ? -9.547  -4.587  -8.640  1.00 11.02 ? 15  GLU A N   1 
ATOM   123  C CA  . GLU A 1 15  ? -9.882  -3.808  -9.793  1.00 36.59 ? 15  GLU A CA  1 
ATOM   124  C C   . GLU A 1 15  ? -11.123 -2.953  -9.464  1.00 11.73 ? 15  GLU A C   1 
ATOM   125  O O   . GLU A 1 15  ? -11.187 -1.779  -9.818  1.00 40.85 ? 15  GLU A O   1 
ATOM   126  C CB  . GLU A 1 15  ? -9.955  -4.733  -11.056 1.00 47.03 ? 15  GLU A CB  1 
ATOM   127  C CG  . GLU A 1 15  ? -8.593  -4.950  -11.807 1.00 79.22 ? 15  GLU A CG  1 
ATOM   128  C CD  . GLU A 1 15  ? -8.586  -4.824  -13.344 1.00 77.16 ? 15  GLU A CD  1 
ATOM   129  O OE1 . GLU A 1 15  ? -9.322  -4.079  -13.982 1.00 74.68 ? 15  GLU A OE1 1 
ATOM   130  O OE2 . GLU A 1 15  ? -7.678  -5.596  -13.935 1.00 47.84 ? 15  GLU A OE2 1 
ATOM   131  N N   . LYS A 1 16  ? -12.015 -3.513  -8.599  1.00 19.23 ? 16  LYS A N   1 
ATOM   132  C CA  . LYS A 1 16  ? -13.256 -2.897  -8.081  1.00 19.97 ? 16  LYS A CA  1 
ATOM   133  C C   . LYS A 1 16  ? -12.913 -1.700  -7.215  1.00 28.40 ? 16  LYS A C   1 
ATOM   134  O O   . LYS A 1 16  ? -13.592 -0.689  -7.206  1.00 25.70 ? 16  LYS A O   1 
ATOM   135  C CB  . LYS A 1 16  ? -14.097 -3.869  -7.258  1.00 12.62 ? 16  LYS A CB  1 
ATOM   136  C CG  . LYS A 1 16  ? -15.479 -4.218  -7.853  1.00 50.62 ? 16  LYS A CG  1 
ATOM   137  C CD  . LYS A 1 16  ? -16.587 -4.612  -6.863  1.00 55.06 ? 16  LYS A CD  1 
ATOM   138  C CE  . LYS A 1 16  ? -17.224 -5.986  -7.098  1.00 75.96 ? 16  LYS A CE  1 
ATOM   139  N NZ  . LYS A 1 16  ? -16.541 -7.101  -6.415  1.00 86.52 ? 16  LYS A NZ  1 
ATOM   140  N N   . PHE A 1 17  ? -11.849 -1.835  -6.471  1.00 23.14 ? 17  PHE A N   1 
ATOM   141  C CA  . PHE A 1 17  ? -11.330 -0.807  -5.592  1.00 9.02  ? 17  PHE A CA  1 
ATOM   142  C C   . PHE A 1 17  ? -10.683 0.284   -6.432  1.00 4.14  ? 17  PHE A C   1 
ATOM   143  O O   . PHE A 1 17  ? -10.741 1.484   -6.119  1.00 16.44 ? 17  PHE A O   1 
ATOM   144  C CB  . PHE A 1 17  ? -10.334 -1.427  -4.510  1.00 10.91 ? 17  PHE A CB  1 
ATOM   145  C CG  . PHE A 1 17  ? -9.362  -0.446  -3.920  1.00 11.76 ? 17  PHE A CG  1 
ATOM   146  C CD1 . PHE A 1 17  ? -9.659  0.234   -2.735  1.00 26.93 ? 17  PHE A CD1 1 
ATOM   147  C CD2 . PHE A 1 17  ? -8.216  -0.072  -4.623  1.00 7.93  ? 17  PHE A CD2 1 
ATOM   148  C CE1 . PHE A 1 17  ? -8.857  1.285   -2.266  1.00 6.81  ? 17  PHE A CE1 1 
ATOM   149  C CE2 . PHE A 1 17  ? -7.378  0.939   -4.166  1.00 21.42 ? 17  PHE A CE2 1 
ATOM   150  C CZ  . PHE A 1 17  ? -7.708  1.609   -2.989  1.00 2.30  ? 17  PHE A CZ  1 
ATOM   151  N N   . MET A 1 18  ? -10.070 -0.156  -7.559  1.00 16.67 ? 18  MET A N   1 
ATOM   152  C CA  . MET A 1 18  ? -9.396  0.766   -8.476  1.00 10.15 ? 18  MET A CA  1 
ATOM   153  C C   . MET A 1 18  ? -10.431 1.540   -9.283  1.00 51.78 ? 18  MET A C   1 
ATOM   154  O O   . MET A 1 18  ? -10.251 2.698   -9.628  1.00 8.83  ? 18  MET A O   1 
ATOM   155  C CB  . MET A 1 18  ? -8.490  -0.007  -9.384  1.00 8.91  ? 18  MET A CB  1 
ATOM   156  C CG  . MET A 1 18  ? -7.260  -0.533  -8.623  1.00 8.56  ? 18  MET A CG  1 
ATOM   157  S SD  . MET A 1 18  ? -5.991  -0.986  -9.814  1.00 27.70 ? 18  MET A SD  1 
ATOM   158  C CE  . MET A 1 18  ? -6.391  -2.698  -10.023 1.00 1.00  ? 18  MET A CE  1 
ATOM   159  N N   . GLU A 1 19  ? -11.484 0.850   -9.662  1.00 14.43 ? 19  GLU A N   1 
ATOM   160  C CA  . GLU A 1 19  ? -12.643 1.427   -10.307 1.00 10.89 ? 19  GLU A CA  1 
ATOM   161  C C   . GLU A 1 19  ? -13.246 2.484   -9.416  1.00 5.58  ? 19  GLU A C   1 
ATOM   162  O O   . GLU A 1 19  ? -13.697 3.505   -9.920  1.00 49.68 ? 19  GLU A O   1 
ATOM   163  C CB  . GLU A 1 19  ? -13.702 0.341   -10.473 1.00 5.48  ? 19  GLU A CB  1 
ATOM   164  C CG  . GLU A 1 19  ? -13.407 -0.529  -11.688 1.00 45.75 ? 19  GLU A CG  1 
ATOM   165  C CD  . GLU A 1 19  ? -14.589 -1.344  -12.095 1.00 74.04 ? 19  GLU A CD  1 
ATOM   166  O OE1 . GLU A 1 19  ? -14.612 -2.562  -11.978 1.00 38.59 ? 19  GLU A OE1 1 
ATOM   167  O OE2 . GLU A 1 19  ? -15.573 -0.594  -12.604 1.00 89.41 ? 19  GLU A OE2 1 
ATOM   168  N N   . LYS A 1 20  ? -13.327 2.188   -8.105  1.00 21.45 ? 20  LYS A N   1 
ATOM   169  C CA  . LYS A 1 20  ? -13.914 3.090   -7.122  1.00 10.98 ? 20  LYS A CA  1 
ATOM   170  C C   . LYS A 1 20  ? -13.162 4.388   -7.025  1.00 24.29 ? 20  LYS A C   1 
ATOM   171  O O   . LYS A 1 20  ? -13.793 5.464   -6.961  1.00 29.05 ? 20  LYS A O   1 
ATOM   172  C CB  . LYS A 1 20  ? -14.252 2.456   -5.752  1.00 34.53 ? 20  LYS A CB  1 
ATOM   173  C CG  . LYS A 1 20  ? -15.161 3.281   -4.827  1.00 11.64 ? 20  LYS A CG  1 
ATOM   174  C CD  . LYS A 1 20  ? -16.646 3.072   -5.075  1.00 23.10 ? 20  LYS A CD  1 
ATOM   175  C CE  . LYS A 1 20  ? -17.534 4.028   -4.305  1.00 15.14 ? 20  LYS A CE  1 
ATOM   176  N NZ  . LYS A 1 20  ? -17.849 3.548   -2.938  1.00 31.31 ? 20  LYS A NZ  1 
ATOM   177  N N   . MET A 1 21  ? -11.824 4.274   -7.041  1.00 11.31 ? 21  MET A N   1 
ATOM   178  C CA  . MET A 1 21  ? -10.891 5.409   -6.989  1.00 9.13  ? 21  MET A CA  1 
ATOM   179  C C   . MET A 1 21  ? -10.869 6.300   -8.197  1.00 5.12  ? 21  MET A C   1 
ATOM   180  O O   . MET A 1 21  ? -10.099 7.229   -8.201  1.00 13.24 ? 21  MET A O   1 
ATOM   181  C CB  . MET A 1 21  ? -9.448  4.958   -6.816  1.00 11.56 ? 21  MET A CB  1 
ATOM   182  C CG  . MET A 1 21  ? -9.217  4.295   -5.470  1.00 9.00  ? 21  MET A CG  1 
ATOM   183  S SD  . MET A 1 21  ? -8.493  5.420   -4.262  1.00 19.71 ? 21  MET A SD  1 
ATOM   184  C CE  . MET A 1 21  ? -6.791  5.262   -4.849  1.00 27.76 ? 21  MET A CE  1 
ATOM   185  N N   . GLY A 1 22  ? -11.567 5.926   -9.293  1.00 40.90 ? 22  GLY A N   1 
ATOM   186  C CA  . GLY A 1 22  ? -11.655 6.684   -10.544 1.00 23.53 ? 22  GLY A CA  1 
ATOM   187  C C   . GLY A 1 22  ? -10.515 6.373   -11.540 1.00 59.51 ? 22  GLY A C   1 
ATOM   188  O O   . GLY A 1 22  ? -10.278 7.104   -12.505 1.00 31.26 ? 22  GLY A O   1 
ATOM   189  N N   . ILE A 1 23  ? -9.817  5.270   -11.322 1.00 16.14 ? 23  ILE A N   1 
ATOM   190  C CA  . ILE A 1 23  ? -8.642  4.885   -12.089 1.00 25.24 ? 23  ILE A CA  1 
ATOM   191  C C   . ILE A 1 23  ? -9.050  4.356   -13.472 1.00 3.74  ? 23  ILE A C   1 
ATOM   192  O O   . ILE A 1 23  ? -9.948  3.513   -13.525 1.00 21.26 ? 23  ILE A O   1 
ATOM   193  C CB  . ILE A 1 23  ? -7.846  3.799   -11.300 1.00 40.93 ? 23  ILE A CB  1 
ATOM   194  C CG1 . ILE A 1 23  ? -6.976  4.362   -10.164 1.00 36.04 ? 23  ILE A CG1 1 
ATOM   195  C CG2 . ILE A 1 23  ? -6.916  3.088   -12.250 1.00 5.32  ? 23  ILE A CG2 1 
ATOM   196  C CD1 . ILE A 1 23  ? -7.215  5.827   -9.858  1.00 19.52 ? 23  ILE A CD1 1 
ATOM   197  N N   . ASN A 1 24  ? -8.301  4.803   -14.523 1.00 17.52 ? 24  ASN A N   1 
ATOM   198  C CA  . ASN A 1 24  ? -8.417  4.490   -15.941 1.00 24.26 ? 24  ASN A CA  1 
ATOM   199  C C   . ASN A 1 24  ? -8.266  2.999   -16.192 1.00 29.85 ? 24  ASN A C   1 
ATOM   200  O O   . ASN A 1 24  ? -7.297  2.420   -15.671 1.00 36.91 ? 24  ASN A O   1 
ATOM   201  C CB  . ASN A 1 24  ? -7.265  5.205   -16.686 1.00 27.96 ? 24  ASN A CB  1 
ATOM   202  C CG  . ASN A 1 24  ? -7.143  4.905   -18.180 1.00 18.85 ? 24  ASN A CG  1 
ATOM   203  O OD1 . ASN A 1 24  ? -6.459  3.973   -18.623 1.00 53.54 ? 24  ASN A OD1 1 
ATOM   204  N ND2 . ASN A 1 24  ? -7.798  5.751   -18.975 1.00 88.38 ? 24  ASN A ND2 1 
ATOM   205  N N   . VAL A 1 25  ? -9.127  2.452   -17.061 1.00 22.82 ? 25  VAL A N   1 
ATOM   206  C CA  . VAL A 1 25  ? -9.210  1.040   -17.475 1.00 31.04 ? 25  VAL A CA  1 
ATOM   207  C C   . VAL A 1 25  ? -7.891  0.376   -17.852 1.00 23.14 ? 25  VAL A C   1 
ATOM   208  O O   . VAL A 1 25  ? -7.645  -0.804  -17.572 1.00 33.27 ? 25  VAL A O   1 
ATOM   209  C CB  . VAL A 1 25  ? -10.122 0.785   -18.701 1.00 20.74 ? 25  VAL A CB  1 
ATOM   210  C CG1 . VAL A 1 25  ? -11.526 0.262   -18.429 1.00 21.98 ? 25  VAL A CG1 1 
ATOM   211  C CG2 . VAL A 1 25  ? -10.013 1.917   -19.708 1.00 22.25 ? 25  VAL A CG2 1 
ATOM   212  N N   . VAL A 1 26  ? -7.116  1.033   -18.684 1.00 19.21 ? 26  VAL A N   1 
ATOM   213  C CA  . VAL A 1 26  ? -5.895  0.371   -19.009 1.00 26.94 ? 26  VAL A CA  1 
ATOM   214  C C   . VAL A 1 26  ? -4.961  0.380   -17.814 1.00 12.49 ? 26  VAL A C   1 
ATOM   215  O O   . VAL A 1 26  ? -4.198  -0.554  -17.598 1.00 42.83 ? 26  VAL A O   1 
ATOM   216  C CB  . VAL A 1 26  ? -5.266  0.793   -20.337 1.00 40.79 ? 26  VAL A CB  1 
ATOM   217  C CG1 . VAL A 1 26  ? -6.340  1.178   -21.349 1.00 18.37 ? 26  VAL A CG1 1 
ATOM   218  C CG2 . VAL A 1 26  ? -4.286  1.933   -20.157 1.00 38.41 ? 26  VAL A CG2 1 
ATOM   219  N N   . LYS A 1 27  ? -5.028  1.442   -17.030 1.00 27.70 ? 27  LYS A N   1 
ATOM   220  C CA  . LYS A 1 27  ? -4.218  1.592   -15.840 1.00 9.01  ? 27  LYS A CA  1 
ATOM   221  C C   . LYS A 1 27  ? -4.717  0.596   -14.760 1.00 31.34 ? 27  LYS A C   1 
ATOM   222  O O   . LYS A 1 27  ? -3.974  0.054   -13.980 1.00 19.35 ? 27  LYS A O   1 
ATOM   223  C CB  . LYS A 1 27  ? -4.305  3.027   -15.357 1.00 25.51 ? 27  LYS A CB  1 
ATOM   224  C CG  . LYS A 1 27  ? -3.031  3.872   -15.428 1.00 38.86 ? 27  LYS A CG  1 
ATOM   225  C CD  . LYS A 1 27  ? -3.385  5.358   -15.373 1.00 68.59 ? 27  LYS A CD  1 
ATOM   226  C CE  . LYS A 1 27  ? -2.329  6.269   -14.794 1.00 47.29 ? 27  LYS A CE  1 
ATOM   227  N NZ  . LYS A 1 27  ? -2.896  7.301   -13.915 1.00 80.20 ? 27  LYS A NZ  1 
ATOM   228  N N   . ARG A 1 28  ? -6.012  0.303   -14.671 1.00 28.06 ? 28  ARG A N   1 
ATOM   229  C CA  . ARG A 1 28  ? -6.419  -0.693  -13.708 1.00 11.91 ? 28  ARG A CA  1 
ATOM   230  C C   . ARG A 1 28  ? -5.851  -2.028  -14.137 1.00 27.45 ? 28  ARG A C   1 
ATOM   231  O O   . ARG A 1 28  ? -5.305  -2.774  -13.333 1.00 45.19 ? 28  ARG A O   1 
ATOM   232  C CB  . ARG A 1 28  ? -7.924  -0.802  -13.587 1.00 1.24  ? 28  ARG A CB  1 
ATOM   233  C CG  . ARG A 1 28  ? -8.575  0.491   -13.110 1.00 6.48  ? 28  ARG A CG  1 
ATOM   234  C CD  . ARG A 1 28  ? -9.965  0.223   -12.599 1.00 7.91  ? 28  ARG A CD  1 
ATOM   235  N NE  . ARG A 1 28  ? -10.850 -0.347  -13.614 1.00 31.79 ? 28  ARG A NE  1 
ATOM   236  C CZ  . ARG A 1 28  ? -11.618 0.429   -14.424 1.00 16.29 ? 28  ARG A CZ  1 
ATOM   237  N NH1 . ARG A 1 28  ? -12.468 -0.073  -15.289 1.00 18.88 ? 28  ARG A NH1 1 
ATOM   238  N NH2 . ARG A 1 28  ? -11.514 1.745   -14.396 1.00 22.42 ? 28  ARG A NH2 1 
ATOM   239  N N   . LYS A 1 29  ? -6.049  -2.309  -15.434 1.00 27.01 ? 29  LYS A N   1 
ATOM   240  C CA  . LYS A 1 29  ? -5.674  -3.548  -16.051 1.00 9.06  ? 29  LYS A CA  1 
ATOM   241  C C   . LYS A 1 29  ? -4.198  -3.953  -15.891 1.00 43.18 ? 29  LYS A C   1 
ATOM   242  O O   . LYS A 1 29  ? -3.829  -5.145  -15.829 1.00 22.49 ? 29  LYS A O   1 
ATOM   243  C CB  . LYS A 1 29  ? -6.012  -3.565  -17.530 1.00 5.38  ? 29  LYS A CB  1 
ATOM   244  C CG  . LYS A 1 29  ? -6.116  -5.000  -18.033 1.00 28.68 ? 29  LYS A CG  1 
ATOM   245  C CD  . LYS A 1 29  ? -7.523  -5.427  -18.421 1.00 36.86 ? 29  LYS A CD  1 
ATOM   246  C CE  . LYS A 1 29  ? -8.330  -6.031  -17.286 1.00 68.54 ? 29  LYS A CE  1 
ATOM   247  N NZ  . LYS A 1 29  ? -8.034  -7.459  -16.992 1.00 62.38 ? 29  LYS A NZ  1 
ATOM   248  N N   . LEU A 1 30  ? -3.345  -2.965  -15.958 1.00 21.56 ? 30  LEU A N   1 
ATOM   249  C CA  . LEU A 1 30  ? -1.922  -3.129  -15.853 1.00 30.14 ? 30  LEU A CA  1 
ATOM   250  C C   . LEU A 1 30  ? -1.571  -3.208  -14.382 1.00 29.74 ? 30  LEU A C   1 
ATOM   251  O O   . LEU A 1 30  ? -0.620  -3.843  -14.003 1.00 36.88 ? 30  LEU A O   1 
ATOM   252  C CB  . LEU A 1 30  ? -1.242  -1.888  -16.440 1.00 22.69 ? 30  LEU A CB  1 
ATOM   253  C CG  . LEU A 1 30  ? -1.305  -1.724  -17.962 1.00 34.23 ? 30  LEU A CG  1 
ATOM   254  C CD1 . LEU A 1 30  ? -0.500  -0.495  -18.362 1.00 21.80 ? 30  LEU A CD1 1 
ATOM   255  C CD2 . LEU A 1 30  ? -0.715  -2.943  -18.640 1.00 30.22 ? 30  LEU A CD2 1 
ATOM   256  N N   . GLY A 1 31  ? -2.392  -2.565  -13.550 1.00 33.65 ? 31  GLY A N   1 
ATOM   257  C CA  . GLY A 1 31  ? -2.207  -2.491  -12.113 1.00 21.91 ? 31  GLY A CA  1 
ATOM   258  C C   . GLY A 1 31  ? -2.548  -3.801  -11.444 1.00 18.07 ? 31  GLY A C   1 
ATOM   259  O O   . GLY A 1 31  ? -1.999  -4.144  -10.408 1.00 10.99 ? 31  GLY A O   1 
ATOM   260  N N   . ALA A 1 32  ? -3.419  -4.565  -12.103 1.00 19.85 ? 32  ALA A N   1 
ATOM   261  C CA  . ALA A 1 32  ? -3.747  -5.911  -11.688 1.00 15.22 ? 32  ALA A CA  1 
ATOM   262  C C   . ALA A 1 32  ? -2.546  -6.885  -11.933 1.00 56.85 ? 32  ALA A C   1 
ATOM   263  O O   . ALA A 1 32  ? -2.413  -7.894  -11.250 1.00 11.78 ? 32  ALA A O   1 
ATOM   264  C CB  . ALA A 1 32  ? -5.058  -6.395  -12.323 1.00 7.27  ? 32  ALA A CB  1 
ATOM   265  N N   . HIS A 1 33  ? -1.630  -6.519  -12.848 1.00 35.52 ? 33  HIS A N   1 
ATOM   266  C CA  . HIS A 1 33  ? -0.489  -7.301  -13.300 1.00 23.44 ? 33  HIS A CA  1 
ATOM   267  C C   . HIS A 1 33  ? 0.897   -6.737  -12.950 1.00 4.75  ? 33  HIS A C   1 
ATOM   268  O O   . HIS A 1 33  ? 1.917   -7.104  -13.540 1.00 46.25 ? 33  HIS A O   1 
ATOM   269  C CB  . HIS A 1 33  ? -0.607  -7.320  -14.809 1.00 12.27 ? 33  HIS A CB  1 
ATOM   270  C CG  . HIS A 1 33  ? -1.716  -8.219  -15.035 1.00 21.34 ? 33  HIS A CG  1 
ATOM   271  N ND1 . HIS A 1 33  ? -2.974  -7.721  -15.267 1.00 39.15 ? 33  HIS A ND1 1 
ATOM   272  C CD2 . HIS A 1 33  ? -1.780  -9.554  -14.814 1.00 44.15 ? 33  HIS A CD2 1 
ATOM   273  C CE1 . HIS A 1 33  ? -3.754  -8.785  -15.261 1.00 59.94 ? 33  HIS A CE1 1 
ATOM   274  N NE2 . HIS A 1 33  ? -3.078  -9.899  -14.993 1.00 24.29 ? 33  HIS A NE2 1 
ATOM   275  N N   . ASP A 1 34  ? 0.903   -5.950  -11.887 1.00 20.50 ? 34  ASP A N   1 
ATOM   276  C CA  . ASP A 1 34  ? 1.976   -5.054  -11.516 1.00 20.28 ? 34  ASP A CA  1 
ATOM   277  C C   . ASP A 1 34  ? 3.268   -5.616  -10.971 1.00 29.58 ? 34  ASP A C   1 
ATOM   278  O O   . ASP A 1 34  ? 4.245   -4.877  -10.922 1.00 12.53 ? 34  ASP A O   1 
ATOM   279  C CB  . ASP A 1 34  ? 1.471   -3.872  -10.701 1.00 16.89 ? 34  ASP A CB  1 
ATOM   280  C CG  . ASP A 1 34  ? 1.156   -4.221  -9.282  1.00 18.97 ? 34  ASP A CG  1 
ATOM   281  O OD1 . ASP A 1 34  ? 1.085   -3.361  -8.415  1.00 26.66 ? 34  ASP A OD1 1 
ATOM   282  O OD2 . ASP A 1 34  ? 1.006   -5.512  -9.061  1.00 22.61 ? 34  ASP A OD2 1 
ATOM   283  N N   . ASN A 1 35  ? 3.249   -6.875  -10.548 1.00 38.49 ? 35  ASN A N   1 
ATOM   284  C CA  . ASN A 1 35  ? 4.442   -7.540  -10.042 1.00 15.14 ? 35  ASN A CA  1 
ATOM   285  C C   . ASN A 1 35  ? 5.047   -6.759  -8.886  1.00 33.27 ? 35  ASN A C   1 
ATOM   286  O O   . ASN A 1 35  ? 6.243   -6.489  -8.930  1.00 19.37 ? 35  ASN A O   1 
ATOM   287  C CB  . ASN A 1 35  ? 5.571   -7.567  -11.094 1.00 41.01 ? 35  ASN A CB  1 
ATOM   288  C CG  . ASN A 1 35  ? 5.380   -8.359  -12.374 1.00 24.60 ? 35  ASN A CG  1 
ATOM   289  O OD1 . ASN A 1 35  ? 6.378   -8.580  -13.079 1.00 71.33 ? 35  ASN A OD1 1 
ATOM   290  N ND2 . ASN A 1 35  ? 4.131   -8.690  -12.746 1.00 50.82 ? 35  ASN A ND2 1 
ATOM   291  N N   . LEU A 1 36  ? 4.211   -6.438  -7.902  1.00 18.81 ? 36  LEU A N   1 
ATOM   292  C CA  . LEU A 1 36  ? 4.608   -5.634  -6.814  1.00 44.29 ? 36  LEU A CA  1 
ATOM   293  C C   . LEU A 1 36  ? 5.388   -6.409  -5.769  1.00 9.45  ? 36  LEU A C   1 
ATOM   294  O O   . LEU A 1 36  ? 5.098   -7.561  -5.425  1.00 29.81 ? 36  LEU A O   1 
ATOM   295  C CB  . LEU A 1 36  ? 3.404   -4.840  -6.316  1.00 13.46 ? 36  LEU A CB  1 
ATOM   296  C CG  . LEU A 1 36  ? 3.589   -3.987  -5.068  1.00 13.53 ? 36  LEU A CG  1 
ATOM   297  C CD1 . LEU A 1 36  ? 4.259   -2.674  -5.406  1.00 14.45 ? 36  LEU A CD1 1 
ATOM   298  C CD2 . LEU A 1 36  ? 2.231   -3.754  -4.444  1.00 13.47 ? 36  LEU A CD2 1 
ATOM   299  N N   . LYS A 1 37  ? 6.384   -5.718  -5.283  1.00 14.31 ? 37  LYS A N   1 
ATOM   300  C CA  . LYS A 1 37  ? 7.293   -6.212  -4.302  1.00 22.92 ? 37  LYS A CA  1 
ATOM   301  C C   . LYS A 1 37  ? 7.718   -5.126  -3.384  1.00 19.07 ? 37  LYS A C   1 
ATOM   302  O O   . LYS A 1 37  ? 8.162   -4.085  -3.874  1.00 14.96 ? 37  LYS A O   1 
ATOM   303  C CB  . LYS A 1 37  ? 8.558   -6.584  -5.015  1.00 59.06 ? 37  LYS A CB  1 
ATOM   304  C CG  . LYS A 1 37  ? 9.423   -7.451  -4.153  1.00 47.48 ? 37  LYS A CG  1 
ATOM   305  C CD  . LYS A 1 37  ? 10.261  -8.302  -5.045  1.00 12.40 ? 37  LYS A CD  1 
ATOM   306  C CE  . LYS A 1 37  ? 11.292  -7.459  -5.777  1.00 4.29  ? 37  LYS A CE  1 
ATOM   307  N NZ  . LYS A 1 37  ? 12.255  -8.317  -6.468  1.00 42.05 ? 37  LYS A NZ  1 
ATOM   308  N N   . LEU A 1 38  ? 7.718   -5.459  -2.080  1.00 13.41 ? 38  LEU A N   1 
ATOM   309  C CA  . LEU A 1 38  ? 8.099   -4.559  -1.004  1.00 10.00 ? 38  LEU A CA  1 
ATOM   310  C C   . LEU A 1 38  ? 9.310   -5.162  -0.297  1.00 15.41 ? 38  LEU A C   1 
ATOM   311  O O   . LEU A 1 38  ? 9.396   -6.369  -0.124  1.00 33.85 ? 38  LEU A O   1 
ATOM   312  C CB  . LEU A 1 38  ? 6.983   -4.227  0.005   1.00 12.49 ? 38  LEU A CB  1 
ATOM   313  C CG  . LEU A 1 38  ? 5.640   -3.574  -0.417  1.00 10.62 ? 38  LEU A CG  1 
ATOM   314  C CD1 . LEU A 1 38  ? 5.653   -2.648  -1.651  1.00 12.36 ? 38  LEU A CD1 1 
ATOM   315  C CD2 . LEU A 1 38  ? 4.553   -4.621  -0.524  1.00 25.66 ? 38  LEU A CD2 1 
ATOM   316  N N   . THR A 1 39  ? 10.315  -4.319  -0.117  1.00 11.65 ? 39  THR A N   1 
ATOM   317  C CA  . THR A 1 39  ? 11.530  -4.620  0.593   1.00 13.46 ? 39  THR A CA  1 
ATOM   318  C C   . THR A 1 39  ? 11.524  -3.593  1.670   1.00 20.43 ? 39  THR A C   1 
ATOM   319  O O   . THR A 1 39  ? 11.728  -2.399  1.357   1.00 14.10 ? 39  THR A O   1 
ATOM   320  C CB  . THR A 1 39  ? 12.779  -4.454  -0.295  1.00 4.56  ? 39  THR A CB  1 
ATOM   321  O OG1 . THR A 1 39  ? 12.771  -5.426  -1.268  1.00 13.77 ? 39  THR A OG1 1 
ATOM   322  C CG2 . THR A 1 39  ? 14.059  -4.575  0.532   1.00 12.30 ? 39  THR A CG2 1 
ATOM   323  N N   . ILE A 1 40  ? 11.198  -4.099  2.862   1.00 20.97 ? 40  ILE A N   1 
ATOM   324  C CA  . ILE A 1 40  ? 10.967  -3.313  4.043   1.00 8.18  ? 40  ILE A CA  1 
ATOM   325  C C   . ILE A 1 40  ? 12.136  -3.336  5.013   1.00 35.99 ? 40  ILE A C   1 
ATOM   326  O O   . ILE A 1 40  ? 12.656  -4.411  5.295   1.00 19.05 ? 40  ILE A O   1 
ATOM   327  C CB  . ILE A 1 40  ? 9.652   -3.746  4.684   1.00 17.68 ? 40  ILE A CB  1 
ATOM   328  C CG1 . ILE A 1 40  ? 8.552   -3.751  3.637   1.00 6.94  ? 40  ILE A CG1 1 
ATOM   329  C CG2 . ILE A 1 40  ? 9.307   -2.849  5.884   1.00 19.88 ? 40  ILE A CG2 1 
ATOM   330  C CD1 . ILE A 1 40  ? 7.171   -4.060  4.202   1.00 35.59 ? 40  ILE A CD1 1 
ATOM   331  N N   . THR A 1 41  ? 12.566  -2.126  5.433   1.00 23.63 ? 41  THR A N   1 
ATOM   332  C CA  . THR A 1 41  ? 13.618  -1.918  6.419   1.00 19.89 ? 41  THR A CA  1 
ATOM   333  C C   . THR A 1 41  ? 13.195  -1.029  7.563   1.00 15.08 ? 41  THR A C   1 
ATOM   334  O O   . THR A 1 41  ? 12.942  0.143   7.373   1.00 31.00 ? 41  THR A O   1 
ATOM   335  C CB  . THR A 1 41  ? 14.888  -1.257  5.895   1.00 11.59 ? 41  THR A CB  1 
ATOM   336  O OG1 . THR A 1 41  ? 15.448  -1.981  4.841   1.00 41.44 ? 41  THR A OG1 1 
ATOM   337  C CG2 . THR A 1 41  ? 15.857  -1.218  7.082   1.00 40.09 ? 41  THR A CG2 1 
ATOM   338  N N   . GLN A 1 42  ? 13.254  -1.562  8.766   1.00 27.56 ? 42  GLN A N   1 
ATOM   339  C CA  . GLN A 1 42  ? 12.990  -0.736  9.909   1.00 11.67 ? 42  GLN A CA  1 
ATOM   340  C C   . GLN A 1 42  ? 14.277  -0.257  10.563  1.00 46.29 ? 42  GLN A C   1 
ATOM   341  O O   . GLN A 1 42  ? 15.164  -1.048  10.890  1.00 67.06 ? 42  GLN A O   1 
ATOM   342  C CB  . GLN A 1 42  ? 12.042  -1.385  10.887  1.00 8.88  ? 42  GLN A CB  1 
ATOM   343  C CG  . GLN A 1 42  ? 11.620  -0.372  11.969  1.00 51.20 ? 42  GLN A CG  1 
ATOM   344  C CD  . GLN A 1 42  ? 10.776  -1.003  13.054  1.00 79.16 ? 42  GLN A CD  1 
ATOM   345  O OE1 . GLN A 1 42  ? 10.599  -2.239  13.088  1.00 41.48 ? 42  GLN A OE1 1 
ATOM   346  N NE2 . GLN A 1 42  ? 10.246  -0.149  13.943  1.00 38.64 ? 42  GLN A NE2 1 
ATOM   347  N N   . GLU A 1 43  ? 14.395  1.059   10.657  1.00 26.35 ? 43  GLU A N   1 
ATOM   348  C CA  . GLU A 1 43  ? 15.531  1.722   11.243  1.00 10.16 ? 43  GLU A CA  1 
ATOM   349  C C   . GLU A 1 43  ? 15.073  2.576   12.415  1.00 20.86 ? 43  GLU A C   1 
ATOM   350  O O   . GLU A 1 43  ? 15.071  3.784   12.404  1.00 50.47 ? 43  GLU A O   1 
ATOM   351  C CB  . GLU A 1 43  ? 16.468  2.438   10.243  1.00 16.16 ? 43  GLU A CB  1 
ATOM   352  C CG  . GLU A 1 43  ? 17.009  1.482   9.132   1.00 26.95 ? 43  GLU A CG  1 
ATOM   353  C CD  . GLU A 1 43  ? 17.612  2.172   7.901   1.00 83.56 ? 43  GLU A CD  1 
ATOM   354  O OE1 . GLU A 1 43  ? 18.468  1.689   7.171   1.00 36.37 ? 43  GLU A OE1 1 
ATOM   355  O OE2 . GLU A 1 43  ? 17.082  3.353   7.651   1.00 85.25 ? 43  GLU A OE2 1 
ATOM   356  N N   . GLY A 1 44  ? 14.572  1.909   13.416  1.00 18.81 ? 44  GLY A N   1 
ATOM   357  C CA  . GLY A 1 44  ? 13.974  2.561   14.538  1.00 11.85 ? 44  GLY A CA  1 
ATOM   358  C C   . GLY A 1 44  ? 12.464  2.731   14.271  1.00 33.74 ? 44  GLY A C   1 
ATOM   359  O O   . GLY A 1 44  ? 11.689  1.794   14.085  1.00 19.89 ? 44  GLY A O   1 
ATOM   360  N N   . ASN A 1 45  ? 12.032  3.952   14.214  1.00 25.84 ? 45  ASN A N   1 
ATOM   361  C CA  . ASN A 1 45  ? 10.659  4.210   13.891  1.00 37.24 ? 45  ASN A CA  1 
ATOM   362  C C   . ASN A 1 45  ? 10.635  4.726   12.481  1.00 52.47 ? 45  ASN A C   1 
ATOM   363  O O   . ASN A 1 45  ? 9.588   5.070   11.969  1.00 19.84 ? 45  ASN A O   1 
ATOM   364  C CB  . ASN A 1 45  ? 10.037  5.232   14.844  1.00 41.02 ? 45  ASN A CB  1 
ATOM   365  C CG  . ASN A 1 45  ? 10.759  6.563   14.788  1.00 55.44 ? 45  ASN A CG  1 
ATOM   366  O OD1 . ASN A 1 45  ? 12.023  6.587   14.745  1.00 68.40 ? 45  ASN A OD1 1 
ATOM   367  N ND2 . ASN A 1 45  ? 9.971   7.671   14.798  1.00 82.27 ? 45  ASN A ND2 1 
ATOM   368  N N   . LYS A 1 46  ? 11.823  4.808   11.904  1.00 16.48 ? 46  LYS A N   1 
ATOM   369  C CA  . LYS A 1 46  ? 11.907  5.139   10.537  1.00 13.31 ? 46  LYS A CA  1 
ATOM   370  C C   . LYS A 1 46  ? 11.922  3.956   9.582   1.00 25.18 ? 46  LYS A C   1 
ATOM   371  O O   . LYS A 1 46  ? 12.845  3.143   9.574   1.00 35.44 ? 46  LYS A O   1 
ATOM   372  C CB  . LYS A 1 46  ? 12.997  6.105   10.201  1.00 11.32 ? 46  LYS A CB  1 
ATOM   373  C CG  . LYS A 1 46  ? 12.993  6.269   8.705   1.00 15.82 ? 46  LYS A CG  1 
ATOM   374  C CD  . LYS A 1 46  ? 14.195  7.016   8.156   1.00 50.02 ? 46  LYS A CD  1 
ATOM   375  C CE  . LYS A 1 46  ? 15.519  6.286   8.351   1.00 28.65 ? 46  LYS A CE  1 
ATOM   376  N NZ  . LYS A 1 46  ? 15.400  4.844   8.122   1.00 56.99 ? 46  LYS A NZ  1 
ATOM   377  N N   . PHE A 1 47  ? 10.886  3.868   8.778   1.00 38.92 ? 47  PHE A N   1 
ATOM   378  C CA  . PHE A 1 47  ? 10.678  2.783   7.822   1.00 1.00  ? 47  PHE A CA  1 
ATOM   379  C C   . PHE A 1 47  ? 10.995  3.226   6.390   1.00 9.65  ? 47  PHE A C   1 
ATOM   380  O O   . PHE A 1 47  ? 10.588  4.293   5.918   1.00 26.38 ? 47  PHE A O   1 
ATOM   381  C CB  . PHE A 1 47  ? 9.239   2.232   7.893   1.00 36.90 ? 47  PHE A CB  1 
ATOM   382  C CG  . PHE A 1 47  ? 8.790   1.351   9.075   1.00 18.38 ? 47  PHE A CG  1 
ATOM   383  C CD1 . PHE A 1 47  ? 8.423   0.015   8.876   1.00 27.01 ? 47  PHE A CD1 1 
ATOM   384  C CD2 . PHE A 1 47  ? 8.576   1.890   10.344  1.00 33.40 ? 47  PHE A CD2 1 
ATOM   385  C CE1 . PHE A 1 47  ? 7.968   -0.784  9.929   1.00 41.78 ? 47  PHE A CE1 1 
ATOM   386  C CE2 . PHE A 1 47  ? 8.094   1.118   11.415  1.00 10.88 ? 47  PHE A CE2 1 
ATOM   387  C CZ  . PHE A 1 47  ? 7.795   -0.217  11.189  1.00 20.89 ? 47  PHE A CZ  1 
ATOM   388  N N   . THR A 1 48  ? 11.693  2.364   5.664   1.00 18.90 ? 48  THR A N   1 
ATOM   389  C CA  . THR A 1 48  ? 12.010  2.563   4.273   1.00 13.20 ? 48  THR A CA  1 
ATOM   390  C C   . THR A 1 48  ? 11.387  1.401   3.564   1.00 31.11 ? 48  THR A C   1 
ATOM   391  O O   . THR A 1 48  ? 11.521  0.275   4.000   1.00 9.67  ? 48  THR A O   1 
ATOM   392  C CB  . THR A 1 48  ? 13.539  2.688   4.008   1.00 21.16 ? 48  THR A CB  1 
ATOM   393  O OG1 . THR A 1 48  ? 14.022  3.729   4.809   1.00 25.10 ? 48  THR A OG1 1 
ATOM   394  C CG2 . THR A 1 48  ? 13.904  3.008   2.548   1.00 10.62 ? 48  THR A CG2 1 
ATOM   395  N N   . VAL A 1 49  ? 10.577  1.670   2.575   1.00 29.32 ? 49  VAL A N   1 
ATOM   396  C CA  . VAL A 1 49  ? 9.993   0.592   1.780   1.00 21.36 ? 49  VAL A CA  1 
ATOM   397  C C   . VAL A 1 49  ? 10.377  0.737   0.320   1.00 14.60 ? 49  VAL A C   1 
ATOM   398  O O   . VAL A 1 49  ? 10.163  1.804   -0.266  1.00 41.37 ? 49  VAL A O   1 
ATOM   399  C CB  . VAL A 1 49  ? 8.535   0.160   2.049   1.00 28.50 ? 49  VAL A CB  1 
ATOM   400  C CG1 . VAL A 1 49  ? 7.837   0.925   3.179   1.00 17.08 ? 49  VAL A CG1 1 
ATOM   401  C CG2 . VAL A 1 49  ? 7.681   0.274   0.810   1.00 22.28 ? 49  VAL A CG2 1 
ATOM   402  N N   . LYS A 1 50  ? 11.138  -0.237  -0.212  1.00 15.76 ? 50  LYS A N   1 
ATOM   403  C CA  . LYS A 1 50  ? 11.561  -0.089  -1.558  1.00 13.55 ? 50  LYS A CA  1 
ATOM   404  C C   . LYS A 1 50  ? 10.371  -0.646  -2.266  1.00 50.28 ? 50  LYS A C   1 
ATOM   405  O O   . LYS A 1 50  ? 10.027  -1.795  -2.067  1.00 28.36 ? 50  LYS A O   1 
ATOM   406  C CB  . LYS A 1 50  ? 12.843  -0.839  -1.935  1.00 19.95 ? 50  LYS A CB  1 
ATOM   407  C CG  . LYS A 1 50  ? 13.552  -0.418  -3.231  1.00 63.29 ? 50  LYS A CG  1 
ATOM   408  C CD  . LYS A 1 50  ? 12.964  -0.943  -4.555  1.00 44.12 ? 50  LYS A CD  1 
ATOM   409  C CE  . LYS A 1 50  ? 12.481  0.172   -5.470  1.00 26.12 ? 50  LYS A CE  1 
ATOM   410  N NZ  . LYS A 1 50  ? 13.471  1.234   -5.728  1.00 33.24 ? 50  LYS A NZ  1 
ATOM   411  N N   . GLU A 1 51  ? 9.681   0.217   -2.972  1.00 33.54 ? 51  GLU A N   1 
ATOM   412  C CA  . GLU A 1 51  ? 8.540   -0.240  -3.655  1.00 22.07 ? 51  GLU A CA  1 
ATOM   413  C C   . GLU A 1 51  ? 8.874   -0.407  -5.141  1.00 27.45 ? 51  GLU A C   1 
ATOM   414  O O   . GLU A 1 51  ? 9.442   0.452   -5.821  1.00 32.27 ? 51  GLU A O   1 
ATOM   415  C CB  . GLU A 1 51  ? 7.312   0.629   -3.387  1.00 12.35 ? 51  GLU A CB  1 
ATOM   416  C CG  . GLU A 1 51  ? 6.227   0.146   -4.346  1.00 46.36 ? 51  GLU A CG  1 
ATOM   417  C CD  . GLU A 1 51  ? 5.259   1.193   -4.789  1.00 55.67 ? 51  GLU A CD  1 
ATOM   418  O OE1 . GLU A 1 51  ? 4.689   1.115   -5.856  1.00 69.63 ? 51  GLU A OE1 1 
ATOM   419  O OE2 . GLU A 1 51  ? 5.050   2.141   -3.894  1.00 21.60 ? 51  GLU A OE2 1 
ATOM   420  N N   . SER A 1 52  ? 8.674   -1.602  -5.639  1.00 26.17 ? 52  SER A N   1 
ATOM   421  C CA  . SER A 1 52  ? 9.119   -1.963  -6.955  1.00 13.84 ? 52  SER A CA  1 
ATOM   422  C C   . SER A 1 52  ? 7.995   -2.588  -7.770  1.00 7.84  ? 52  SER A C   1 
ATOM   423  O O   . SER A 1 52  ? 7.358   -3.519  -7.343  1.00 39.63 ? 52  SER A O   1 
ATOM   424  C CB  . SER A 1 52  ? 10.315  -2.907  -6.854  1.00 22.62 ? 52  SER A CB  1 
ATOM   425  O OG  . SER A 1 52  ? 10.817  -3.210  -8.129  1.00 30.68 ? 52  SER A OG  1 
ATOM   426  N N   . SER A 1 53  ? 7.671   -2.044  -8.932  1.00 49.62 ? 53  SER A N   1 
ATOM   427  C CA  . SER A 1 53  ? 6.561   -2.591  -9.694  1.00 22.46 ? 53  SER A CA  1 
ATOM   428  C C   . SER A 1 53  ? 6.863   -2.563  -11.197 1.00 50.97 ? 53  SER A C   1 
ATOM   429  O O   . SER A 1 53  ? 7.985   -2.266  -11.633 1.00 38.60 ? 53  SER A O   1 
ATOM   430  C CB  . SER A 1 53  ? 5.236   -1.887  -9.361  1.00 17.96 ? 53  SER A CB  1 
ATOM   431  O OG  . SER A 1 53  ? 5.354   -0.472  -9.413  1.00 22.61 ? 53  SER A OG  1 
ATOM   432  N N   . ASN A 1 54  ? 5.859   -2.892  -12.009 1.00 67.15 ? 54  ASN A N   1 
ATOM   433  C CA  . ASN A 1 54  ? 6.059   -2.810  -13.433 1.00 16.22 ? 54  ASN A CA  1 
ATOM   434  C C   . ASN A 1 54  ? 5.954   -1.332  -13.892 1.00 11.49 ? 54  ASN A C   1 
ATOM   435  O O   . ASN A 1 54  ? 6.497   -0.928  -14.923 1.00 53.05 ? 54  ASN A O   1 
ATOM   436  C CB  . ASN A 1 54  ? 5.176   -3.799  -14.247 1.00 31.00 ? 54  ASN A CB  1 
ATOM   437  C CG  . ASN A 1 54  ? 5.608   -5.282  -14.286 1.00 29.21 ? 54  ASN A CG  1 
ATOM   438  O OD1 . ASN A 1 54  ? 6.746   -5.690  -14.001 1.00 32.79 ? 54  ASN A OD1 1 
ATOM   439  N ND2 . ASN A 1 54  ? 4.680   -6.144  -14.662 1.00 18.55 ? 54  ASN A ND2 1 
ATOM   440  N N   . PHE A 1 55  ? 5.335   -0.491  -13.030 1.00 22.75 ? 55  PHE A N   1 
ATOM   441  C CA  . PHE A 1 55  ? 5.104   0.938   -13.247 1.00 21.94 ? 55  PHE A CA  1 
ATOM   442  C C   . PHE A 1 55  ? 6.247   1.742   -12.729 1.00 22.94 ? 55  PHE A C   1 
ATOM   443  O O   . PHE A 1 55  ? 6.538   2.824   -13.199 1.00 28.90 ? 55  PHE A O   1 
ATOM   444  C CB  . PHE A 1 55  ? 3.948   1.496   -12.401 1.00 13.53 ? 55  PHE A CB  1 
ATOM   445  C CG  . PHE A 1 55  ? 2.606   0.936   -12.730 1.00 26.26 ? 55  PHE A CG  1 
ATOM   446  C CD1 . PHE A 1 55  ? 1.961   1.287   -13.917 1.00 71.00 ? 55  PHE A CD1 1 
ATOM   447  C CD2 . PHE A 1 55  ? 1.961   0.078   -11.838 1.00 58.35 ? 55  PHE A CD2 1 
ATOM   448  C CE1 . PHE A 1 55  ? 0.686   0.807   -14.227 1.00 42.93 ? 55  PHE A CE1 1 
ATOM   449  C CE2 . PHE A 1 55  ? 0.692   -0.419  -12.146 1.00 71.93 ? 55  PHE A CE2 1 
ATOM   450  C CZ  . PHE A 1 55  ? 0.070   -0.062  -13.336 1.00 41.52 ? 55  PHE A CZ  1 
ATOM   451  N N   . ARG A 1 56  ? 6.762   1.300   -11.616 1.00 18.73 ? 56  ARG A N   1 
ATOM   452  C CA  . ARG A 1 56  ? 7.794   2.098   -10.976 1.00 51.46 ? 56  ARG A CA  1 
ATOM   453  C C   . ARG A 1 56  ? 8.681   1.381   -9.976  1.00 31.49 ? 56  ARG A C   1 
ATOM   454  O O   . ARG A 1 56  ? 8.461   0.247   -9.530  1.00 44.25 ? 56  ARG A O   1 
ATOM   455  C CB  . ARG A 1 56  ? 7.344   3.472   -10.436 1.00 30.48 ? 56  ARG A CB  1 
ATOM   456  C CG  . ARG A 1 56  ? 6.842   3.564   -8.970  1.00 30.92 ? 56  ARG A CG  1 
ATOM   457  C CD  . ARG A 1 56  ? 5.725   4.595   -8.929  1.00 12.82 ? 56  ARG A CD  1 
ATOM   458  N NE  . ARG A 1 56  ? 5.181   5.160   -7.684  1.00 19.81 ? 56  ARG A NE  1 
ATOM   459  C CZ  . ARG A 1 56  ? 4.614   4.549   -6.675  1.00 9.75  ? 56  ARG A CZ  1 
ATOM   460  N NH1 . ARG A 1 56  ? 4.065   5.248   -5.686  1.00 25.06 ? 56  ARG A NH1 1 
ATOM   461  N NH2 . ARG A 1 56  ? 4.652   3.242   -6.605  1.00 72.19 ? 56  ARG A NH2 1 
ATOM   462  N N   . ASN A 1 57  ? 9.685   2.137   -9.628  1.00 20.60 ? 57  ASN A N   1 
ATOM   463  C CA  . ASN A 1 57  ? 10.705  1.741   -8.693  1.00 42.05 ? 57  ASN A CA  1 
ATOM   464  C C   . ASN A 1 57  ? 11.001  2.838   -7.651  1.00 37.90 ? 57  ASN A C   1 
ATOM   465  O O   . ASN A 1 57  ? 11.808  3.755   -7.880  1.00 22.43 ? 57  ASN A O   1 
ATOM   466  C CB  . ASN A 1 57  ? 11.924  1.388   -9.516  1.00 30.62 ? 57  ASN A CB  1 
ATOM   467  C CG  . ASN A 1 57  ? 12.693  0.296   -8.905  1.00 34.11 ? 57  ASN A CG  1 
ATOM   468  O OD1 . ASN A 1 57  ? 13.520  0.580   -8.025  1.00 88.73 ? 57  ASN A OD1 1 
ATOM   469  N ND2 . ASN A 1 57  ? 12.417  -0.955  -9.326  1.00 32.55 ? 57  ASN A ND2 1 
ATOM   470  N N   . ILE A 1 58  ? 10.351  2.747   -6.500  1.00 22.27 ? 58  ILE A N   1 
ATOM   471  C CA  . ILE A 1 58  ? 10.459  3.809   -5.518  1.00 33.44 ? 58  ILE A CA  1 
ATOM   472  C C   . ILE A 1 58  ? 10.887  3.451   -4.073  1.00 34.85 ? 58  ILE A C   1 
ATOM   473  O O   . ILE A 1 58  ? 10.474  2.466   -3.492  1.00 23.02 ? 58  ILE A O   1 
ATOM   474  C CB  . ILE A 1 58  ? 9.089   4.512   -5.550  1.00 36.21 ? 58  ILE A CB  1 
ATOM   475  C CG1 . ILE A 1 58  ? 9.215   5.980   -5.867  1.00 44.89 ? 58  ILE A CG1 1 
ATOM   476  C CG2 . ILE A 1 58  ? 8.176   4.193   -4.380  1.00 27.75 ? 58  ILE A CG2 1 
ATOM   477  C CD1 . ILE A 1 58  ? 9.659   6.171   -7.317  1.00 30.90 ? 58  ILE A CD1 1 
ATOM   478  N N   . ASP A 1 59  ? 11.612  4.352   -3.411  1.00 19.38 ? 59  ASP A N   1 
ATOM   479  C CA  . ASP A 1 59  ? 11.893  4.096   -2.021  1.00 19.26 ? 59  ASP A CA  1 
ATOM   480  C C   . ASP A 1 59  ? 11.002  4.940   -1.183  1.00 16.52 ? 59  ASP A C   1 
ATOM   481  O O   . ASP A 1 59  ? 11.104  6.140   -1.181  1.00 33.88 ? 59  ASP A O   1 
ATOM   482  C CB  . ASP A 1 59  ? 13.314  4.423   -1.626  1.00 26.75 ? 59  ASP A CB  1 
ATOM   483  C CG  . ASP A 1 59  ? 14.309  3.558   -2.374  1.00 40.70 ? 59  ASP A CG  1 
ATOM   484  O OD1 . ASP A 1 59  ? 14.064  2.536   -2.951  1.00 40.59 ? 59  ASP A OD1 1 
ATOM   485  O OD2 . ASP A 1 59  ? 15.509  4.037   -2.354  1.00 45.57 ? 59  ASP A OD2 1 
ATOM   486  N N   . VAL A 1 60  ? 10.135  4.301   -0.439  1.00 46.41 ? 60  VAL A N   1 
ATOM   487  C CA  . VAL A 1 60  ? 9.231   5.030   0.411   1.00 42.80 ? 60  VAL A CA  1 
ATOM   488  C C   . VAL A 1 60  ? 9.804   5.128   1.808   1.00 18.26 ? 60  VAL A C   1 
ATOM   489  O O   . VAL A 1 60  ? 9.837   4.161   2.517   1.00 29.47 ? 60  VAL A O   1 
ATOM   490  C CB  . VAL A 1 60  ? 7.812   4.409   0.484   1.00 48.47 ? 60  VAL A CB  1 
ATOM   491  C CG1 . VAL A 1 60  ? 6.870   5.323   1.287   1.00 25.37 ? 60  VAL A CG1 1 
ATOM   492  C CG2 . VAL A 1 60  ? 7.249   4.110   -0.902  1.00 20.05 ? 60  VAL A CG2 1 
ATOM   493  N N   . VAL A 1 61  ? 10.148  6.321   2.234   1.00 23.95 ? 61  VAL A N   1 
ATOM   494  C CA  . VAL A 1 61  ? 10.536  6.564   3.585   1.00 30.52 ? 61  VAL A CA  1 
ATOM   495  C C   . VAL A 1 61  ? 9.506   7.287   4.457   1.00 20.94 ? 61  VAL A C   1 
ATOM   496  O O   . VAL A 1 61  ? 8.784   8.191   4.024   1.00 32.44 ? 61  VAL A O   1 
ATOM   497  C CB  . VAL A 1 61  ? 12.029  6.628   3.876   1.00 15.28 ? 61  VAL A CB  1 
ATOM   498  C CG1 . VAL A 1 61  ? 12.797  7.206   2.699   1.00 19.44 ? 61  VAL A CG1 1 
ATOM   499  C CG2 . VAL A 1 61  ? 12.343  7.397   5.128   1.00 10.09 ? 61  VAL A CG2 1 
ATOM   500  N N   . PHE A 1 62  ? 9.283   6.772   5.657   1.00 19.91 ? 62  PHE A N   1 
ATOM   501  C CA  . PHE A 1 62  ? 8.275   7.336   6.556   1.00 44.46 ? 62  PHE A CA  1 
ATOM   502  C C   . PHE A 1 62  ? 8.614   7.112   8.022   1.00 35.27 ? 62  PHE A C   1 
ATOM   503  O O   . PHE A 1 62  ? 9.161   6.076   8.351   1.00 15.51 ? 62  PHE A O   1 
ATOM   504  C CB  . PHE A 1 62  ? 6.839   6.847   6.212   1.00 11.93 ? 62  PHE A CB  1 
ATOM   505  C CG  . PHE A 1 62  ? 6.553   5.371   6.416   1.00 13.86 ? 62  PHE A CG  1 
ATOM   506  C CD1 . PHE A 1 62  ? 6.629   4.466   5.349   1.00 22.06 ? 62  PHE A CD1 1 
ATOM   507  C CD2 . PHE A 1 62  ? 6.093   4.890   7.645   1.00 12.71 ? 62  PHE A CD2 1 
ATOM   508  C CE1 . PHE A 1 62  ? 6.292   3.115   5.502   1.00 13.33 ? 62  PHE A CE1 1 
ATOM   509  C CE2 . PHE A 1 62  ? 5.810   3.538   7.825   1.00 6.86  ? 62  PHE A CE2 1 
ATOM   510  C CZ  . PHE A 1 62  ? 5.832   2.667   6.736   1.00 6.46  ? 62  PHE A CZ  1 
ATOM   511  N N   . GLU A 1 63  ? 8.312   8.075   8.901   1.00 32.67 ? 63  GLU A N   1 
ATOM   512  C CA  . GLU A 1 63  ? 8.472   7.801   10.325  1.00 16.18 ? 63  GLU A CA  1 
ATOM   513  C C   . GLU A 1 63  ? 7.140   7.686   10.982  1.00 27.63 ? 63  GLU A C   1 
ATOM   514  O O   . GLU A 1 63  ? 6.257   8.506   10.729  1.00 20.91 ? 63  GLU A O   1 
ATOM   515  C CB  . GLU A 1 63  ? 9.428   8.669   11.131  1.00 12.48 ? 63  GLU A CB  1 
ATOM   516  C CG  . GLU A 1 63  ? 10.393  9.529   10.324  1.00 31.61 ? 63  GLU A CG  1 
ATOM   517  C CD  . GLU A 1 63  ? 10.334  10.831  11.000  1.00 48.18 ? 63  GLU A CD  1 
ATOM   518  O OE1 . GLU A 1 63  ? 10.189  11.888  10.411  1.00 75.78 ? 63  GLU A OE1 1 
ATOM   519  O OE2 . GLU A 1 63  ? 10.162  10.676  12.296  1.00 51.44 ? 63  GLU A OE2 1 
ATOM   520  N N   . LEU A 1 64  ? 7.003   6.592   11.712  1.00 17.94 ? 64  LEU A N   1 
ATOM   521  C CA  . LEU A 1 64  ? 5.766   6.293   12.374  1.00 12.74 ? 64  LEU A CA  1 
ATOM   522  C C   . LEU A 1 64  ? 5.120   7.514   13.061  1.00 25.70 ? 64  LEU A C   1 
ATOM   523  O O   . LEU A 1 64  ? 5.729   8.154   13.914  1.00 13.81 ? 64  LEU A O   1 
ATOM   524  C CB  . LEU A 1 64  ? 5.901   5.173   13.410  1.00 29.30 ? 64  LEU A CB  1 
ATOM   525  C CG  . LEU A 1 64  ? 6.226   3.787   12.868  1.00 17.28 ? 64  LEU A CG  1 
ATOM   526  C CD1 . LEU A 1 64  ? 6.510   2.931   14.088  1.00 12.70 ? 64  LEU A CD1 1 
ATOM   527  C CD2 . LEU A 1 64  ? 5.044   3.170   12.172  1.00 19.13 ? 64  LEU A CD2 1 
ATOM   528  N N   . GLY A 1 65  ? 3.809   7.769   12.757  1.00 21.63 ? 65  GLY A N   1 
ATOM   529  C CA  . GLY A 1 65  ? 3.166   8.877   13.396  1.00 1.00  ? 65  GLY A CA  1 
ATOM   530  C C   . GLY A 1 65  ? 3.432   10.288  12.783  1.00 21.63 ? 65  GLY A C   1 
ATOM   531  O O   . GLY A 1 65  ? 2.826   11.291  13.208  1.00 30.99 ? 65  GLY A O   1 
ATOM   532  N N   . VAL A 1 66  ? 4.271   10.394  11.759  1.00 31.77 ? 66  VAL A N   1 
ATOM   533  C CA  . VAL A 1 66  ? 4.489   11.686  11.125  1.00 15.96 ? 66  VAL A CA  1 
ATOM   534  C C   . VAL A 1 66  ? 3.968   11.756  9.691   1.00 8.12  ? 66  VAL A C   1 
ATOM   535  O O   . VAL A 1 66  ? 4.172   10.828  8.904   1.00 13.61 ? 66  VAL A O   1 
ATOM   536  C CB  . VAL A 1 66  ? 5.818   12.391  11.452  1.00 13.87 ? 66  VAL A CB  1 
ATOM   537  C CG1 . VAL A 1 66  ? 6.821   11.490  12.144  1.00 22.46 ? 66  VAL A CG1 1 
ATOM   538  C CG2 . VAL A 1 66  ? 6.488   13.026  10.242  1.00 16.56 ? 66  VAL A CG2 1 
ATOM   539  N N   . ASP A 1 67  ? 3.105   12.727  9.412   1.00 39.19 ? 67  ASP A N   1 
ATOM   540  C CA  . ASP A 1 67  ? 2.471   12.747  8.101   1.00 13.72 ? 67  ASP A CA  1 
ATOM   541  C C   . ASP A 1 67  ? 3.478   12.866  6.999   1.00 14.91 ? 67  ASP A C   1 
ATOM   542  O O   . ASP A 1 67  ? 4.392   13.678  7.050   1.00 23.33 ? 67  ASP A O   1 
ATOM   543  C CB  . ASP A 1 67  ? 1.446   13.870  7.829   1.00 45.50 ? 67  ASP A CB  1 
ATOM   544  C CG  . ASP A 1 67  ? 0.524   14.243  8.928   1.00 28.98 ? 67  ASP A CG  1 
ATOM   545  O OD1 . ASP A 1 67  ? 0.319   15.409  9.237   1.00 35.99 ? 67  ASP A OD1 1 
ATOM   546  O OD2 . ASP A 1 67  ? -0.075  13.215  9.441   1.00 37.48 ? 67  ASP A OD2 1 
ATOM   547  N N   . PHE A 1 68  ? 3.224   12.105  5.951   1.00 20.23 ? 68  PHE A N   1 
ATOM   548  C CA  . PHE A 1 68  ? 4.014   12.205  4.772   1.00 11.55 ? 68  PHE A CA  1 
ATOM   549  C C   . PHE A 1 68  ? 3.093   12.228  3.539   1.00 28.40 ? 68  PHE A C   1 
ATOM   550  O O   . PHE A 1 68  ? 1.899   11.918  3.558   1.00 20.55 ? 68  PHE A O   1 
ATOM   551  C CB  . PHE A 1 68  ? 5.185   11.161  4.718   1.00 4.45  ? 68  PHE A CB  1 
ATOM   552  C CG  . PHE A 1 68  ? 4.661   9.767   4.598   1.00 7.21  ? 68  PHE A CG  1 
ATOM   553  C CD1 . PHE A 1 68  ? 4.602   9.113   3.370   1.00 22.57 ? 68  PHE A CD1 1 
ATOM   554  C CD2 . PHE A 1 68  ? 4.201   9.106   5.725   1.00 23.52 ? 68  PHE A CD2 1 
ATOM   555  C CE1 . PHE A 1 68  ? 4.025   7.844   3.256   1.00 4.27  ? 68  PHE A CE1 1 
ATOM   556  C CE2 . PHE A 1 68  ? 3.437   7.945   5.590   1.00 10.33 ? 68  PHE A CE2 1 
ATOM   557  C CZ  . PHE A 1 68  ? 3.397   7.287   4.362   1.00 11.12 ? 68  PHE A CZ  1 
ATOM   558  N N   . ALA A 1 69  ? 3.664   12.694  2.455   1.00 27.52 ? 69  ALA A N   1 
ATOM   559  C CA  . ALA A 1 69  ? 3.013   12.715  1.178   1.00 31.87 ? 69  ALA A CA  1 
ATOM   560  C C   . ALA A 1 69  ? 3.446   11.478  0.311   1.00 34.17 ? 69  ALA A C   1 
ATOM   561  O O   . ALA A 1 69  ? 4.607   11.037  0.241   1.00 22.99 ? 69  ALA A O   1 
ATOM   562  C CB  . ALA A 1 69  ? 3.362   14.039  0.555   1.00 11.03 ? 69  ALA A CB  1 
ATOM   563  N N   . TYR A 1 70  ? 2.480   10.790  -0.245  1.00 19.79 ? 70  TYR A N   1 
ATOM   564  C CA  . TYR A 1 70  ? 2.679   9.593   -1.039  1.00 12.77 ? 70  TYR A CA  1 
ATOM   565  C C   . TYR A 1 70  ? 1.880   9.766   -2.345  1.00 17.16 ? 70  TYR A C   1 
ATOM   566  O O   . TYR A 1 70  ? 0.784   10.289  -2.276  1.00 26.85 ? 70  TYR A O   1 
ATOM   567  C CB  . TYR A 1 70  ? 2.128   8.383   -0.216  1.00 28.46 ? 70  TYR A CB  1 
ATOM   568  C CG  . TYR A 1 70  ? 2.164   7.153   -1.062  1.00 32.39 ? 70  TYR A CG  1 
ATOM   569  C CD1 . TYR A 1 70  ? 1.007   6.598   -1.580  1.00 31.04 ? 70  TYR A CD1 1 
ATOM   570  C CD2 . TYR A 1 70  ? 3.407   6.721   -1.551  1.00 17.31 ? 70  TYR A CD2 1 
ATOM   571  C CE1 . TYR A 1 70  ? 1.084   5.516   -2.472  1.00 25.55 ? 70  TYR A CE1 1 
ATOM   572  C CE2 . TYR A 1 70  ? 3.505   5.663   -2.434  1.00 20.21 ? 70  TYR A CE2 1 
ATOM   573  C CZ  . TYR A 1 70  ? 2.323   5.036   -2.856  1.00 22.36 ? 70  TYR A CZ  1 
ATOM   574  O OH  . TYR A 1 70  ? 2.405   3.973   -3.719  1.00 35.99 ? 70  TYR A OH  1 
ATOM   575  N N   . SER A 1 71  ? 2.398   9.341   -3.515  1.00 22.39 ? 71  SER A N   1 
ATOM   576  C CA  . SER A 1 71  ? 1.713   9.397   -4.833  1.00 32.34 ? 71  SER A CA  1 
ATOM   577  C C   . SER A 1 71  ? 1.425   7.972   -5.277  1.00 33.08 ? 71  SER A C   1 
ATOM   578  O O   . SER A 1 71  ? 2.312   7.120   -5.282  1.00 28.13 ? 71  SER A O   1 
ATOM   579  C CB  . SER A 1 71  ? 2.550   10.027  -5.953  1.00 20.38 ? 71  SER A CB  1 
ATOM   580  O OG  . SER A 1 71  ? 3.127   11.283  -5.620  1.00 33.37 ? 71  SER A OG  1 
ATOM   581  N N   . LEU A 1 72  ? 0.225   7.679   -5.725  1.00 47.38 ? 72  LEU A N   1 
ATOM   582  C CA  . LEU A 1 72  ? 0.006   6.323   -6.162  1.00 17.34 ? 72  LEU A CA  1 
ATOM   583  C C   . LEU A 1 72  ? 0.702   6.136   -7.497  1.00 24.62 ? 72  LEU A C   1 
ATOM   584  O O   . LEU A 1 72  ? 1.162   7.128   -8.052  1.00 21.45 ? 72  LEU A O   1 
ATOM   585  C CB  . LEU A 1 72  ? -1.475  5.890   -6.176  1.00 37.83 ? 72  LEU A CB  1 
ATOM   586  C CG  . LEU A 1 72  ? -2.223  5.861   -4.805  1.00 13.35 ? 72  LEU A CG  1 
ATOM   587  C CD1 . LEU A 1 72  ? -1.801  4.733   -3.876  1.00 37.04 ? 72  LEU A CD1 1 
ATOM   588  C CD2 . LEU A 1 72  ? -2.205  7.211   -4.096  1.00 38.95 ? 72  LEU A CD2 1 
ATOM   589  N N   . ALA A 1 73  ? 0.861   4.898   -7.987  1.00 29.81 ? 73  ALA A N   1 
ATOM   590  C CA  . ALA A 1 73  ? 1.442   4.770   -9.297  1.00 17.66 ? 73  ALA A CA  1 
ATOM   591  C C   . ALA A 1 73  ? 0.317   4.815   -10.251 1.00 36.64 ? 73  ALA A C   1 
ATOM   592  O O   . ALA A 1 73  ? -0.310  3.811   -10.576 1.00 77.41 ? 73  ALA A O   1 
ATOM   593  C CB  . ALA A 1 73  ? 2.337   3.558   -9.500  1.00 45.06 ? 73  ALA A CB  1 
ATOM   594  N N   . ASP A 1 74  ? -0.063  6.030   -10.478 1.00 18.53 ? 74  ASP A N   1 
ATOM   595  C CA  . ASP A 1 74  ? -1.165  6.378   -11.318 1.00 37.93 ? 74  ASP A CA  1 
ATOM   596  C C   . ASP A 1 74  ? -1.242  7.860   -11.084 1.00 43.62 ? 74  ASP A C   1 
ATOM   597  O O   . ASP A 1 74  ? -1.858  8.637   -11.845 1.00 90.40 ? 74  ASP A O   1 
ATOM   598  C CB  . ASP A 1 74  ? -2.498  5.654   -10.982 1.00 41.71 ? 74  ASP A CB  1 
ATOM   599  C CG  . ASP A 1 74  ? -3.460  6.590   -10.309 1.00 50.96 ? 74  ASP A CG  1 
ATOM   600  O OD1 . ASP A 1 74  ? -3.541  6.665   -9.108  1.00 47.05 ? 74  ASP A OD1 1 
ATOM   601  O OD2 . ASP A 1 74  ? -4.195  7.314   -11.153 1.00 58.41 ? 74  ASP A OD2 1 
ATOM   602  N N   . GLY A 1 75  ? -0.498  8.240   -10.055 1.00 34.28 ? 75  GLY A N   1 
ATOM   603  C CA  . GLY A 1 75  ? -0.397  9.637   -9.770  1.00 21.42 ? 75  GLY A CA  1 
ATOM   604  C C   . GLY A 1 75  ? -1.398  10.128  -8.762  1.00 12.99 ? 75  GLY A C   1 
ATOM   605  O O   . GLY A 1 75  ? -1.356  11.304  -8.394  1.00 86.38 ? 75  GLY A O   1 
ATOM   606  N N   . THR A 1 76  ? -2.254  9.245   -8.270  1.00 20.93 ? 76  THR A N   1 
ATOM   607  C CA  . THR A 1 76  ? -3.049  9.757   -7.206  1.00 19.27 ? 76  THR A CA  1 
ATOM   608  C C   . THR A 1 76  ? -2.236  10.210  -6.005  1.00 24.66 ? 76  THR A C   1 
ATOM   609  O O   . THR A 1 76  ? -1.379  9.486   -5.510  1.00 18.32 ? 76  THR A O   1 
ATOM   610  C CB  . THR A 1 76  ? -4.568  9.544   -7.075  1.00 22.68 ? 76  THR A CB  1 
ATOM   611  O OG1 . THR A 1 76  ? -4.904  9.799   -5.729  1.00 45.17 ? 76  THR A OG1 1 
ATOM   612  C CG2 . THR A 1 76  ? -5.011  8.139   -7.402  1.00 16.78 ? 76  THR A CG2 1 
ATOM   613  N N   . GLU A 1 77  ? -2.375  11.460  -5.623  1.00 40.54 ? 77  GLU A N   1 
ATOM   614  C CA  . GLU A 1 77  ? -1.578  11.914  -4.506  1.00 37.49 ? 77  GLU A CA  1 
ATOM   615  C C   . GLU A 1 77  ? -2.318  11.764  -3.193  1.00 59.66 ? 77  GLU A C   1 
ATOM   616  O O   . GLU A 1 77  ? -3.537  11.958  -3.130  1.00 10.63 ? 77  GLU A O   1 
ATOM   617  C CB  . GLU A 1 77  ? -0.994  13.332  -4.656  1.00 33.01 ? 77  GLU A CB  1 
ATOM   618  C CG  . GLU A 1 77  ? 0.050   13.523  -5.760  1.00 17.78 ? 77  GLU A CG  1 
ATOM   619  C CD  . GLU A 1 77  ? 0.394   14.968  -5.694  1.00 43.72 ? 77  GLU A CD  1 
ATOM   620  O OE1 . GLU A 1 77  ? -0.463  15.828  -5.689  1.00 55.09 ? 77  GLU A OE1 1 
ATOM   621  O OE2 . GLU A 1 77  ? 1.660   15.180  -5.406  1.00 75.68 ? 77  GLU A OE2 1 
ATOM   622  N N   . LEU A 1 78  ? -1.579  11.384  -2.144  1.00 5.04  ? 78  LEU A N   1 
ATOM   623  C CA  . LEU A 1 78  ? -2.202  11.141  -0.859  1.00 7.98  ? 78  LEU A CA  1 
ATOM   624  C C   . LEU A 1 78  ? -1.378  11.729  0.244   1.00 18.90 ? 78  LEU A C   1 
ATOM   625  O O   . LEU A 1 78  ? -0.148  11.812  0.157   1.00 13.05 ? 78  LEU A O   1 
ATOM   626  C CB  . LEU A 1 78  ? -2.321  9.634   -0.576  1.00 4.94  ? 78  LEU A CB  1 
ATOM   627  C CG  . LEU A 1 78  ? -3.058  8.726   -1.516  1.00 11.23 ? 78  LEU A CG  1 
ATOM   628  C CD1 . LEU A 1 78  ? -2.885  7.388   -0.829  1.00 15.34 ? 78  LEU A CD1 1 
ATOM   629  C CD2 . LEU A 1 78  ? -4.565  9.046   -1.562  1.00 16.84 ? 78  LEU A CD2 1 
ATOM   630  N N   . THR A 1 79  ? -1.992  12.020  1.342   1.00 13.19 ? 79  THR A N   1 
ATOM   631  C CA  . THR A 1 79  ? -1.169  12.571  2.409   1.00 21.93 ? 79  THR A CA  1 
ATOM   632  C C   . THR A 1 79  ? -1.565  11.844  3.705   1.00 15.33 ? 79  THR A C   1 
ATOM   633  O O   . THR A 1 79  ? -2.721  11.545  3.922   1.00 22.22 ? 79  THR A O   1 
ATOM   634  C CB  . THR A 1 79  ? -1.384  14.131  2.377   1.00 10.59 ? 79  THR A CB  1 
ATOM   635  O OG1 . THR A 1 79  ? -0.216  14.867  2.016   1.00 31.52 ? 79  THR A OG1 1 
ATOM   636  C CG2 . THR A 1 79  ? -1.937  14.710  3.626   1.00 13.57 ? 79  THR A CG2 1 
ATOM   637  N N   . GLY A 1 80  ? -0.666  11.511  4.613   1.00 20.82 ? 80  GLY A N   1 
ATOM   638  C CA  . GLY A 1 80  ? -1.193  10.856  5.817   1.00 13.27 ? 80  GLY A CA  1 
ATOM   639  C C   . GLY A 1 80  ? -0.154  10.204  6.719   1.00 9.48  ? 80  GLY A C   1 
ATOM   640  O O   . GLY A 1 80  ? 1.006   10.547  6.654   1.00 14.06 ? 80  GLY A O   1 
ATOM   641  N N   . THR A 1 81  ? -0.608  9.346   7.631   1.00 12.95 ? 81  THR A N   1 
ATOM   642  C CA  . THR A 1 81  ? 0.234   8.654   8.625   1.00 35.22 ? 81  THR A CA  1 
ATOM   643  C C   . THR A 1 81  ? 0.079   7.141   8.579   1.00 2.65  ? 81  THR A C   1 
ATOM   644  O O   . THR A 1 81  ? -0.991  6.647   8.200   1.00 12.95 ? 81  THR A O   1 
ATOM   645  C CB  . THR A 1 81  ? -0.027  9.128   10.092  1.00 17.45 ? 81  THR A CB  1 
ATOM   646  O OG1 . THR A 1 81  ? -1.415  9.312   10.346  1.00 37.22 ? 81  THR A OG1 1 
ATOM   647  C CG2 . THR A 1 81  ? 0.748   10.378  10.442  1.00 36.89 ? 81  THR A CG2 1 
ATOM   648  N N   . TRP A 1 82  ? 1.161   6.489   9.044   1.00 16.17 ? 82  TRP A N   1 
ATOM   649  C CA  . TRP A 1 82  ? 1.242   5.112   9.449   1.00 14.04 ? 82  TRP A CA  1 
ATOM   650  C C   . TRP A 1 82  ? 1.620   5.141   10.939  1.00 7.22  ? 82  TRP A C   1 
ATOM   651  O O   . TRP A 1 82  ? 2.442   5.937   11.394  1.00 13.09 ? 82  TRP A O   1 
ATOM   652  C CB  . TRP A 1 82  ? 2.233   4.193   8.699   1.00 24.52 ? 82  TRP A CB  1 
ATOM   653  C CG  . TRP A 1 82  ? 1.964   3.754   7.277   1.00 20.67 ? 82  TRP A CG  1 
ATOM   654  C CD1 . TRP A 1 82  ? 2.611   4.260   6.200   1.00 9.77  ? 82  TRP A CD1 1 
ATOM   655  C CD2 . TRP A 1 82  ? 1.190   2.623   6.786   1.00 21.51 ? 82  TRP A CD2 1 
ATOM   656  N NE1 . TRP A 1 82  ? 2.258   3.577   5.071   1.00 19.67 ? 82  TRP A NE1 1 
ATOM   657  C CE2 . TRP A 1 82  ? 1.384   2.574   5.393   1.00 13.16 ? 82  TRP A CE2 1 
ATOM   658  C CE3 . TRP A 1 82  ? 0.321   1.693   7.345   1.00 15.21 ? 82  TRP A CE3 1 
ATOM   659  C CZ2 . TRP A 1 82  ? 0.739   1.655   4.581   1.00 1.00  ? 82  TRP A CZ2 1 
ATOM   660  C CZ3 . TRP A 1 82  ? -0.271  0.734   6.526   1.00 8.61  ? 82  TRP A CZ3 1 
ATOM   661  C CH2 . TRP A 1 82  ? -0.056  0.698   5.170   1.00 15.53 ? 82  TRP A CH2 1 
ATOM   662  N N   . THR A 1 83  ? 0.806   4.414   11.702  1.00 44.45 ? 83  THR A N   1 
ATOM   663  C CA  . THR A 1 83  ? 0.964   4.153   13.118  1.00 26.09 ? 83  THR A CA  1 
ATOM   664  C C   . THR A 1 83  ? 0.936   2.663   13.269  1.00 27.49 ? 83  THR A C   1 
ATOM   665  O O   . THR A 1 83  ? 0.259   1.939   12.517  1.00 19.01 ? 83  THR A O   1 
ATOM   666  C CB  . THR A 1 83  ? -0.218  4.559   13.996  1.00 12.95 ? 83  THR A CB  1 
ATOM   667  O OG1 . THR A 1 83  ? -1.428  4.321   13.332  1.00 45.81 ? 83  THR A OG1 1 
ATOM   668  C CG2 . THR A 1 83  ? -0.107  5.951   14.586  1.00 24.57 ? 83  THR A CG2 1 
ATOM   669  N N   . MET A 1 84  ? 1.563   2.219   14.328  1.00 45.17 ? 84  MET A N   1 
ATOM   670  C CA  . MET A 1 84  ? 1.564   0.832   14.679  1.00 17.50 ? 84  MET A CA  1 
ATOM   671  C C   . MET A 1 84  ? 0.545   0.644   15.754  1.00 49.93 ? 84  MET A C   1 
ATOM   672  O O   . MET A 1 84  ? 0.477   1.444   16.719  1.00 34.30 ? 84  MET A O   1 
ATOM   673  C CB  . MET A 1 84  ? 2.931   0.412   15.157  1.00 8.89  ? 84  MET A CB  1 
ATOM   674  C CG  . MET A 1 84  ? 3.801   0.022   13.987  1.00 55.20 ? 84  MET A CG  1 
ATOM   675  S SD  . MET A 1 84  ? 4.404   -1.666  14.127  1.00 55.76 ? 84  MET A SD  1 
ATOM   676  C CE  . MET A 1 84  ? 6.024   -1.224  14.770  1.00 16.89 ? 84  MET A CE  1 
ATOM   677  N N   . GLU A 1 85  ? -0.282  -0.374  15.477  1.00 24.54 ? 85  GLU A N   1 
ATOM   678  C CA  . GLU A 1 85  ? -1.385  -0.773  16.310  1.00 20.22 ? 85  GLU A CA  1 
ATOM   679  C C   . GLU A 1 85  ? -1.064  -2.186  16.733  1.00 42.09 ? 85  GLU A C   1 
ATOM   680  O O   . GLU A 1 85  ? -1.467  -3.156  16.115  1.00 43.28 ? 85  GLU A O   1 
ATOM   681  C CB  . GLU A 1 85  ? -2.758  -0.623  15.592  1.00 33.53 ? 85  GLU A CB  1 
ATOM   682  C CG  . GLU A 1 85  ? -3.740  0.360   16.282  1.00 29.47 ? 85  GLU A CG  1 
ATOM   683  C CD  . GLU A 1 85  ? -4.709  1.071   15.360  1.00 74.43 ? 85  GLU A CD  1 
ATOM   684  O OE1 . GLU A 1 85  ? -4.537  2.180   14.900  1.00 47.65 ? 85  GLU A OE1 1 
ATOM   685  O OE2 . GLU A 1 85  ? -5.800  0.366   15.146  1.00 61.91 ? 85  GLU A OE2 1 
ATOM   686  N N   . GLY A 1 86  ? -0.225  -2.262  17.761  1.00 54.85 ? 86  GLY A N   1 
ATOM   687  C CA  . GLY A 1 86  ? 0.268   -3.505  18.277  1.00 19.13 ? 86  GLY A CA  1 
ATOM   688  C C   . GLY A 1 86  ? 1.116   -4.196  17.213  1.00 41.46 ? 86  GLY A C   1 
ATOM   689  O O   . GLY A 1 86  ? 2.314   -3.917  17.033  1.00 49.20 ? 86  GLY A O   1 
ATOM   690  N N   . ASN A 1 87  ? 0.474   -5.074  16.470  1.00 35.34 ? 87  ASN A N   1 
ATOM   691  C CA  . ASN A 1 87  ? 1.180   -5.886  15.519  1.00 75.71 ? 87  ASN A CA  1 
ATOM   692  C C   . ASN A 1 87  ? 1.031   -5.422  14.084  1.00 36.64 ? 87  ASN A C   1 
ATOM   693  O O   . ASN A 1 87  ? 1.755   -5.836  13.196  1.00 40.72 ? 87  ASN A O   1 
ATOM   694  C CB  . ASN A 1 87  ? 0.861   -7.383  15.712  1.00 43.68 ? 87  ASN A CB  1 
ATOM   695  C CG  . ASN A 1 87  ? -0.535  -7.793  15.268  1.00 72.23 ? 87  ASN A CG  1 
ATOM   696  O OD1 . ASN A 1 87  ? -1.576  -7.258  15.724  1.00 56.92 ? 87  ASN A OD1 1 
ATOM   697  N ND2 . ASN A 1 87  ? -0.556  -8.823  14.427  1.00 51.28 ? 87  ASN A ND2 1 
ATOM   698  N N   . LYS A 1 88  ? 0.120   -4.480  13.886  1.00 27.29 ? 88  LYS A N   1 
ATOM   699  C CA  . LYS A 1 88  ? -0.132  -3.912  12.596  1.00 25.86 ? 88  LYS A CA  1 
ATOM   700  C C   . LYS A 1 88  ? 0.421   -2.528  12.471  1.00 18.92 ? 88  LYS A C   1 
ATOM   701  O O   . LYS A 1 88  ? 0.630   -1.785  13.436  1.00 28.71 ? 88  LYS A O   1 
ATOM   702  C CB  . LYS A 1 88  ? -1.599  -3.717  12.371  1.00 28.70 ? 88  LYS A CB  1 
ATOM   703  C CG  . LYS A 1 88  ? -2.410  -4.977  12.353  1.00 30.76 ? 88  LYS A CG  1 
ATOM   704  C CD  . LYS A 1 88  ? -3.812  -4.616  12.785  1.00 52.75 ? 88  LYS A CD  1 
ATOM   705  C CE  . LYS A 1 88  ? -4.417  -5.669  13.680  1.00 55.29 ? 88  LYS A CE  1 
ATOM   706  N NZ  . LYS A 1 88  ? -4.466  -6.966  13.003  1.00 84.11 ? 88  LYS A NZ  1 
ATOM   707  N N   . LEU A 1 89  ? 0.498   -2.200  11.205  1.00 13.15 ? 89  LEU A N   1 
ATOM   708  C CA  . LEU A 1 89  ? 0.841   -0.933  10.672  1.00 35.64 ? 89  LEU A CA  1 
ATOM   709  C C   . LEU A 1 89  ? -0.484  -0.470  10.048  1.00 12.00 ? 89  LEU A C   1 
ATOM   710  O O   . LEU A 1 89  ? -1.061  -1.162  9.210   1.00 26.63 ? 89  LEU A O   1 
ATOM   711  C CB  . LEU A 1 89  ? 1.923   -1.241  9.599   1.00 41.98 ? 89  LEU A CB  1 
ATOM   712  C CG  . LEU A 1 89  ? 3.132   -0.319  9.352   1.00 13.51 ? 89  LEU A CG  1 
ATOM   713  C CD1 . LEU A 1 89  ? 3.884   0.116   10.587  1.00 17.64 ? 89  LEU A CD1 1 
ATOM   714  C CD2 . LEU A 1 89  ? 4.075   -1.000  8.368   1.00 26.30 ? 89  LEU A CD2 1 
ATOM   715  N N   . VAL A 1 90  ? -1.048  0.601   10.555  1.00 27.36 ? 90  VAL A N   1 
ATOM   716  C CA  . VAL A 1 90  ? -2.320  1.129   10.044  1.00 15.68 ? 90  VAL A CA  1 
ATOM   717  C C   . VAL A 1 90  ? -2.045  2.462   9.380   1.00 14.53 ? 90  VAL A C   1 
ATOM   718  O O   . VAL A 1 90  ? -1.599  3.363   10.063  1.00 14.09 ? 90  VAL A O   1 
ATOM   719  C CB  . VAL A 1 90  ? -3.243  1.409   11.240  1.00 34.26 ? 90  VAL A CB  1 
ATOM   720  C CG1 . VAL A 1 90  ? -4.658  1.888   10.858  1.00 15.12 ? 90  VAL A CG1 1 
ATOM   721  C CG2 . VAL A 1 90  ? -3.250  0.197   12.166  1.00 25.47 ? 90  VAL A CG2 1 
ATOM   722  N N   . GLY A 1 91  ? -2.277  2.589   8.076   1.00 17.38 ? 91  GLY A N   1 
ATOM   723  C CA  . GLY A 1 91  ? -2.089  3.833   7.363   1.00 8.52  ? 91  GLY A CA  1 
ATOM   724  C C   . GLY A 1 91  ? -3.456  4.547   7.286   1.00 15.80 ? 91  GLY A C   1 
ATOM   725  O O   . GLY A 1 91  ? -4.451  3.928   7.057   1.00 13.30 ? 91  GLY A O   1 
ATOM   726  N N   . LYS A 1 92  ? -3.517  5.828   7.508   1.00 14.71 ? 92  LYS A N   1 
ATOM   727  C CA  . LYS A 1 92  ? -4.738  6.607   7.386   1.00 37.80 ? 92  LYS A CA  1 
ATOM   728  C C   . LYS A 1 92  ? -4.451  7.709   6.376   1.00 28.79 ? 92  LYS A C   1 
ATOM   729  O O   . LYS A 1 92  ? -3.815  8.654   6.732   1.00 14.53 ? 92  LYS A O   1 
ATOM   730  C CB  . LYS A 1 92  ? -5.097  7.310   8.710   1.00 38.76 ? 92  LYS A CB  1 
ATOM   731  C CG  . LYS A 1 92  ? -6.452  6.983   9.321   1.00 45.06 ? 92  LYS A CG  1 
ATOM   732  C CD  . LYS A 1 92  ? -6.401  5.919   10.418  1.00 21.29 ? 92  LYS A CD  1 
ATOM   733  C CE  . LYS A 1 92  ? -7.785  5.511   10.926  1.00 43.57 ? 92  LYS A CE  1 
ATOM   734  N NZ  . LYS A 1 92  ? -7.995  5.730   12.368  1.00 78.05 ? 92  LYS A NZ  1 
ATOM   735  N N   . PHE A 1 93  ? -4.917  7.615   5.131   1.00 15.80 ? 93  PHE A N   1 
ATOM   736  C CA  . PHE A 1 93  ? -4.621  8.628   4.155   1.00 9.86  ? 93  PHE A CA  1 
ATOM   737  C C   . PHE A 1 93  ? -5.823  9.449   3.701   1.00 17.38 ? 93  PHE A C   1 
ATOM   738  O O   . PHE A 1 93  ? -6.967  9.192   4.059   1.00 16.17 ? 93  PHE A O   1 
ATOM   739  C CB  . PHE A 1 93  ? -3.892  8.047   2.932   1.00 12.99 ? 93  PHE A CB  1 
ATOM   740  C CG  . PHE A 1 93  ? -2.530  7.501   3.331   1.00 32.32 ? 93  PHE A CG  1 
ATOM   741  C CD1 . PHE A 1 93  ? -2.393  6.153   3.663   1.00 13.71 ? 93  PHE A CD1 1 
ATOM   742  C CD2 . PHE A 1 93  ? -1.426  8.355   3.385   1.00 25.96 ? 93  PHE A CD2 1 
ATOM   743  C CE1 . PHE A 1 93  ? -1.146  5.651   4.011   1.00 25.41 ? 93  PHE A CE1 1 
ATOM   744  C CE2 . PHE A 1 93  ? -0.177  7.878   3.778   1.00 27.77 ? 93  PHE A CE2 1 
ATOM   745  C CZ  . PHE A 1 93  ? -0.078  6.549   4.161   1.00 13.95 ? 93  PHE A CZ  1 
ATOM   746  N N   . LYS A 1 94  ? -5.531  10.428  2.876   1.00 14.38 ? 94  LYS A N   1 
ATOM   747  C CA  . LYS A 1 94  ? -6.528  11.262  2.285   1.00 24.96 ? 94  LYS A CA  1 
ATOM   748  C C   . LYS A 1 94  ? -5.999  11.843  1.029   1.00 12.25 ? 94  LYS A C   1 
ATOM   749  O O   . LYS A 1 94  ? -4.896  12.402  0.964   1.00 14.24 ? 94  LYS A O   1 
ATOM   750  C CB  . LYS A 1 94  ? -7.006  12.409  3.160   1.00 12.17 ? 94  LYS A CB  1 
ATOM   751  C CG  . LYS A 1 94  ? -8.212  12.050  3.993   1.00 23.06 ? 94  LYS A CG  1 
ATOM   752  C CD  . LYS A 1 94  ? -8.738  13.245  4.755   1.00 54.46 ? 94  LYS A CD  1 
ATOM   753  C CE  . LYS A 1 94  ? -9.918  12.926  5.670   1.00 65.51 ? 94  LYS A CE  1 
ATOM   754  N NZ  . LYS A 1 94  ? -9.510  12.289  6.919   1.00 78.25 ? 94  LYS A NZ  1 
ATOM   755  N N   . ARG A 1 95  ? -6.802  11.658  -0.011  1.00 20.02 ? 95  ARG A N   1 
ATOM   756  C CA  . ARG A 1 95  ? -6.462  12.197  -1.290  1.00 8.72  ? 95  ARG A CA  1 
ATOM   757  C C   . ARG A 1 95  ? -6.395  13.691  -1.224  1.00 9.00  ? 95  ARG A C   1 
ATOM   758  O O   . ARG A 1 95  ? -7.154  14.343  -0.515  1.00 27.20 ? 95  ARG A O   1 
ATOM   759  C CB  . ARG A 1 95  ? -7.522  11.971  -2.277  1.00 2.02  ? 95  ARG A CB  1 
ATOM   760  C CG  . ARG A 1 95  ? -7.889  10.564  -2.610  1.00 16.13 ? 95  ARG A CG  1 
ATOM   761  C CD  . ARG A 1 95  ? -8.784  10.810  -3.797  1.00 26.07 ? 95  ARG A CD  1 
ATOM   762  N NE  . ARG A 1 95  ? -9.294  9.677   -4.516  1.00 51.54 ? 95  ARG A NE  1 
ATOM   763  C CZ  . ARG A 1 95  ? -9.305  9.643   -5.828  1.00 13.78 ? 95  ARG A CZ  1 
ATOM   764  N NH1 . ARG A 1 95  ? -9.829  8.607   -6.454  1.00 24.64 ? 95  ARG A NH1 1 
ATOM   765  N NH2 . ARG A 1 95  ? -8.797  10.674  -6.505  1.00 27.93 ? 95  ARG A NH2 1 
ATOM   766  N N   . VAL A 1 96  ? -5.460  14.210  -1.994  1.00 27.90 ? 96  VAL A N   1 
ATOM   767  C CA  . VAL A 1 96  ? -5.185  15.622  -2.099  1.00 25.91 ? 96  VAL A CA  1 
ATOM   768  C C   . VAL A 1 96  ? -6.177  16.294  -3.031  1.00 15.20 ? 96  VAL A C   1 
ATOM   769  O O   . VAL A 1 96  ? -6.432  17.472  -2.879  1.00 12.68 ? 96  VAL A O   1 
ATOM   770  C CB  . VAL A 1 96  ? -3.701  15.828  -2.423  1.00 26.05 ? 96  VAL A CB  1 
ATOM   771  C CG1 . VAL A 1 96  ? -3.361  17.286  -2.656  1.00 27.41 ? 96  VAL A CG1 1 
ATOM   772  C CG2 . VAL A 1 96  ? -2.949  15.389  -1.182  1.00 6.53  ? 96  VAL A CG2 1 
ATOM   773  N N   . ASP A 1 97  ? -6.903  15.502  -3.841  1.00 23.12 ? 97  ASP A N   1 
ATOM   774  C CA  . ASP A 1 97  ? -7.929  16.046  -4.725  1.00 27.67 ? 97  ASP A CA  1 
ATOM   775  C C   . ASP A 1 97  ? -9.249  16.241  -4.039  1.00 21.94 ? 97  ASP A C   1 
ATOM   776  O O   . ASP A 1 97  ? -9.679  17.361  -3.797  1.00 40.77 ? 97  ASP A O   1 
ATOM   777  C CB  . ASP A 1 97  ? -8.097  15.374  -6.107  1.00 4.16  ? 97  ASP A CB  1 
ATOM   778  C CG  . ASP A 1 97  ? -8.303  13.896  -6.083  1.00 12.05 ? 97  ASP A CG  1 
ATOM   779  O OD1 . ASP A 1 97  ? -8.347  13.246  -7.081  1.00 32.90 ? 97  ASP A OD1 1 
ATOM   780  O OD2 . ASP A 1 97  ? -8.435  13.363  -4.919  1.00 28.70 ? 97  ASP A OD2 1 
ATOM   781  N N   . ASN A 1 98  ? -9.860  15.104  -3.733  1.00 34.73 ? 98  ASN A N   1 
ATOM   782  C CA  . ASN A 1 98  ? -11.159 15.025  -3.144  1.00 16.30 ? 98  ASN A CA  1 
ATOM   783  C C   . ASN A 1 98  ? -11.190 15.037  -1.618  1.00 51.81 ? 98  ASN A C   1 
ATOM   784  O O   . ASN A 1 98  ? -12.201 15.426  -1.010  1.00 14.14 ? 98  ASN A O   1 
ATOM   785  C CB  . ASN A 1 98  ? -12.055 13.972  -3.848  1.00 18.50 ? 98  ASN A CB  1 
ATOM   786  C CG  . ASN A 1 98  ? -11.700 12.510  -3.686  1.00 16.96 ? 98  ASN A CG  1 
ATOM   787  O OD1 . ASN A 1 98  ? -11.440 12.040  -2.579  1.00 31.04 ? 98  ASN A OD1 1 
ATOM   788  N ND2 . ASN A 1 98  ? -11.735 11.754  -4.782  1.00 28.75 ? 98  ASN A ND2 1 
ATOM   789  N N   . GLY A 1 99  ? -10.079 14.657  -0.996  1.00 30.08 ? 99  GLY A N   1 
ATOM   790  C CA  . GLY A 1 99  ? -10.031 14.684  0.450   1.00 5.25  ? 99  GLY A CA  1 
ATOM   791  C C   . GLY A 1 99  ? -10.785 13.497  1.053   1.00 12.14 ? 99  GLY A C   1 
ATOM   792  O O   . GLY A 1 99  ? -11.155 13.457  2.202   1.00 21.94 ? 99  GLY A O   1 
ATOM   793  N N   . LYS A 1 100 ? -11.084 12.514  0.233   1.00 22.01 ? 100 LYS A N   1 
ATOM   794  C CA  . LYS A 1 100 ? -11.756 11.339  0.711   1.00 26.44 ? 100 LYS A CA  1 
ATOM   795  C C   . LYS A 1 100 ? -10.689 10.521  1.389   1.00 26.44 ? 100 LYS A C   1 
ATOM   796  O O   . LYS A 1 100 ? -9.525  10.599  0.996   1.00 16.70 ? 100 LYS A O   1 
ATOM   797  C CB  . LYS A 1 100 ? -12.432 10.591  -0.443  1.00 15.99 ? 100 LYS A CB  1 
ATOM   798  C CG  . LYS A 1 100 ? -13.760 11.300  -0.752  1.00 35.34 ? 100 LYS A CG  1 
ATOM   799  C CD  . LYS A 1 100 ? -14.390 10.963  -2.080  1.00 46.46 ? 100 LYS A CD  1 
ATOM   800  C CE  . LYS A 1 100 ? -15.910 11.106  -2.047  1.00 48.10 ? 100 LYS A CE  1 
ATOM   801  N NZ  . LYS A 1 100 ? -16.365 12.186  -1.176  1.00 31.74 ? 100 LYS A NZ  1 
ATOM   802  N N   . GLU A 1 101 ? -11.079 9.845   2.442   1.00 16.01 ? 101 GLU A N   1 
ATOM   803  C CA  . GLU A 1 101 ? -10.123 9.131   3.236   1.00 16.81 ? 101 GLU A CA  1 
ATOM   804  C C   . GLU A 1 101 ? -9.867  7.699   2.717   1.00 17.25 ? 101 GLU A C   1 
ATOM   805  O O   . GLU A 1 101 ? -10.755 7.041   2.170   1.00 27.07 ? 101 GLU A O   1 
ATOM   806  C CB  . GLU A 1 101 ? -10.588 9.261   4.698   1.00 12.69 ? 101 GLU A CB  1 
ATOM   807  C CG  . GLU A 1 101 ? -9.644  8.622   5.751   1.00 73.04 ? 101 GLU A CG  1 
ATOM   808  C CD  . GLU A 1 101 ? -9.594  9.379   7.065   1.00 78.55 ? 101 GLU A CD  1 
ATOM   809  O OE1 . GLU A 1 101 ? -8.569  9.931   7.474   1.00 54.65 ? 101 GLU A OE1 1 
ATOM   810  O OE2 . GLU A 1 101 ? -10.739 9.402   7.710   1.00 43.27 ? 101 GLU A OE2 1 
ATOM   811  N N   . LEU A 1 102 ? -8.626  7.246   2.846   1.00 25.66 ? 102 LEU A N   1 
ATOM   812  C CA  . LEU A 1 102 ? -8.186  5.943   2.376   1.00 25.23 ? 102 LEU A CA  1 
ATOM   813  C C   . LEU A 1 102 ? -7.623  5.206   3.568   1.00 24.38 ? 102 LEU A C   1 
ATOM   814  O O   . LEU A 1 102 ? -6.870  5.799   4.296   1.00 26.96 ? 102 LEU A O   1 
ATOM   815  C CB  . LEU A 1 102 ? -7.114  6.033   1.228   1.00 12.98 ? 102 LEU A CB  1 
ATOM   816  C CG  . LEU A 1 102 ? -7.213  4.968   0.133   1.00 23.12 ? 102 LEU A CG  1 
ATOM   817  C CD1 . LEU A 1 102 ? -7.080  5.404   -1.332  1.00 31.13 ? 102 LEU A CD1 1 
ATOM   818  C CD2 . LEU A 1 102 ? -7.056  3.490   0.474   1.00 24.74 ? 102 LEU A CD2 1 
ATOM   819  N N   . ILE A 1 103 ? -8.011  3.955   3.810   1.00 11.94 ? 103 ILE A N   1 
ATOM   820  C CA  . ILE A 1 103 ? -7.462  3.291   4.963   1.00 11.12 ? 103 ILE A CA  1 
ATOM   821  C C   . ILE A 1 103 ? -6.658  2.105   4.498   1.00 33.30 ? 103 ILE A C   1 
ATOM   822  O O   . ILE A 1 103 ? -7.133  1.345   3.659   1.00 20.23 ? 103 ILE A O   1 
ATOM   823  C CB  . ILE A 1 103 ? -8.507  2.944   6.040   1.00 17.71 ? 103 ILE A CB  1 
ATOM   824  C CG1 . ILE A 1 103 ? -9.306  4.168   6.491   1.00 24.24 ? 103 ILE A CG1 1 
ATOM   825  C CG2 . ILE A 1 103 ? -7.874  2.270   7.255   1.00 25.29 ? 103 ILE A CG2 1 
ATOM   826  C CD1 . ILE A 1 103 ? -8.472  5.262   7.137   1.00 23.25 ? 103 ILE A CD1 1 
ATOM   827  N N   . ALA A 1 104 ? -5.414  2.007   4.992   1.00 26.88 ? 104 ALA A N   1 
ATOM   828  C CA  . ALA A 1 104 ? -4.513  0.918   4.669   1.00 16.21 ? 104 ALA A CA  1 
ATOM   829  C C   . ALA A 1 104 ? -4.099  0.194   5.937   1.00 34.15 ? 104 ALA A C   1 
ATOM   830  O O   . ALA A 1 104 ? -3.986  0.780   7.044   1.00 16.19 ? 104 ALA A O   1 
ATOM   831  C CB  . ALA A 1 104 ? -3.269  1.367   3.917   1.00 1.00  ? 104 ALA A CB  1 
ATOM   832  N N   . VAL A 1 105 ? -3.908  -1.097  5.765   1.00 23.11 ? 105 VAL A N   1 
ATOM   833  C CA  . VAL A 1 105 ? -3.497  -1.982  6.828   1.00 13.61 ? 105 VAL A CA  1 
ATOM   834  C C   . VAL A 1 105 ? -2.476  -2.996  6.335   1.00 26.16 ? 105 VAL A C   1 
ATOM   835  O O   . VAL A 1 105 ? -2.457  -3.405  5.170   1.00 18.19 ? 105 VAL A O   1 
ATOM   836  C CB  . VAL A 1 105 ? -4.665  -2.574  7.621   1.00 30.22 ? 105 VAL A CB  1 
ATOM   837  C CG1 . VAL A 1 105 ? -5.489  -3.561  6.799   1.00 45.89 ? 105 VAL A CG1 1 
ATOM   838  C CG2 . VAL A 1 105 ? -4.198  -3.219  8.914   1.00 24.54 ? 105 VAL A CG2 1 
ATOM   839  N N   . ARG A 1 106 ? -1.508  -3.265  7.189   1.00 18.04 ? 106 ARG A N   1 
ATOM   840  C CA  . ARG A 1 106 ? -0.439  -4.159  6.925   1.00 40.88 ? 106 ARG A CA  1 
ATOM   841  C C   . ARG A 1 106 ? -0.303  -5.129  8.076   1.00 41.06 ? 106 ARG A C   1 
ATOM   842  O O   . ARG A 1 106 ? 0.000   -4.646  9.188   1.00 27.24 ? 106 ARG A O   1 
ATOM   843  C CB  . ARG A 1 106 ? 0.815   -3.319  6.857   1.00 36.55 ? 106 ARG A CB  1 
ATOM   844  C CG  . ARG A 1 106 ? 1.564   -3.341  5.545   1.00 32.36 ? 106 ARG A CG  1 
ATOM   845  C CD  . ARG A 1 106 ? 1.739   -1.927  5.037   1.00 21.68 ? 106 ARG A CD  1 
ATOM   846  N NE  . ARG A 1 106 ? 1.961   -1.867  3.597   1.00 14.54 ? 106 ARG A NE  1 
ATOM   847  C CZ  . ARG A 1 106 ? 2.802   -0.962  3.096   1.00 40.25 ? 106 ARG A CZ  1 
ATOM   848  N NH1 . ARG A 1 106 ? 3.010   -0.809  1.777   1.00 28.60 ? 106 ARG A NH1 1 
ATOM   849  N NH2 . ARG A 1 106 ? 3.438   -0.160  3.974   1.00 21.18 ? 106 ARG A NH2 1 
ATOM   850  N N   . GLU A 1 107 ? -0.665  -6.411  7.802   1.00 23.45 ? 107 GLU A N   1 
ATOM   851  C CA  . GLU A 1 107 ? -0.400  -7.542  8.706   1.00 31.21 ? 107 GLU A CA  1 
ATOM   852  C C   . GLU A 1 107 ? 0.446   -8.655  8.179   1.00 7.10  ? 107 GLU A C   1 
ATOM   853  O O   . GLU A 1 107 ? 0.274   -9.116  7.073   1.00 21.68 ? 107 GLU A O   1 
ATOM   854  C CB  . GLU A 1 107 ? -1.545  -8.345  9.279   1.00 26.11 ? 107 GLU A CB  1 
ATOM   855  C CG  . GLU A 1 107 ? -2.884  -8.276  8.596   1.00 50.67 ? 107 GLU A CG  1 
ATOM   856  C CD  . GLU A 1 107 ? -3.779  -8.297  9.779   1.00 62.76 ? 107 GLU A CD  1 
ATOM   857  O OE1 . GLU A 1 107 ? -3.523  -9.008  10.760  1.00 59.97 ? 107 GLU A OE1 1 
ATOM   858  O OE2 . GLU A 1 107 ? -4.634  -7.306  9.780   1.00 54.33 ? 107 GLU A OE2 1 
ATOM   859  N N   . ILE A 1 108 ? 1.279   -9.165  9.054   1.00 58.91 ? 108 ILE A N   1 
ATOM   860  C CA  . ILE A 1 108 ? 2.006   -10.366 8.752   1.00 26.03 ? 108 ILE A CA  1 
ATOM   861  C C   . ILE A 1 108 ? 1.270   -11.569 9.400   1.00 22.91 ? 108 ILE A C   1 
ATOM   862  O O   . ILE A 1 108 ? 1.114   -11.701 10.622  1.00 17.23 ? 108 ILE A O   1 
ATOM   863  C CB  . ILE A 1 108 ? 3.525   -10.322 8.987   1.00 18.27 ? 108 ILE A CB  1 
ATOM   864  C CG1 . ILE A 1 108 ? 4.003   -11.486 9.864   1.00 26.68 ? 108 ILE A CG1 1 
ATOM   865  C CG2 . ILE A 1 108 ? 4.088   -9.003  9.488   1.00 19.23 ? 108 ILE A CG2 1 
ATOM   866  C CD1 . ILE A 1 108 ? 5.462   -11.883 9.651   1.00 48.16 ? 108 ILE A CD1 1 
ATOM   867  N N   . SER A 1 109 ? 0.701   -12.415 8.537   1.00 28.27 ? 109 SER A N   1 
ATOM   868  C CA  . SER A 1 109 ? 0.082   -13.628 8.997   1.00 18.35 ? 109 SER A CA  1 
ATOM   869  C C   . SER A 1 109 ? 1.033   -14.737 8.679   1.00 44.44 ? 109 SER A C   1 
ATOM   870  O O   . SER A 1 109 ? 1.021   -15.311 7.590   1.00 55.16 ? 109 SER A O   1 
ATOM   871  C CB  . SER A 1 109 ? -1.248  -13.960 8.335   1.00 52.12 ? 109 SER A CB  1 
ATOM   872  O OG  . SER A 1 109 ? -2.044  -12.817 8.144   1.00 92.47 ? 109 SER A OG  1 
ATOM   873  N N   . GLY A 1 110 ? 1.887   -14.985 9.628   1.00 45.86 ? 110 GLY A N   1 
ATOM   874  C CA  . GLY A 1 110 ? 2.880   -16.023 9.502   1.00 25.83 ? 110 GLY A CA  1 
ATOM   875  C C   . GLY A 1 110 ? 3.984   -15.691 8.529   1.00 47.18 ? 110 GLY A C   1 
ATOM   876  O O   . GLY A 1 110 ? 4.983   -15.072 8.920   1.00 41.74 ? 110 GLY A O   1 
ATOM   877  N N   . ASN A 1 111 ? 3.742   -16.121 7.281   1.00 41.85 ? 111 ASN A N   1 
ATOM   878  C CA  . ASN A 1 111 ? 4.618   -15.944 6.121   1.00 45.37 ? 111 ASN A CA  1 
ATOM   879  C C   . ASN A 1 111 ? 3.900   -15.132 5.028   1.00 12.01 ? 111 ASN A C   1 
ATOM   880  O O   . ASN A 1 111 ? 4.343   -15.004 3.877   1.00 25.98 ? 111 ASN A O   1 
ATOM   881  C CB  . ASN A 1 111 ? 5.126   -17.303 5.575   1.00 13.52 ? 111 ASN A CB  1 
ATOM   882  C CG  . ASN A 1 111 ? 4.623   -17.709 4.184   1.00 76.98 ? 111 ASN A CG  1 
ATOM   883  O OD1 . ASN A 1 111 ? 3.677   -18.536 4.034   1.00 66.73 ? 111 ASN A OD1 1 
ATOM   884  N ND2 . ASN A 1 111 ? 5.271   -17.153 3.135   1.00 53.71 ? 111 ASN A ND2 1 
ATOM   885  N N   . GLU A 1 112 ? 2.768   -14.542 5.440   1.00 40.46 ? 112 GLU A N   1 
ATOM   886  C CA  . GLU A 1 112 ? 1.924   -13.738 4.593   1.00 13.44 ? 112 GLU A CA  1 
ATOM   887  C C   . GLU A 1 112 ? 1.953   -12.314 5.091   1.00 20.42 ? 112 GLU A C   1 
ATOM   888  O O   . GLU A 1 112 ? 1.812   -12.078 6.282   1.00 23.46 ? 112 GLU A O   1 
ATOM   889  C CB  . GLU A 1 112 ? 0.437   -14.100 4.764   1.00 22.49 ? 112 GLU A CB  1 
ATOM   890  C CG  . GLU A 1 112 ? -0.182  -15.300 3.998   1.00 35.85 ? 112 GLU A CG  1 
ATOM   891  C CD  . GLU A 1 112 ? 0.532   -15.779 2.776   1.00 30.38 ? 112 GLU A CD  1 
ATOM   892  O OE1 . GLU A 1 112 ? 1.687   -15.593 2.531   1.00 26.36 ? 112 GLU A OE1 1 
ATOM   893  O OE2 . GLU A 1 112 ? -0.252  -16.439 1.972   1.00 27.33 ? 112 GLU A OE2 1 
ATOM   894  N N   . LEU A 1 113 ? 2.041   -11.362 4.180   1.00 13.01 ? 113 LEU A N   1 
ATOM   895  C CA  . LEU A 1 113 ? 1.867   -9.965  4.524   1.00 7.92  ? 113 LEU A CA  1 
ATOM   896  C C   . LEU A 1 113 ? 0.551   -9.597  3.806   1.00 32.25 ? 113 LEU A C   1 
ATOM   897  O O   . LEU A 1 113 ? 0.405   -9.703  2.606   1.00 23.82 ? 113 LEU A O   1 
ATOM   898  C CB  . LEU A 1 113 ? 3.055   -9.084  4.011   1.00 17.55 ? 113 LEU A CB  1 
ATOM   899  C CG  . LEU A 1 113 ? 2.892   -7.558  4.128   1.00 23.69 ? 113 LEU A CG  1 
ATOM   900  C CD1 . LEU A 1 113 ? 3.876   -6.986  5.136   1.00 24.42 ? 113 LEU A CD1 1 
ATOM   901  C CD2 . LEU A 1 113 ? 3.163   -6.930  2.764   1.00 46.53 ? 113 LEU A CD2 1 
ATOM   902  N N   . ILE A 1 114 ? -0.460  -9.257  4.585   1.00 13.29 ? 114 ILE A N   1 
ATOM   903  C CA  . ILE A 1 114 ? -1.742  -8.926  4.024   1.00 17.61 ? 114 ILE A CA  1 
ATOM   904  C C   . ILE A 1 114 ? -1.924  -7.419  4.066   1.00 33.57 ? 114 ILE A C   1 
ATOM   905  O O   . ILE A 1 114 ? -1.782  -6.806  5.129   1.00 13.81 ? 114 ILE A O   1 
ATOM   906  C CB  . ILE A 1 114 ? -2.788  -9.643  4.822   1.00 33.22 ? 114 ILE A CB  1 
ATOM   907  C CG1 . ILE A 1 114 ? -2.225  -10.955 5.425   1.00 10.93 ? 114 ILE A CG1 1 
ATOM   908  C CG2 . ILE A 1 114 ? -4.128  -9.707  4.089   1.00 27.36 ? 114 ILE A CG2 1 
ATOM   909  C CD1 . ILE A 1 114 ? -2.626  -12.273 4.767   1.00 18.44 ? 114 ILE A CD1 1 
ATOM   910  N N   . GLN A 1 115 ? -2.214  -6.852  2.885   1.00 51.52 ? 115 GLN A N   1 
ATOM   911  C CA  . GLN A 1 115 ? -2.503  -5.430  2.691   1.00 60.65 ? 115 GLN A CA  1 
ATOM   912  C C   . GLN A 1 115 ? -3.989  -5.242  2.269   1.00 32.59 ? 115 GLN A C   1 
ATOM   913  O O   . GLN A 1 115 ? -4.520  -5.863  1.342   1.00 19.83 ? 115 GLN A O   1 
ATOM   914  C CB  . GLN A 1 115 ? -1.595  -4.773  1.624   1.00 20.39 ? 115 GLN A CB  1 
ATOM   915  C CG  . GLN A 1 115 ? -0.233  -4.140  2.032   1.00 12.18 ? 115 GLN A CG  1 
ATOM   916  C CD  . GLN A 1 115 ? 0.288   -3.243  0.898   1.00 31.80 ? 115 GLN A CD  1 
ATOM   917  O OE1 . GLN A 1 115 ? 1.453   -2.839  0.805   1.00 55.35 ? 115 GLN A OE1 1 
ATOM   918  N NE2 . GLN A 1 115 ? -0.616  -2.966  -0.020  1.00 33.60 ? 115 GLN A NE2 1 
ATOM   919  N N   . THR A 1 116 ? -4.690  -4.498  3.090   1.00 22.81 ? 116 THR A N   1 
ATOM   920  C CA  . THR A 1 116 ? -6.118  -4.218  2.952   1.00 61.21 ? 116 THR A CA  1 
ATOM   921  C C   . THR A 1 116 ? -6.295  -2.712  2.705   1.00 41.66 ? 116 THR A C   1 
ATOM   922  O O   . THR A 1 116 ? -5.640  -1.855  3.300   1.00 23.06 ? 116 THR A O   1 
ATOM   923  C CB  . THR A 1 116 ? -6.917  -4.734  4.198   1.00 36.03 ? 116 THR A CB  1 
ATOM   924  O OG1 . THR A 1 116 ? -6.507  -6.030  4.567   1.00 29.72 ? 116 THR A OG1 1 
ATOM   925  C CG2 . THR A 1 116 ? -8.433  -4.708  3.964   1.00 23.54 ? 116 THR A CG2 1 
ATOM   926  N N   . TYR A 1 117 ? -7.084  -2.387  1.704   1.00 20.54 ? 117 TYR A N   1 
ATOM   927  C CA  . TYR A 1 117 ? -7.331  -0.997  1.351   1.00 8.60  ? 117 TYR A CA  1 
ATOM   928  C C   . TYR A 1 117 ? -8.807  -0.745  1.418   1.00 14.10 ? 117 TYR A C   1 
ATOM   929  O O   . TYR A 1 117 ? -9.579  -1.594  0.976   1.00 17.99 ? 117 TYR A O   1 
ATOM   930  C CB  . TYR A 1 117 ? -6.922  -0.686  -0.079  1.00 11.09 ? 117 TYR A CB  1 
ATOM   931  C CG  . TYR A 1 117 ? -5.571  -1.173  -0.579  1.00 45.46 ? 117 TYR A CG  1 
ATOM   932  C CD1 . TYR A 1 117 ? -4.410  -0.920  0.154   1.00 41.25 ? 117 TYR A CD1 1 
ATOM   933  C CD2 . TYR A 1 117 ? -5.462  -1.857  -1.789  1.00 26.75 ? 117 TYR A CD2 1 
ATOM   934  C CE1 . TYR A 1 117 ? -3.163  -1.349  -0.301  1.00 59.89 ? 117 TYR A CE1 1 
ATOM   935  C CE2 . TYR A 1 117 ? -4.222  -2.293  -2.264  1.00 42.40 ? 117 TYR A CE2 1 
ATOM   936  C CZ  . TYR A 1 117 ? -3.076  -2.026  -1.517  1.00 60.89 ? 117 TYR A CZ  1 
ATOM   937  O OH  . TYR A 1 117 ? -1.864  -2.446  -1.977  1.00 45.90 ? 117 TYR A OH  1 
ATOM   938  N N   . THR A 1 118 ? -9.181  0.342   2.068   1.00 22.10 ? 118 THR A N   1 
ATOM   939  C CA  . THR A 1 118 ? -10.584 0.712   2.198   1.00 19.72 ? 118 THR A CA  1 
ATOM   940  C C   . THR A 1 118 ? -10.842 2.133   1.816   1.00 12.47 ? 118 THR A C   1 
ATOM   941  O O   . THR A 1 118 ? -10.269 3.078   2.370   1.00 10.79 ? 118 THR A O   1 
ATOM   942  C CB  . THR A 1 118 ? -11.254 0.408   3.520   1.00 27.38 ? 118 THR A CB  1 
ATOM   943  O OG1 . THR A 1 118 ? -10.738 -0.795  4.024   1.00 57.57 ? 118 THR A OG1 1 
ATOM   944  C CG2 . THR A 1 118 ? -12.757 0.269   3.305   1.00 30.67 ? 118 THR A CG2 1 
ATOM   945  N N   . TYR A 1 119 ? -11.727 2.218   0.836   1.00 29.61 ? 119 TYR A N   1 
ATOM   946  C CA  . TYR A 1 119 ? -12.152 3.464   0.260   1.00 49.20 ? 119 TYR A CA  1 
ATOM   947  C C   . TYR A 1 119 ? -13.614 3.399   -0.132  1.00 8.36  ? 119 TYR A C   1 
ATOM   948  O O   . TYR A 1 119 ? -14.045 2.561   -0.944  1.00 9.89  ? 119 TYR A O   1 
ATOM   949  C CB  . TYR A 1 119 ? -11.245 3.801   -0.923  1.00 11.23 ? 119 TYR A CB  1 
ATOM   950  C CG  . TYR A 1 119 ? -11.578 5.054   -1.685  1.00 12.50 ? 119 TYR A CG  1 
ATOM   951  C CD1 . TYR A 1 119 ? -11.008 6.275   -1.303  1.00 5.05  ? 119 TYR A CD1 1 
ATOM   952  C CD2 . TYR A 1 119 ? -12.298 5.019   -2.880  1.00 16.87 ? 119 TYR A CD2 1 
ATOM   953  C CE1 . TYR A 1 119 ? -11.272 7.427   -2.032  1.00 41.31 ? 119 TYR A CE1 1 
ATOM   954  C CE2 . TYR A 1 119 ? -12.604 6.187   -3.612  1.00 7.88  ? 119 TYR A CE2 1 
ATOM   955  C CZ  . TYR A 1 119 ? -12.064 7.392   -3.201  1.00 17.95 ? 119 TYR A CZ  1 
ATOM   956  O OH  . TYR A 1 119 ? -12.277 8.522   -3.932  1.00 27.60 ? 119 TYR A OH  1 
ATOM   957  N N   . GLU A 1 120 ? -14.364 4.242   0.527   1.00 24.21 ? 120 GLU A N   1 
ATOM   958  C CA  . GLU A 1 120 ? -15.759 4.422   0.217   1.00 24.72 ? 120 GLU A CA  1 
ATOM   959  C C   . GLU A 1 120 ? -16.602 3.185   0.273   1.00 35.73 ? 120 GLU A C   1 
ATOM   960  O O   . GLU A 1 120 ? -17.366 2.977   -0.676  1.00 26.65 ? 120 GLU A O   1 
ATOM   961  C CB  . GLU A 1 120 ? -15.805 4.919   -1.201  1.00 21.79 ? 120 GLU A CB  1 
ATOM   962  C CG  . GLU A 1 120 ? -15.408 6.404   -1.300  1.00 19.76 ? 120 GLU A CG  1 
ATOM   963  C CD  . GLU A 1 120 ? -16.595 7.237   -1.630  1.00 46.64 ? 120 GLU A CD  1 
ATOM   964  O OE1 . GLU A 1 120 ? -17.245 7.806   -0.767  1.00 38.26 ? 120 GLU A OE1 1 
ATOM   965  O OE2 . GLU A 1 120 ? -16.854 7.259   -2.918  1.00 38.75 ? 120 GLU A OE2 1 
ATOM   966  N N   . GLY A 1 121 ? -16.384 2.397   1.357   1.00 22.21 ? 121 GLY A N   1 
ATOM   967  C CA  . GLY A 1 121 ? -17.050 1.167   1.640   1.00 7.59  ? 121 GLY A CA  1 
ATOM   968  C C   . GLY A 1 121 ? -16.621 0.059   0.714   1.00 3.26  ? 121 GLY A C   1 
ATOM   969  O O   . GLY A 1 121 ? -17.272 -0.971  0.584   1.00 16.76 ? 121 GLY A O   1 
ATOM   970  N N   . VAL A 1 122 ? -15.487 0.224   0.115   1.00 19.19 ? 122 VAL A N   1 
ATOM   971  C CA  . VAL A 1 122 ? -14.959 -0.776  -0.767  1.00 36.57 ? 122 VAL A CA  1 
ATOM   972  C C   . VAL A 1 122 ? -13.619 -1.230  -0.181  1.00 9.70  ? 122 VAL A C   1 
ATOM   973  O O   . VAL A 1 122 ? -12.695 -0.445  0.109   1.00 21.34 ? 122 VAL A O   1 
ATOM   974  C CB  . VAL A 1 122 ? -14.843 -0.229  -2.207  1.00 33.57 ? 122 VAL A CB  1 
ATOM   975  C CG1 . VAL A 1 122 ? -14.204 -1.234  -3.149  1.00 12.87 ? 122 VAL A CG1 1 
ATOM   976  C CG2 . VAL A 1 122 ? -16.219 0.180   -2.744  1.00 11.59 ? 122 VAL A CG2 1 
ATOM   977  N N   . GLU A 1 123 ? -13.513 -2.506  0.022   1.00 26.52 ? 123 GLU A N   1 
ATOM   978  C CA  . GLU A 1 123 ? -12.312 -3.059  0.626   1.00 26.54 ? 123 GLU A CA  1 
ATOM   979  C C   . GLU A 1 123 ? -11.667 -3.957  -0.406  1.00 31.65 ? 123 GLU A C   1 
ATOM   980  O O   . GLU A 1 123 ? -12.379 -4.616  -1.179  1.00 9.60  ? 123 GLU A O   1 
ATOM   981  C CB  . GLU A 1 123 ? -12.680 -3.729  1.985   1.00 43.07 ? 123 GLU A CB  1 
ATOM   982  C CG  . GLU A 1 123 ? -11.642 -4.657  2.663   1.00 23.99 ? 123 GLU A CG  1 
ATOM   983  C CD  . GLU A 1 123 ? -12.156 -5.206  3.961   1.00 22.89 ? 123 GLU A CD  1 
ATOM   984  O OE1 . GLU A 1 123 ? -12.293 -4.520  4.963   1.00 23.81 ? 123 GLU A OE1 1 
ATOM   985  O OE2 . GLU A 1 123 ? -12.467 -6.445  3.888   1.00 23.58 ? 123 GLU A OE2 1 
ATOM   986  N N   . ALA A 1 124 ? -10.330 -3.873  -0.491  1.00 23.72 ? 124 ALA A N   1 
ATOM   987  C CA  . ALA A 1 124 ? -9.523  -4.739  -1.356  1.00 6.94  ? 124 ALA A CA  1 
ATOM   988  C C   . ALA A 1 124 ? -8.362  -5.321  -0.529  1.00 26.74 ? 124 ALA A C   1 
ATOM   989  O O   . ALA A 1 124 ? -7.814  -4.596  0.321   1.00 18.32 ? 124 ALA A O   1 
ATOM   990  C CB  . ALA A 1 124 ? -8.962  -3.884  -2.462  1.00 7.53  ? 124 ALA A CB  1 
ATOM   991  N N   . LYS A 1 125 ? -8.007  -6.612  -0.802  1.00 39.43 ? 125 LYS A N   1 
ATOM   992  C CA  . LYS A 1 125 ? -6.875  -7.319  -0.156  1.00 31.43 ? 125 LYS A CA  1 
ATOM   993  C C   . LYS A 1 125 ? -5.825  -7.711  -1.193  1.00 17.32 ? 125 LYS A C   1 
ATOM   994  O O   . LYS A 1 125 ? -6.195  -8.328  -2.183  1.00 21.26 ? 125 LYS A O   1 
ATOM   995  C CB  . LYS A 1 125 ? -7.295  -8.571  0.606   1.00 29.18 ? 125 LYS A CB  1 
ATOM   996  C CG  . LYS A 1 125 ? -8.070  -8.338  1.900   1.00 26.09 ? 125 LYS A CG  1 
ATOM   997  C CD  . LYS A 1 125 ? -8.112  -9.567  2.798   1.00 62.64 ? 125 LYS A CD  1 
ATOM   998  C CE  . LYS A 1 125 ? -7.098  -9.524  3.921   1.00 83.41 ? 125 LYS A CE  1 
ATOM   999  N NZ  . LYS A 1 125 ? -6.747  -10.840 4.456   1.00 84.44 ? 125 LYS A NZ  1 
ATOM   1000 N N   . ARG A 1 126 ? -4.529  -7.391  -0.941  1.00 17.09 ? 126 ARG A N   1 
ATOM   1001 C CA  . ARG A 1 126 ? -3.408  -7.850  -1.781  1.00 22.20 ? 126 ARG A CA  1 
ATOM   1002 C C   . ARG A 1 126 ? -2.508  -8.694  -0.910  1.00 34.51 ? 126 ARG A C   1 
ATOM   1003 O O   . ARG A 1 126 ? -1.940  -8.160  0.019   1.00 18.01 ? 126 ARG A O   1 
ATOM   1004 C CB  . ARG A 1 126 ? -2.537  -6.688  -2.269  1.00 33.21 ? 126 ARG A CB  1 
ATOM   1005 C CG  . ARG A 1 126 ? -3.243  -5.623  -3.130  1.00 9.66  ? 126 ARG A CG  1 
ATOM   1006 C CD  . ARG A 1 126 ? -2.361  -5.050  -4.251  1.00 6.17  ? 126 ARG A CD  1 
ATOM   1007 N NE  . ARG A 1 126 ? -2.056  -5.970  -5.352  1.00 10.12 ? 126 ARG A NE  1 
ATOM   1008 C CZ  . ARG A 1 126 ? -1.144  -5.760  -6.306  1.00 23.58 ? 126 ARG A CZ  1 
ATOM   1009 N NH1 . ARG A 1 126 ? -0.850  -6.674  -7.220  1.00 30.52 ? 126 ARG A NH1 1 
ATOM   1010 N NH2 . ARG A 1 126 ? -0.452  -4.628  -6.295  1.00 23.10 ? 126 ARG A NH2 1 
ATOM   1011 N N   . ILE A 1 127 ? -2.332  -9.984  -1.227  1.00 47.97 ? 127 ILE A N   1 
ATOM   1012 C CA  . ILE A 1 127 ? -1.497  -10.885 -0.428  1.00 14.02 ? 127 ILE A CA  1 
ATOM   1013 C C   . ILE A 1 127 ? -0.088  -11.158 -1.030  1.00 16.34 ? 127 ILE A C   1 
ATOM   1014 O O   . ILE A 1 127 ? 0.078   -11.554 -2.201  1.00 24.69 ? 127 ILE A O   1 
ATOM   1015 C CB  . ILE A 1 127 ? -2.299  -12.111 0.065   1.00 21.48 ? 127 ILE A CB  1 
ATOM   1016 C CG1 . ILE A 1 127 ? -3.432  -11.681 1.012   1.00 11.96 ? 127 ILE A CG1 1 
ATOM   1017 C CG2 . ILE A 1 127 ? -1.463  -13.200 0.703   1.00 29.60 ? 127 ILE A CG2 1 
ATOM   1018 C CD1 . ILE A 1 127 ? -4.700  -11.210 0.317   1.00 38.31 ? 127 ILE A CD1 1 
ATOM   1019 N N   . PHE A 1 128 ? 0.945   -10.883 -0.190  1.00 17.48 ? 128 PHE A N   1 
ATOM   1020 C CA  . PHE A 1 128 ? 2.370   -11.006 -0.506  1.00 27.64 ? 128 PHE A CA  1 
ATOM   1021 C C   . PHE A 1 128 ? 3.033   -12.213 0.181   1.00 18.20 ? 128 PHE A C   1 
ATOM   1022 O O   . PHE A 1 128 ? 2.722   -12.630 1.279   1.00 9.57  ? 128 PHE A O   1 
ATOM   1023 C CB  . PHE A 1 128 ? 3.187   -9.734  -0.139  1.00 32.32 ? 128 PHE A CB  1 
ATOM   1024 C CG  . PHE A 1 128 ? 2.709   -8.435  -0.754  1.00 35.19 ? 128 PHE A CG  1 
ATOM   1025 C CD1 . PHE A 1 128 ? 3.440   -7.813  -1.760  1.00 10.59 ? 128 PHE A CD1 1 
ATOM   1026 C CD2 . PHE A 1 128 ? 1.553   -7.796  -0.287  1.00 16.93 ? 128 PHE A CD2 1 
ATOM   1027 C CE1 . PHE A 1 128 ? 2.977   -6.644  -2.340  1.00 62.24 ? 128 PHE A CE1 1 
ATOM   1028 C CE2 . PHE A 1 128 ? 1.070   -6.605  -0.862  1.00 38.10 ? 128 PHE A CE2 1 
ATOM   1029 C CZ  . PHE A 1 128 ? 1.800   -6.036  -1.902  1.00 15.15 ? 128 PHE A CZ  1 
ATOM   1030 N N   . LYS A 1 129 ? 3.977   -12.786 -0.478  1.00 13.38 ? 129 LYS A N   1 
ATOM   1031 C CA  . LYS A 1 129 ? 4.727   -13.922 0.025   1.00 27.01 ? 129 LYS A CA  1 
ATOM   1032 C C   . LYS A 1 129 ? 6.189   -13.581 0.340   1.00 9.97  ? 129 LYS A C   1 
ATOM   1033 O O   . LYS A 1 129 ? 6.876   -12.888 -0.442  1.00 17.45 ? 129 LYS A O   1 
ATOM   1034 C CB  . LYS A 1 129 ? 4.743   -14.879 -1.112  1.00 37.15 ? 129 LYS A CB  1 
ATOM   1035 C CG  . LYS A 1 129 ? 3.495   -15.717 -1.162  1.00 41.54 ? 129 LYS A CG  1 
ATOM   1036 C CD  . LYS A 1 129 ? 3.773   -17.134 -0.723  1.00 38.61 ? 129 LYS A CD  1 
ATOM   1037 C CE  . LYS A 1 129 ? 2.512   -17.885 -0.397  1.00 60.08 ? 129 LYS A CE  1 
ATOM   1038 N NZ  . LYS A 1 129 ? 1.554   -17.040 0.311   1.00 51.21 ? 129 LYS A NZ  1 
ATOM   1039 N N   . LYS A 1 130 ? 6.642   -14.000 1.534   1.00 30.22 ? 130 LYS A N   1 
ATOM   1040 C CA  . LYS A 1 130 ? 8.007   -13.810 1.965   1.00 21.60 ? 130 LYS A CA  1 
ATOM   1041 C C   . LYS A 1 130 ? 8.945   -14.517 0.995   1.00 12.81 ? 130 LYS A C   1 
ATOM   1042 O O   . LYS A 1 130 ? 8.784   -15.669 0.652   1.00 27.59 ? 130 LYS A O   1 
ATOM   1043 C CB  . LYS A 1 130 ? 8.279   -14.346 3.379   1.00 7.60  ? 130 LYS A CB  1 
ATOM   1044 C CG  . LYS A 1 130 ? 9.749   -14.249 3.766   1.00 33.73 ? 130 LYS A CG  1 
ATOM   1045 C CD  . LYS A 1 130 ? 10.117  -12.838 4.237   1.00 23.16 ? 130 LYS A CD  1 
ATOM   1046 C CE  . LYS A 1 130 ? 9.490   -12.494 5.565   1.00 62.58 ? 130 LYS A CE  1 
ATOM   1047 N NZ  . LYS A 1 130 ? 10.400  -12.677 6.701   1.00 50.88 ? 130 LYS A NZ  1 
ATOM   1048 N N   . GLU A 1 131 ? 9.866   -13.737 0.474   1.00 22.15 ? 131 GLU A N   1 
ATOM   1049 C CA  . GLU A 1 131 ? 10.926  -14.176 -0.415  1.00 18.76 ? 131 GLU A CA  1 
ATOM   1050 C C   . GLU A 1 131 ? 12.155  -14.630 0.402   1.00 11.62 ? 131 GLU A C   1 
ATOM   1051 O O   . GLU A 1 131 ? 13.006  -13.835 0.859   1.00 30.02 ? 131 GLU A O   1 
ATOM   1052 C CB  . GLU A 1 131 ? 11.262  -13.122 -1.478  1.00 38.13 ? 131 GLU A CB  1 
ATOM   1053 C CG  . GLU A 1 131 ? 12.496  -13.494 -2.318  1.00 28.87 ? 131 GLU A CG  1 
ATOM   1054 C CD  . GLU A 1 131 ? 13.115  -12.378 -3.069  1.00 19.37 ? 131 GLU A CD  1 
ATOM   1055 O OE1 . GLU A 1 131 ? 12.937  -12.212 -4.264  1.00 85.82 ? 131 GLU A OE1 1 
ATOM   1056 O OE2 . GLU A 1 131 ? 13.857  -11.617 -2.308  1.00 26.31 ? 131 GLU A OE2 1 
ATOM   1057 O OXT . GLU A 1 131 ? 12.216  -15.820 0.702   1.00 19.46 ? 131 GLU A OXT 1 
HETATM 1058 O O   . HOH B 2 .   ? 14.738  -8.255  -4.536  1.00 30.38 ? 132 HOH A O   1 
HETATM 1059 O O   . HOH B 2 .   ? -2.546  0.425   -10.598 1.00 33.76 ? 133 HOH A O   1 
HETATM 1060 O O   . HOH B 2 .   ? 1.399   -8.129  11.989  1.00 26.77 ? 134 HOH A O   1 
HETATM 1061 O O   . HOH B 2 .   ? 8.284   9.714   1.688   1.00 45.73 ? 135 HOH A O   1 
HETATM 1062 O O   . HOH B 2 .   ? -0.182  1.940   -0.456  1.00 35.78 ? 136 HOH A O   1 
HETATM 1063 O O   . HOH B 2 .   ? 11.535  -4.116  -3.934  1.00 19.35 ? 137 HOH A O   1 
HETATM 1064 O O   . HOH B 2 .   ? 5.210   15.465  8.088   1.00 20.41 ? 138 HOH A O   1 
HETATM 1065 O O   . HOH B 2 .   ? -11.373 -10.578 1.826   1.00 21.99 ? 139 HOH A O   1 
HETATM 1066 O O   . HOH B 2 .   ? 10.275  -16.462 -3.306  1.00 37.46 ? 140 HOH A O   1 
HETATM 1067 O O   . HOH B 2 .   ? -5.290  -13.378 -7.452  1.00 32.00 ? 141 HOH A O   1 
HETATM 1068 O O   . HOH B 2 .   ? 2.767   -8.424  -16.007 1.00 21.39 ? 142 HOH A O   1 
HETATM 1069 O O   . HOH B 2 .   ? -14.801 3.037   3.844   1.00 30.29 ? 143 HOH A O   1 
HETATM 1070 O O   . HOH B 2 .   ? -7.300  3.331   13.847  1.00 42.55 ? 144 HOH A O   1 
HETATM 1071 O O   . HOH B 2 .   ? 7.055   -5.196  14.879  1.00 49.91 ? 145 HOH A O   1 
HETATM 1072 O O   . HOH B 2 .   ? -8.908  -9.184  -7.239  1.00 37.03 ? 146 HOH A O   1 
HETATM 1073 O O   . HOH B 2 .   ? 2.288   -0.737  -1.638  1.00 54.68 ? 147 HOH A O   1 
HETATM 1074 O O   . HOH B 2 .   ? -1.044  -19.333 5.194   1.00 48.16 ? 148 HOH A O   1 
HETATM 1075 O O   . HOH B 2 .   ? -11.782 -8.271  6.820   1.00 56.67 ? 149 HOH A O   1 
HETATM 1076 O O   . HOH B 2 .   ? -8.025  -1.276  5.714   1.00 38.56 ? 150 HOH A O   1 
HETATM 1077 O O   . HOH B 2 .   ? 12.779  -13.892 4.428   1.00 45.92 ? 151 HOH A O   1 
HETATM 1078 O O   . HOH B 2 .   ? 0.812   -3.451  -21.567 1.00 25.15 ? 152 HOH A O   1 
HETATM 1079 O O   . HOH B 2 .   ? -13.446 6.871   1.640   1.00 20.10 ? 153 HOH A O   1 
HETATM 1080 O O   . HOH B 2 .   ? -6.110  13.236  -9.035  1.00 61.23 ? 154 HOH A O   1 
HETATM 1081 O O   . HOH B 2 .   ? 8.205   -11.937 9.129   1.00 35.23 ? 155 HOH A O   1 
HETATM 1082 O O   . HOH B 2 .   ? 14.227  2.616   7.432   1.00 25.85 ? 156 HOH A O   1 
HETATM 1083 O O   . HOH B 2 .   ? -1.261  -9.377  -9.227  1.00 42.22 ? 157 HOH A O   1 
HETATM 1084 O O   . HOH B 2 .   ? -1.011  -1.724  -4.142  1.00 18.36 ? 158 HOH A O   1 
HETATM 1085 O O   . HOH B 2 .   ? 4.470   1.969   1.772   1.00 26.52 ? 159 HOH A O   1 
HETATM 1086 O O   . HOH B 2 .   ? 1.857   -4.044  -15.418 1.00 18.01 ? 160 HOH A O   1 
HETATM 1087 O O   . HOH B 2 .   ? 2.263   4.072   1.529   1.00 19.06 ? 161 HOH A O   1 
HETATM 1088 O O   . HOH B 2 .   ? 1.059   -18.547 5.957   1.00 41.83 ? 162 HOH A O   1 
HETATM 1089 O O   . HOH B 2 .   ? -11.277 -3.770  7.352   1.00 24.74 ? 163 HOH A O   1 
HETATM 1090 O O   . HOH B 2 .   ? -4.972  -6.513  6.419   1.00 34.62 ? 164 HOH A O   1 
HETATM 1091 O O   . HOH B 2 .   ? 3.622   8.573   9.171   1.00 13.39 ? 165 HOH A O   1 
HETATM 1092 O O   . HOH B 2 .   ? 6.767   10.116  7.991   1.00 15.59 ? 166 HOH A O   1 
HETATM 1093 O O   . HOH B 2 .   ? 9.496   10.599  5.217   1.00 37.99 ? 167 HOH A O   1 
HETATM 1094 O O   . HOH B 2 .   ? 12.866  6.927   -4.941  1.00 29.93 ? 168 HOH A O   1 
HETATM 1095 O O   . HOH B 2 .   ? -3.218  1.399   -4.711  1.00 27.60 ? 169 HOH A O   1 
HETATM 1096 O O   . HOH B 2 .   ? 14.661  -6.000  4.108   1.00 23.42 ? 170 HOH A O   1 
HETATM 1097 O O   . HOH B 2 .   ? 14.251  -1.130  2.305   1.00 27.47 ? 171 HOH A O   1 
HETATM 1098 O O   . HOH B 2 .   ? -6.453  -11.671 -15.917 1.00 42.23 ? 172 HOH A O   1 
HETATM 1099 O O   . HOH B 2 .   ? -1.419  -1.544  -8.573  1.00 26.55 ? 173 HOH A O   1 
HETATM 1100 O O   . HOH B 2 .   ? 3.046   13.151  -7.426  1.00 34.84 ? 174 HOH A O   1 
HETATM 1101 O O   . HOH B 2 .   ? -15.509 15.302  -0.312  1.00 31.26 ? 175 HOH A O   1 
HETATM 1102 O O   . HOH B 2 .   ? -5.047  11.596  7.696   1.00 31.91 ? 176 HOH A O   1 
HETATM 1103 O O   . HOH B 2 .   ? -13.173 8.315   -6.008  1.00 29.80 ? 177 HOH A O   1 
HETATM 1104 O O   . HOH B 2 .   ? 2.157   -1.021  -7.081  1.00 55.14 ? 178 HOH A O   1 
HETATM 1105 O O   . HOH B 2 .   ? 12.896  -11.836 2.591   1.00 19.18 ? 179 HOH A O   1 
HETATM 1106 O O   . HOH B 2 .   ? -8.990  -8.210  6.612   1.00 28.56 ? 180 HOH A O   1 
HETATM 1107 O O   . HOH B 2 .   ? -4.329  13.974  -6.622  1.00 22.58 ? 181 HOH A O   1 
HETATM 1108 O O   . HOH B 2 .   ? 7.833   -9.825  -8.452  1.00 50.11 ? 182 HOH A O   1 
HETATM 1109 O O   . HOH B 2 .   ? 15.559  -5.209  7.513   1.00 36.52 ? 183 HOH A O   1 
# 
